data_1K09
#
_entry.id   1K09
#
loop_
_entity.id
_entity.type
_entity.pdbx_description
1 polymer 'Core Module I'
2 polymer 'Core Module II'
3 non-polymer '(7E)-4,9-dioxo-6-oxa-3,7,10-triazadodec-7-ene-1,12-dioic acid'
#
loop_
_entity_poly.entity_id
_entity_poly.type
_entity_poly.pdbx_seq_one_letter_code
_entity_poly.pdbx_strand_id
1 'polypeptide(L)' (MPT)KAKIIRYFYNAKDGL(ABA)QTFVYGGC(NH2) A
2 'polypeptide(L)' (MPT)KARIIRYFYNAKDGK(ABA)QTFVYGGC(NH2) B
#
loop_
_chem_comp.id
_chem_comp.type
_chem_comp.name
_chem_comp.formula
C55 non-polymer '(7E)-4,9-dioxo-6-oxa-3,7,10-triazadodec-7-ene-1,12-dioic acid' 'C8 H11 N3 O7'
MPT non-polymer 'BETA-MERCAPTOPROPIONIC ACID' 'C3 H6 O2 S'
NH2 non-polymer 'AMINO GROUP' 'H2 N'
#
# COMPACT_ATOMS: atom_id res chain seq x y z
CA MPT A 1 -7.30 -16.20 2.47
C MPT A 1 -6.69 -14.80 2.30
O MPT A 1 -5.54 -14.66 1.91
CB MPT A 1 -7.48 -16.87 1.11
SG MPT A 1 -5.92 -16.76 0.18
HA1 MPT A 1 -6.65 -16.81 3.06
HA2 MPT A 1 -8.27 -16.09 2.98
HB1 MPT A 1 -8.25 -16.36 0.56
HB2 MPT A 1 -7.74 -17.90 1.26
N LYS A 2 -7.44 -13.77 2.57
CA LYS A 2 -6.90 -12.39 2.41
C LYS A 2 -6.55 -12.14 0.94
N ALA A 3 -7.46 -11.57 0.20
CA ALA A 3 -7.18 -11.30 -1.24
C ALA A 3 -6.26 -10.10 -1.39
N LYS A 4 -5.16 -10.08 -0.69
CA LYS A 4 -4.21 -8.94 -0.79
C LYS A 4 -2.95 -9.23 0.02
N ILE A 5 -1.87 -9.54 -0.63
CA ILE A 5 -0.60 -9.84 0.11
C ILE A 5 -0.25 -8.67 1.04
N ILE A 6 0.95 -8.63 1.53
CA ILE A 6 1.34 -7.51 2.44
C ILE A 6 2.79 -7.08 2.18
N ARG A 7 3.01 -5.79 2.05
CA ARG A 7 4.39 -5.29 1.80
C ARG A 7 4.52 -3.86 2.31
N TYR A 8 4.87 -3.70 3.56
CA TYR A 8 5.01 -2.32 4.12
C TYR A 8 6.33 -2.14 4.88
N PHE A 9 6.55 -1.01 5.47
CA PHE A 9 7.82 -0.79 6.23
C PHE A 9 7.51 -0.17 7.59
N TYR A 10 6.30 -0.31 8.01
CA TYR A 10 5.88 0.25 9.34
C TYR A 10 6.33 1.70 9.51
N ASN A 11 5.86 2.34 10.55
CA ASN A 11 6.23 3.77 10.81
C ASN A 11 5.22 4.37 11.79
N ALA A 12 5.21 3.91 13.01
CA ALA A 12 4.23 4.45 14.01
C ALA A 12 4.16 5.98 13.94
N LYS A 13 4.77 6.68 14.86
CA LYS A 13 4.70 8.17 14.82
C LYS A 13 3.26 8.60 14.56
N ASP A 14 2.47 8.68 15.59
CA ASP A 14 1.04 9.07 15.43
C ASP A 14 0.25 7.90 14.83
N GLY A 15 0.91 6.79 14.58
CA GLY A 15 0.19 5.61 14.02
C GLY A 15 0.31 5.59 12.49
N LEU A 16 1.50 5.75 11.97
CA LEU A 16 1.68 5.71 10.49
C LEU A 16 2.37 4.41 10.09
N ABA A 17 2.45 4.13 8.82
CA ABA A 17 3.11 2.86 8.38
C ABA A 17 2.98 2.70 6.85
O ABA A 17 2.04 2.12 6.36
CB ABA A 17 2.34 1.74 9.09
CG ABA A 17 2.68 0.41 8.45
H ABA A 17 2.07 4.74 8.15
HA ABA A 17 4.14 2.85 8.66
HB3 ABA A 17 2.63 1.73 10.14
HB2 ABA A 17 1.28 1.93 9.01
HG1 ABA A 17 3.65 0.46 7.98
HG3 ABA A 17 2.70 -0.37 9.21
HG2 ABA A 17 1.93 0.16 7.71
N GLN A 18 3.93 3.19 6.11
CA GLN A 18 3.86 3.05 4.62
C GLN A 18 3.43 1.63 4.26
N THR A 19 2.20 1.45 3.90
CA THR A 19 1.71 0.08 3.56
C THR A 19 1.54 -0.10 2.04
N PHE A 20 2.62 -0.35 1.35
CA PHE A 20 2.52 -0.56 -0.12
C PHE A 20 2.27 -2.05 -0.38
N VAL A 21 1.04 -2.48 -0.35
CA VAL A 21 0.75 -3.92 -0.55
C VAL A 21 0.53 -4.25 -2.04
N TYR A 22 0.72 -5.48 -2.41
CA TYR A 22 0.52 -5.90 -3.82
C TYR A 22 -0.62 -6.92 -3.92
N GLY A 23 -1.41 -6.84 -4.96
CA GLY A 23 -2.54 -7.81 -5.09
C GLY A 23 -2.04 -9.23 -4.80
N GLY A 24 -2.93 -10.16 -4.65
CA GLY A 24 -2.50 -11.57 -4.36
C GLY A 24 -3.13 -12.03 -3.06
N CYS A 25 -3.59 -13.25 -3.00
CA CYS A 25 -4.21 -13.77 -1.74
C CYS A 25 -3.17 -13.83 -0.63
N NH2 A 26 -1.91 -14.02 -0.93
HN1 NH2 A 26 -1.65 -14.12 -1.88
HN2 NH2 A 26 -1.23 -14.06 -0.23
CA MPT B 1 2.90 -8.10 -15.87
C MPT B 1 3.01 -7.92 -14.36
O MPT B 1 2.18 -8.39 -13.60
CB MPT B 1 2.15 -6.91 -16.49
SG MPT B 1 0.96 -7.51 -17.71
HA1 MPT B 1 3.88 -8.13 -16.31
HA2 MPT B 1 2.36 -9.02 -16.08
HB1 MPT B 1 2.87 -6.26 -16.98
HB2 MPT B 1 1.64 -6.37 -15.71
N LYS B 2 4.03 -7.25 -13.90
CA LYS B 2 4.20 -7.04 -12.44
C LYS B 2 3.36 -5.84 -11.98
N ALA B 3 2.12 -5.78 -12.39
CA ALA B 3 1.26 -4.63 -11.98
C ALA B 3 0.21 -5.10 -10.98
N ARG B 4 -0.84 -4.34 -10.81
CA ARG B 4 -1.90 -4.72 -9.84
C ARG B 4 -1.35 -4.75 -8.42
N ILE B 5 -0.95 -3.62 -7.91
CA ILE B 5 -0.40 -3.58 -6.52
C ILE B 5 -1.22 -2.63 -5.65
N ILE B 6 -1.86 -3.14 -4.63
CA ILE B 6 -2.67 -2.25 -3.76
C ILE B 6 -1.74 -1.40 -2.89
N ARG B 7 -0.99 -0.55 -3.54
CA ARG B 7 -0.05 0.37 -2.81
C ARG B 7 -0.80 1.20 -1.77
N TYR B 8 -0.87 0.71 -0.55
CA TYR B 8 -1.58 1.46 0.53
C TYR B 8 -0.60 2.37 1.27
N PHE B 9 -1.09 3.20 2.15
CA PHE B 9 -0.19 4.10 2.92
C PHE B 9 -0.79 4.40 4.30
N TYR B 10 -0.86 3.41 5.15
CA TYR B 10 -1.43 3.64 6.51
C TYR B 10 -0.93 4.96 7.08
N ASN B 11 -1.75 5.98 7.06
CA ASN B 11 -1.31 7.30 7.61
C ASN B 11 -2.12 7.65 8.86
N ALA B 12 -1.46 8.02 9.92
CA ALA B 12 -2.19 8.37 11.17
C ALA B 12 -3.12 9.57 10.92
N LYS B 13 -3.92 9.92 11.90
CA LYS B 13 -4.84 11.07 11.71
C LYS B 13 -4.10 12.26 11.10
N ASP B 14 -2.80 12.32 11.30
CA ASP B 14 -2.02 13.46 10.74
C ASP B 14 -2.46 13.74 9.30
N GLY B 15 -2.92 12.73 8.60
CA GLY B 15 -3.37 12.95 7.19
C GLY B 15 -4.65 12.16 6.94
N LYS B 16 -4.57 11.08 6.21
CA LYS B 16 -5.79 10.27 5.94
C LYS B 16 -5.44 9.10 5.01
N ABA B 17 -4.76 8.11 5.52
CA ABA B 17 -4.39 6.93 4.68
C ABA B 17 -3.98 7.38 3.27
O ABA B 17 -3.68 8.54 3.04
CB ABA B 17 -5.64 6.05 4.63
CG ABA B 17 -6.71 6.72 3.74
H ABA B 17 -4.50 8.13 6.46
HA ABA B 17 -3.58 6.38 5.14
HB3 ABA B 17 -5.38 5.09 4.21
HB2 ABA B 17 -6.03 5.92 5.62
HG1 ABA B 17 -6.25 7.06 2.83
HG3 ABA B 17 -7.48 6.00 3.51
HG2 ABA B 17 -7.14 7.55 4.28
N GLN B 18 -3.98 6.49 2.33
CA GLN B 18 -3.58 6.86 0.94
C GLN B 18 -3.40 5.61 0.09
N THR B 19 -3.56 5.73 -1.21
CA THR B 19 -3.38 4.55 -2.10
C THR B 19 -3.19 5.01 -3.54
N PHE B 20 -2.05 4.71 -4.11
CA PHE B 20 -1.79 5.15 -5.53
C PHE B 20 -2.28 4.06 -6.50
N VAL B 21 -3.46 4.21 -7.05
CA VAL B 21 -3.96 3.17 -7.98
C VAL B 21 -3.50 3.46 -9.41
N TYR B 22 -2.88 2.51 -10.05
CA TYR B 22 -2.40 2.73 -11.44
C TYR B 22 -2.04 1.38 -12.09
N GLY B 23 -2.62 0.31 -11.63
CA GLY B 23 -2.30 -1.03 -12.21
C GLY B 23 -2.79 -1.08 -13.67
N GLY B 24 -2.04 -1.72 -14.53
CA GLY B 24 -2.46 -1.80 -15.95
C GLY B 24 -2.82 -3.25 -16.29
N CYS B 25 -2.24 -4.19 -15.59
CA CYS B 25 -2.55 -5.63 -15.87
C CYS B 25 -3.39 -6.21 -14.73
N NH2 B 26 -3.47 -7.51 -14.60
HN1 NH2 B 26 -3.00 -8.08 -15.24
HN2 NH2 B 26 -4.00 -7.90 -13.88
C1 C55 C . -8.65 7.71 7.49
C2 C55 C . -7.55 6.74 7.95
C3 C55 C . -6.95 4.43 7.54
C4 C55 C . -7.21 3.33 6.76
N1 C55 C . -7.69 5.45 7.21
O2 C55 C . -9.63 7.32 6.89
O3 C55 C . -6.12 4.44 8.44
CH C55 C . -4.21 -3.79 3.55
OI C55 C . -3.01 -3.69 3.67
CI C55 C . -5.16 -3.18 4.58
NJ C55 C . -5.14 -1.70 4.47
CK C55 C . -5.73 -0.97 5.38
OL C55 C . -6.30 -1.47 6.33
CL C55 C . -5.67 0.56 5.21
OM C55 C . -6.35 1.17 6.29
NM C55 C . -6.32 2.59 6.16
HC22 C55 C . -7.66 6.55 9.01
HC21 C55 C . -6.59 7.17 7.76
HC43 C55 C . -8.25 3.05 6.61
HN1 C55 C . -8.33 5.38 6.48
HI1 C55 C . -6.17 -3.55 4.40
HI2 C55 C . -4.85 -3.47 5.57
HNJ C55 C . -4.69 -1.27 3.72
HL1 C55 C . -4.64 0.89 5.21
HL2 C55 C . -6.14 0.83 4.28
CA MPT A 1 -2.49 -15.79 -11.32
C MPT A 1 -2.37 -15.72 -9.80
O MPT A 1 -1.35 -16.04 -9.22
CB MPT A 1 -2.17 -14.44 -11.95
SG MPT A 1 -0.57 -13.86 -11.34
HA1 MPT A 1 -1.78 -16.51 -11.70
HA2 MPT A 1 -3.50 -16.10 -11.58
HB1 MPT A 1 -2.94 -13.73 -11.67
HB2 MPT A 1 -2.14 -14.54 -13.03
N LYS A 2 -3.41 -15.28 -9.14
CA LYS A 2 -3.36 -15.18 -7.65
C LYS A 2 -2.04 -14.55 -7.21
N ALA A 3 -1.84 -13.30 -7.50
CA ALA A 3 -0.59 -12.62 -7.11
C ALA A 3 -0.87 -11.60 -6.01
N LYS A 4 -0.57 -10.38 -6.26
CA LYS A 4 -0.82 -9.31 -5.24
C LYS A 4 -0.20 -9.71 -3.90
N ILE A 5 0.90 -9.12 -3.54
CA ILE A 5 1.55 -9.46 -2.25
C ILE A 5 1.53 -8.24 -1.32
N ILE A 6 0.91 -8.35 -0.18
CA ILE A 6 0.86 -7.19 0.76
C ILE A 6 2.14 -7.13 1.61
N ARG A 7 2.42 -5.99 2.18
CA ARG A 7 3.64 -5.86 3.01
C ARG A 7 3.84 -4.40 3.44
N TYR A 8 3.53 -4.07 4.66
CA TYR A 8 3.69 -2.67 5.13
C TYR A 8 4.52 -2.61 6.41
N PHE A 9 4.75 -1.43 6.91
CA PHE A 9 5.56 -1.30 8.17
C PHE A 9 4.80 -0.44 9.18
N TYR A 10 4.36 -1.04 10.26
CA TYR A 10 3.61 -0.26 11.28
C TYR A 10 4.54 0.72 12.00
N ASN A 11 4.08 1.92 12.26
CA ASN A 11 4.93 2.91 12.96
C ASN A 11 4.07 3.79 13.88
N ALA A 12 3.62 3.25 14.97
CA ALA A 12 2.77 4.05 15.90
C ALA A 12 3.49 5.34 16.30
N LYS A 13 4.79 5.30 16.44
CA LYS A 13 5.54 6.53 16.82
C LYS A 13 5.09 7.69 15.93
N ASP A 14 5.62 7.79 14.76
CA ASP A 14 5.21 8.88 13.84
C ASP A 14 3.83 8.56 13.26
N GLY A 15 3.27 7.44 13.62
CA GLY A 15 1.93 7.07 13.08
C GLY A 15 2.01 6.94 11.56
N LEU A 16 3.11 6.48 11.04
CA LEU A 16 3.25 6.34 9.57
C LEU A 16 3.18 4.86 9.17
N ABA A 17 2.00 4.33 9.04
CA ABA A 17 1.86 2.89 8.65
C ABA A 17 2.05 2.72 7.15
O ABA A 17 1.20 2.23 6.45
CB ABA A 17 0.44 2.50 9.06
CG ABA A 17 0.24 0.99 8.85
H ABA A 17 1.19 4.87 9.20
HA ABA A 17 2.57 2.28 9.19
HB3 ABA A 17 0.29 2.74 10.10
HB2 ABA A 17 -0.27 3.04 8.45
HG1 ABA A 17 -0.01 0.81 7.82
HG3 ABA A 17 1.16 0.47 9.10
HG2 ABA A 17 -0.56 0.65 9.49
N GLN A 18 3.18 3.15 6.63
CA GLN A 18 3.42 3.02 5.17
C GLN A 18 3.16 1.58 4.71
N THR A 19 2.54 1.42 3.57
CA THR A 19 2.26 0.04 3.08
C THR A 19 2.65 -0.08 1.60
N PHE A 20 3.02 -1.26 1.17
CA PHE A 20 3.40 -1.45 -0.26
C PHE A 20 3.06 -2.86 -0.72
N VAL A 21 1.95 -3.02 -1.40
CA VAL A 21 1.57 -4.38 -1.89
C VAL A 21 1.97 -4.54 -3.35
N TYR A 22 1.21 -4.00 -4.25
CA TYR A 22 1.54 -4.12 -5.70
C TYR A 22 1.36 -5.57 -6.18
N GLY A 23 0.45 -5.79 -7.08
CA GLY A 23 0.22 -7.18 -7.58
C GLY A 23 0.73 -7.28 -9.02
N GLY A 24 1.89 -7.87 -9.21
CA GLY A 24 2.43 -8.01 -10.60
C GLY A 24 1.59 -9.02 -11.38
N CYS A 25 0.39 -8.66 -11.74
CA CYS A 25 -0.47 -9.61 -12.50
C CYS A 25 -1.85 -8.99 -12.74
N NH2 A 26 -2.66 -8.83 -11.74
HN1 NH2 A 26 -2.38 -9.10 -10.84
HN2 NH2 A 26 -3.55 -8.44 -11.87
CA MPT B 1 -1.05 -0.52 -19.51
C MPT B 1 -1.89 -1.53 -18.71
O MPT B 1 -3.06 -1.29 -18.43
CB MPT B 1 -1.45 0.90 -19.16
SG MPT B 1 -1.59 1.88 -20.68
HA1 MPT B 1 -0.01 -0.65 -19.25
HA2 MPT B 1 -1.19 -0.72 -20.58
HB1 MPT B 1 -0.70 1.34 -18.53
HB2 MPT B 1 -2.40 0.89 -18.64
N LYS B 2 -1.34 -2.64 -18.34
CA LYS B 2 -2.11 -3.65 -17.56
C LYS B 2 -1.40 -3.98 -16.25
N ALA B 3 -0.92 -2.98 -15.56
CA ALA B 3 -0.22 -3.24 -14.26
C ALA B 3 -1.12 -2.89 -13.09
N ARG B 4 -1.55 -3.86 -12.33
CA ARG B 4 -2.44 -3.57 -11.18
C ARG B 4 -1.63 -3.53 -9.88
N ILE B 5 -1.34 -2.35 -9.38
CA ILE B 5 -0.56 -2.25 -8.11
C ILE B 5 -1.45 -1.67 -7.01
N ILE B 6 -0.98 -1.63 -5.80
CA ILE B 6 -1.82 -1.07 -4.71
C ILE B 6 -1.01 -0.89 -3.43
N ARG B 7 -1.24 0.18 -2.71
CA ARG B 7 -0.47 0.40 -1.45
C ARG B 7 -1.05 1.61 -0.71
N TYR B 8 -0.99 1.57 0.60
CA TYR B 8 -1.53 2.72 1.41
C TYR B 8 -0.38 3.38 2.18
N PHE B 9 -0.09 4.62 1.90
CA PHE B 9 1.04 5.30 2.62
C PHE B 9 0.79 6.81 2.74
N TYR B 10 0.35 7.26 3.88
CA TYR B 10 0.12 8.73 4.05
C TYR B 10 1.09 9.30 5.10
N ASN B 11 0.71 9.23 6.35
CA ASN B 11 1.60 9.76 7.43
C ASN B 11 0.88 9.68 8.78
N ALA B 12 -0.41 9.86 8.79
CA ALA B 12 -1.17 9.78 10.08
C ALA B 12 -1.64 8.35 10.34
N LYS B 13 -1.39 7.83 11.50
CA LYS B 13 -1.82 6.44 11.82
C LYS B 13 -3.23 6.18 11.28
N ASP B 14 -4.24 6.66 11.96
CA ASP B 14 -5.63 6.43 11.49
C ASP B 14 -6.01 7.48 10.44
N GLY B 15 -5.05 8.19 9.92
CA GLY B 15 -5.36 9.23 8.89
C GLY B 15 -5.36 8.59 7.50
N LYS B 16 -5.49 7.29 7.43
CA LYS B 16 -5.50 6.60 6.11
C LYS B 16 -4.15 6.78 5.41
N ABA B 17 -3.67 5.75 4.78
CA ABA B 17 -2.35 5.84 4.07
C ABA B 17 -2.57 5.89 2.56
O ABA B 17 -3.30 5.08 2.01
CB ABA B 17 -1.62 4.56 4.47
CG ABA B 17 -1.65 4.41 6.00
H ABA B 17 -4.18 4.91 4.75
HA ABA B 17 -1.82 6.70 4.40
HB3 ABA B 17 -2.10 3.71 4.01
HB2 ABA B 17 -0.59 4.63 4.14
HG1 ABA B 17 -1.45 5.36 6.46
HG3 ABA B 17 -2.63 4.06 6.30
HG2 ABA B 17 -0.90 3.69 6.30
N GLN B 18 -1.95 6.84 1.90
CA GLN B 18 -2.09 6.99 0.40
C GLN B 18 -2.46 5.65 -0.24
N THR B 19 -3.72 5.34 -0.33
CA THR B 19 -4.14 4.05 -0.93
C THR B 19 -4.54 4.22 -2.39
N PHE B 20 -3.75 3.70 -3.30
CA PHE B 20 -4.11 3.82 -4.74
C PHE B 20 -3.93 2.48 -5.44
N VAL B 21 -4.95 2.03 -6.14
CA VAL B 21 -4.86 0.72 -6.84
C VAL B 21 -4.72 0.93 -8.35
N TYR B 22 -5.24 0.02 -9.13
CA TYR B 22 -5.16 0.13 -10.61
C TYR B 22 -3.78 0.64 -11.04
N GLY B 23 -3.64 1.06 -12.26
CA GLY B 23 -2.32 1.57 -12.73
C GLY B 23 -2.37 3.09 -12.87
N GLY B 24 -3.11 3.57 -13.83
CA GLY B 24 -3.20 5.05 -14.03
C GLY B 24 -2.74 5.40 -15.45
N CYS B 25 -3.25 4.71 -16.43
CA CYS B 25 -2.84 5.01 -17.83
C CYS B 25 -3.87 5.92 -18.51
N NH2 B 26 -3.62 7.18 -18.64
HN1 NH2 B 26 -2.78 7.56 -18.30
HN2 NH2 B 26 -4.28 7.77 -19.06
C1 C55 C . -7.78 1.90 2.73
C2 C55 C . -7.11 0.53 2.82
C3 C55 C . -7.49 -1.68 1.93
C4 C55 C . -8.39 -2.50 1.28
N1 C55 C . -7.95 -0.48 2.14
O2 C55 C . -8.80 2.05 2.10
O3 C55 C . -6.37 -2.06 2.26
CH C55 C . -6.73 -5.44 -6.28
OI C55 C . -7.00 -5.94 -7.36
CI C55 C . -7.71 -4.49 -5.59
NJ C55 C . -7.77 -4.81 -4.13
CK C55 C . -7.89 -3.85 -3.26
OL C55 C . -7.96 -2.68 -3.61
CL C55 C . -7.93 -4.24 -1.78
OM C55 C . -8.06 -3.07 -0.98
NM C55 C . -8.12 -3.42 0.39
HC22 C55 C . -6.99 0.26 3.86
HC21 C55 C . -6.14 0.58 2.35
HC43 C55 C . -9.44 -2.35 1.53
HN1 C55 C . -8.86 -0.26 1.84
HI1 C55 C . -7.38 -3.47 -5.72
HI2 C55 C . -8.70 -4.61 -6.02
HNJ C55 C . -7.71 -5.74 -3.84
HL1 C55 C . -8.79 -4.89 -1.60
HL2 C55 C . -7.02 -4.75 -1.51
CA MPT A 1 -6.99 -11.61 -7.94
C MPT A 1 -7.43 -12.63 -6.87
O MPT A 1 -8.55 -13.09 -6.88
CB MPT A 1 -6.03 -12.27 -8.93
SG MPT A 1 -5.01 -11.00 -9.72
HA1 MPT A 1 -7.84 -11.27 -8.49
HA2 MPT A 1 -6.49 -10.77 -7.44
HB1 MPT A 1 -6.60 -12.80 -9.67
HB2 MPT A 1 -5.39 -12.97 -8.39
N LYS A 2 -6.55 -12.97 -5.96
CA LYS A 2 -6.91 -13.95 -4.92
C LYS A 2 -6.56 -13.38 -3.55
N ALA A 3 -5.71 -14.05 -2.85
CA ALA A 3 -5.30 -13.57 -1.50
C ALA A 3 -4.29 -12.42 -1.63
N LYS A 4 -4.64 -11.42 -2.38
CA LYS A 4 -3.71 -10.25 -2.57
C LYS A 4 -2.96 -9.94 -1.27
N ILE A 5 -1.71 -10.32 -1.19
CA ILE A 5 -0.93 -10.06 0.04
C ILE A 5 -0.81 -8.54 0.29
N ILE A 6 -0.19 -8.16 1.38
CA ILE A 6 -0.04 -6.70 1.67
C ILE A 6 1.31 -6.44 2.35
N ARG A 7 2.22 -5.85 1.64
CA ARG A 7 3.56 -5.57 2.23
C ARG A 7 3.45 -4.46 3.29
N TYR A 8 4.17 -4.58 4.36
CA TYR A 8 4.10 -3.54 5.43
C TYR A 8 5.49 -2.93 5.65
N PHE A 9 5.54 -1.64 5.89
CA PHE A 9 6.86 -0.99 6.12
C PHE A 9 6.74 0.10 7.18
N TYR A 10 7.20 -0.17 8.37
CA TYR A 10 7.11 0.86 9.46
C TYR A 10 7.77 2.15 9.02
N ASN A 11 7.18 3.27 9.34
CA ASN A 11 7.78 4.58 8.95
C ASN A 11 7.40 5.66 9.96
N ALA A 12 8.24 5.88 10.94
CA ALA A 12 7.91 6.93 11.97
C ALA A 12 7.72 8.29 11.29
N LYS A 13 8.56 9.25 11.59
CA LYS A 13 8.40 10.60 10.97
C LYS A 13 6.95 11.07 11.14
N ASP A 14 6.63 11.59 12.28
CA ASP A 14 5.24 12.05 12.53
C ASP A 14 4.31 10.84 12.57
N GLY A 15 4.85 9.65 12.55
CA GLY A 15 4.00 8.42 12.60
C GLY A 15 3.28 8.26 11.25
N LEU A 16 3.84 7.50 10.36
CA LEU A 16 3.19 7.29 9.04
C LEU A 16 3.55 5.91 8.48
N ABA A 17 3.31 4.88 9.24
CA ABA A 17 3.64 3.50 8.75
C ABA A 17 3.21 3.35 7.29
O ABA A 17 2.05 3.27 6.97
CB ABA A 17 2.83 2.56 9.65
CG ABA A 17 3.64 1.30 9.92
H ABA A 17 2.92 5.00 10.13
HA ABA A 17 4.69 3.31 8.86
HB3 ABA A 17 2.62 3.05 10.59
HB2 ABA A 17 1.91 2.30 9.16
HG1 ABA A 17 2.97 0.45 10.03
HG3 ABA A 17 4.30 1.11 9.08
HG2 ABA A 17 4.22 1.41 10.82
N GLN A 18 4.16 3.29 6.39
CA GLN A 18 3.81 3.14 4.95
C GLN A 18 3.30 1.72 4.68
N THR A 19 2.31 1.59 3.83
CA THR A 19 1.78 0.23 3.53
C THR A 19 1.68 0.03 2.01
N PHE A 20 2.33 -0.98 1.50
CA PHE A 20 2.27 -1.23 0.02
C PHE A 20 1.65 -2.59 -0.25
N VAL A 21 0.75 -2.67 -1.19
CA VAL A 21 0.10 -3.97 -1.52
C VAL A 21 0.23 -4.27 -3.01
N TYR A 22 0.38 -5.51 -3.37
CA TYR A 22 0.51 -5.87 -4.81
C TYR A 22 -0.30 -7.13 -5.12
N GLY A 23 -1.21 -7.06 -6.04
CA GLY A 23 -2.03 -8.25 -6.38
C GLY A 23 -1.12 -9.38 -6.87
N GLY A 24 -1.67 -10.40 -7.45
CA GLY A 24 -0.83 -11.53 -7.95
C GLY A 24 -1.19 -11.85 -9.40
N CYS A 25 -1.04 -10.90 -10.28
CA CYS A 25 -1.37 -11.15 -11.71
C CYS A 25 -0.52 -10.26 -12.62
N NH2 A 26 -1.00 -9.15 -13.08
HN1 NH2 A 26 -1.91 -8.88 -12.84
HN2 NH2 A 26 -0.46 -8.57 -13.66
CA MPT B 1 -9.78 -4.60 -14.46
C MPT B 1 -9.38 -4.12 -13.06
O MPT B 1 -9.76 -4.70 -12.07
CB MPT B 1 -8.66 -5.45 -15.07
SG MPT B 1 -7.30 -4.38 -15.57
HA1 MPT B 1 -10.66 -5.21 -14.40
HA2 MPT B 1 -9.97 -3.73 -15.09
HB1 MPT B 1 -9.04 -5.98 -15.92
HB2 MPT B 1 -8.31 -6.16 -14.33
N LYS B 2 -8.62 -3.06 -12.98
CA LYS B 2 -8.20 -2.54 -11.65
C LYS B 2 -7.82 -3.69 -10.73
N ALA B 3 -7.30 -4.74 -11.28
CA ALA B 3 -6.89 -5.92 -10.46
C ALA B 3 -5.37 -6.03 -10.47
N ARG B 4 -4.69 -5.04 -9.97
CA ARG B 4 -3.20 -5.08 -9.97
C ARG B 4 -2.65 -4.73 -8.58
N ILE B 5 -1.64 -3.90 -8.52
CA ILE B 5 -1.06 -3.52 -7.20
C ILE B 5 -1.75 -2.27 -6.66
N ILE B 6 -1.83 -2.15 -5.36
CA ILE B 6 -2.49 -0.95 -4.77
C ILE B 6 -1.60 -0.33 -3.69
N ARG B 7 -1.20 0.90 -3.87
CA ARG B 7 -0.33 1.55 -2.85
C ARG B 7 -1.16 1.93 -1.61
N TYR B 8 -0.53 2.04 -0.48
CA TYR B 8 -1.28 2.41 0.76
C TYR B 8 -0.39 3.21 1.70
N PHE B 9 -0.97 3.95 2.60
CA PHE B 9 -0.14 4.76 3.55
C PHE B 9 -0.84 4.86 4.91
N TYR B 10 -0.75 3.84 5.72
CA TYR B 10 -1.42 3.89 7.05
C TYR B 10 -1.04 5.18 7.78
N ASN B 11 -1.97 6.09 7.90
CA ASN B 11 -1.67 7.36 8.61
C ASN B 11 -2.16 7.28 10.05
N ALA B 12 -2.33 8.41 10.69
CA ALA B 12 -2.81 8.41 12.10
C ALA B 12 -4.33 8.46 12.16
N LYS B 13 -4.89 8.74 13.31
CA LYS B 13 -6.37 8.80 13.41
C LYS B 13 -6.94 9.82 12.42
N ASP B 14 -8.04 9.52 11.81
CA ASP B 14 -8.63 10.48 10.82
C ASP B 14 -7.71 10.63 9.61
N GLY B 15 -6.71 9.79 9.53
CA GLY B 15 -5.77 9.88 8.37
C GLY B 15 -5.96 8.64 7.49
N LYS B 16 -7.09 8.50 6.88
CA LYS B 16 -7.35 7.31 6.01
C LYS B 16 -6.10 6.95 5.21
N ABA B 17 -5.66 5.73 5.31
CA ABA B 17 -4.44 5.30 4.56
C ABA B 17 -4.51 5.79 3.10
O ABA B 17 -5.34 5.33 2.33
CB ABA B 17 -4.45 3.78 4.61
CG ABA B 17 -4.60 3.32 6.07
H ABA B 17 -6.14 5.08 5.87
HA ABA B 17 -3.56 5.68 5.04
HB3 ABA B 17 -5.28 3.40 4.03
HB2 ABA B 17 -3.51 3.40 4.22
HG1 ABA B 17 -3.84 2.61 6.30
HG3 ABA B 17 -4.52 4.17 6.73
HG2 ABA B 17 -5.57 2.86 6.20
N GLN B 18 -3.65 6.69 2.73
CA GLN B 18 -3.67 7.19 1.33
C GLN B 18 -3.28 6.07 0.36
N THR B 19 -4.21 5.60 -0.43
CA THR B 19 -3.88 4.50 -1.38
C THR B 19 -3.78 5.04 -2.81
N PHE B 20 -2.97 4.42 -3.63
CA PHE B 20 -2.82 4.89 -5.03
C PHE B 20 -2.89 3.72 -6.00
N VAL B 21 -2.41 3.90 -7.21
CA VAL B 21 -2.44 2.78 -8.19
C VAL B 21 -1.05 2.57 -8.79
N TYR B 22 -0.80 1.40 -9.33
CA TYR B 22 0.53 1.12 -9.93
C TYR B 22 0.55 -0.29 -10.52
N GLY B 23 -0.42 -0.62 -11.34
CA GLY B 23 -0.46 -1.99 -11.94
C GLY B 23 -0.17 -1.91 -13.44
N GLY B 24 -0.87 -2.68 -14.22
CA GLY B 24 -0.63 -2.65 -15.70
C GLY B 24 -1.75 -3.44 -16.39
N CYS B 25 -2.03 -4.62 -15.92
CA CYS B 25 -3.12 -5.43 -16.54
C CYS B 25 -2.79 -5.70 -18.03
N NH2 B 26 -2.96 -4.73 -18.89
HN1 NH2 B 26 -3.29 -3.85 -18.59
HN2 NH2 B 26 -2.76 -4.89 -19.84
C1 C55 C . -11.35 3.70 2.43
C2 C55 C . -12.61 2.84 2.45
C3 C55 C . -13.09 0.53 1.92
C4 C55 C . -12.60 -0.75 1.95
N1 C55 C . -12.25 1.40 2.40
O2 C55 C . -10.46 3.48 1.62
O3 C55 C . -14.21 0.81 1.51
CH C55 C . -8.64 -6.95 0.68
OI C55 C . -8.14 -6.21 1.50
CI C55 C . -10.15 -7.02 0.48
NJ C55 C . -10.67 -5.66 0.17
CK C55 C . -11.39 -5.03 1.05
OL C55 C . -11.66 -5.52 2.13
CL C55 C . -11.91 -3.63 0.68
OM C55 C . -12.67 -3.11 1.74
NM C55 C . -13.15 -1.81 1.42
HC22 C55 C . -13.24 3.09 1.61
HC21 C55 C . -13.16 3.04 3.37
HC43 C55 C . -11.65 -0.90 2.44
HN1 C55 C . -11.37 1.10 2.71
HI1 C55 C . -10.37 -7.69 -0.34
HI2 C55 C . -10.62 -7.39 1.38
HNJ C55 C . -10.47 -5.25 -0.69
HL1 C55 C . -11.07 -2.98 0.48
HL2 C55 C . -12.53 -3.70 -0.21
CA MPT A 1 -3.89 -13.36 -11.09
C MPT A 1 -4.43 -13.32 -9.66
O MPT A 1 -5.30 -12.53 -9.33
CB MPT A 1 -5.04 -13.45 -12.07
SG MPT A 1 -4.89 -12.12 -13.30
HA1 MPT A 1 -3.34 -12.47 -11.30
HA2 MPT A 1 -3.24 -14.23 -11.19
HB1 MPT A 1 -5.98 -13.34 -11.55
HB2 MPT A 1 -5.03 -14.40 -12.57
N LYS A 2 -3.92 -14.16 -8.79
CA LYS A 2 -4.40 -14.16 -7.38
C LYS A 2 -3.23 -13.96 -6.41
N ALA A 3 -2.39 -12.99 -6.67
CA ALA A 3 -1.24 -12.74 -5.78
C ALA A 3 -1.48 -11.49 -4.92
N LYS A 4 -2.56 -11.46 -4.20
CA LYS A 4 -2.86 -10.28 -3.35
C LYS A 4 -2.18 -10.42 -1.97
N ILE A 5 -1.02 -9.85 -1.82
CA ILE A 5 -0.31 -9.96 -0.51
C ILE A 5 -0.20 -8.58 0.15
N ILE A 6 -0.97 -8.33 1.16
CA ILE A 6 -0.90 -7.00 1.85
C ILE A 6 0.34 -6.92 2.73
N ARG A 7 1.37 -6.27 2.27
CA ARG A 7 2.61 -6.15 3.08
C ARG A 7 2.89 -4.68 3.40
N TYR A 8 3.20 -4.38 4.64
CA TYR A 8 3.49 -2.98 5.02
C TYR A 8 4.59 -2.92 6.08
N PHE A 9 4.85 -1.77 6.63
CA PHE A 9 5.92 -1.65 7.66
C PHE A 9 5.57 -0.54 8.66
N TYR A 10 6.52 -0.11 9.44
CA TYR A 10 6.23 0.97 10.43
C TYR A 10 7.43 1.92 10.54
N ASN A 11 7.28 3.13 10.07
CA ASN A 11 8.40 4.10 10.15
C ASN A 11 8.21 5.04 11.34
N ALA A 12 8.57 4.60 12.52
CA ALA A 12 8.40 5.47 13.72
C ALA A 12 9.28 6.71 13.60
N LYS A 13 10.36 6.62 12.87
CA LYS A 13 11.25 7.80 12.71
C LYS A 13 10.42 9.01 12.30
N ASP A 14 10.09 9.12 11.05
CA ASP A 14 9.26 10.27 10.61
C ASP A 14 7.82 10.08 11.08
N GLY A 15 7.54 8.96 11.72
CA GLY A 15 6.16 8.71 12.21
C GLY A 15 5.19 8.65 11.03
N LEU A 16 5.45 7.79 10.08
CA LEU A 16 4.55 7.68 8.89
C LEU A 16 4.53 6.24 8.38
N ABA A 17 3.76 5.39 9.00
CA ABA A 17 3.70 3.96 8.54
C ABA A 17 3.44 3.92 7.03
O ABA A 17 2.90 4.83 6.45
CB ABA A 17 2.51 3.36 9.30
CG ABA A 17 2.42 1.87 8.98
H ABA A 17 3.23 5.68 9.76
HA ABA A 17 4.60 3.45 8.80
HB3 ABA A 17 2.67 3.49 10.37
HB2 ABA A 17 1.60 3.86 9.01
HG1 ABA A 17 2.76 1.69 7.98
HG3 ABA A 17 3.03 1.31 9.67
HG2 ABA A 17 1.39 1.55 9.08
N GLN A 18 3.84 2.85 6.40
CA GLN A 18 3.63 2.73 4.92
C GLN A 18 3.06 1.35 4.58
N THR A 19 2.13 1.29 3.67
CA THR A 19 1.54 -0.02 3.29
C THR A 19 1.73 -0.28 1.79
N PHE A 20 2.74 -1.01 1.42
CA PHE A 20 2.98 -1.29 -0.02
C PHE A 20 2.50 -2.70 -0.37
N VAL A 21 1.55 -2.81 -1.27
CA VAL A 21 1.04 -4.16 -1.64
C VAL A 21 1.44 -4.49 -3.08
N TYR A 22 1.26 -5.71 -3.49
CA TYR A 22 1.62 -6.10 -4.89
C TYR A 22 0.57 -7.05 -5.47
N GLY A 23 -0.16 -6.61 -6.46
CA GLY A 23 -1.20 -7.49 -7.06
C GLY A 23 -0.70 -8.03 -8.40
N GLY A 24 -1.57 -8.61 -9.18
CA GLY A 24 -1.15 -9.15 -10.50
C GLY A 24 -2.01 -8.57 -11.61
N CYS A 25 -3.30 -8.48 -11.38
CA CYS A 25 -4.20 -7.92 -12.42
C CYS A 25 -5.44 -7.31 -11.77
N NH2 A 26 -5.97 -6.23 -12.28
HN1 NH2 A 26 -5.56 -5.81 -13.08
HN2 NH2 A 26 -6.76 -5.82 -11.88
CA MPT B 1 -0.56 1.60 -17.34
C MPT B 1 0.11 0.22 -17.31
O MPT B 1 1.24 0.07 -16.93
CB MPT B 1 0.45 2.68 -16.97
SG MPT B 1 0.15 3.21 -15.27
HA1 MPT B 1 -0.91 1.82 -18.33
HA2 MPT B 1 -1.40 1.61 -16.65
HB1 MPT B 1 0.34 3.52 -17.64
HB2 MPT B 1 1.45 2.27 -17.05
N LYS B 2 -0.61 -0.80 -17.72
CA LYS B 2 -0.02 -2.17 -17.72
C LYS B 2 0.74 -2.41 -16.42
N ALA B 3 0.19 -1.99 -15.32
CA ALA B 3 0.88 -2.19 -14.01
C ALA B 3 0.12 -3.23 -13.17
N ARG B 4 0.43 -3.32 -11.91
CA ARG B 4 -0.27 -4.31 -11.03
C ARG B 4 0.29 -4.25 -9.61
N ILE B 5 0.42 -3.07 -9.07
CA ILE B 5 0.96 -2.94 -7.68
C ILE B 5 0.15 -1.92 -6.88
N ILE B 6 -0.77 -2.38 -6.07
CA ILE B 6 -1.59 -1.44 -5.27
C ILE B 6 -0.75 -0.78 -4.17
N ARG B 7 -0.60 0.51 -4.22
CA ARG B 7 0.22 1.20 -3.18
C ARG B 7 -0.69 1.75 -2.08
N TYR B 8 -0.47 1.33 -0.86
CA TYR B 8 -1.33 1.84 0.26
C TYR B 8 -0.49 2.67 1.23
N PHE B 9 -1.13 3.41 2.09
CA PHE B 9 -0.37 4.26 3.06
C PHE B 9 -1.16 4.40 4.37
N TYR B 10 -0.49 4.26 5.48
CA TYR B 10 -1.20 4.40 6.79
C TYR B 10 -0.67 5.62 7.55
N ASN B 11 -0.39 6.68 6.86
CA ASN B 11 0.12 7.90 7.54
C ASN B 11 -0.90 8.41 8.56
N ALA B 12 -0.88 9.68 8.85
CA ALA B 12 -1.86 10.23 9.83
C ALA B 12 -3.28 9.73 9.52
N LYS B 13 -3.96 9.23 10.50
CA LYS B 13 -5.34 8.72 10.26
C LYS B 13 -6.22 9.83 9.64
N ASP B 14 -5.80 11.06 9.76
CA ASP B 14 -6.59 12.17 9.17
C ASP B 14 -6.80 11.94 7.67
N GLY B 15 -5.89 11.24 7.04
CA GLY B 15 -6.04 11.00 5.58
C GLY B 15 -6.72 9.64 5.35
N LYS B 16 -7.31 9.09 6.38
CA LYS B 16 -7.99 7.78 6.23
C LYS B 16 -7.11 6.81 5.42
N ABA B 17 -5.87 6.71 5.77
CA ABA B 17 -4.97 5.79 5.02
C ABA B 17 -4.93 6.16 3.53
O ABA B 17 -5.88 5.93 2.81
CB ABA B 17 -5.58 4.40 5.22
CG ABA B 17 -4.54 3.33 4.83
H ABA B 17 -5.52 7.24 6.51
HA ABA B 17 -3.97 5.81 5.45
HB3 ABA B 17 -5.86 4.27 6.25
HB2 ABA B 17 -6.44 4.29 4.58
HG1 ABA B 17 -3.76 3.31 5.59
HG3 ABA B 17 -5.02 2.36 4.80
HG2 ABA B 17 -4.12 3.56 3.87
N GLN B 18 -3.85 6.74 3.09
CA GLN B 18 -3.76 7.13 1.65
C GLN B 18 -3.88 5.89 0.76
N THR B 19 -4.21 6.08 -0.50
CA THR B 19 -4.33 4.91 -1.42
C THR B 19 -3.90 5.30 -2.83
N PHE B 20 -3.47 4.35 -3.61
CA PHE B 20 -3.02 4.67 -4.99
C PHE B 20 -3.82 3.84 -6.01
N VAL B 21 -3.61 4.08 -7.27
CA VAL B 21 -4.35 3.30 -8.31
C VAL B 21 -3.39 2.82 -9.40
N TYR B 22 -2.56 1.87 -9.10
CA TYR B 22 -1.60 1.36 -10.13
C TYR B 22 -2.28 0.32 -11.01
N GLY B 23 -3.53 0.03 -10.76
CA GLY B 23 -4.25 -0.98 -11.60
C GLY B 23 -5.28 -0.27 -12.47
N GLY B 24 -5.20 1.03 -12.56
CA GLY B 24 -6.18 1.77 -13.40
C GLY B 24 -5.43 2.61 -14.44
N CYS B 25 -4.75 3.64 -14.01
CA CYS B 25 -4.00 4.50 -14.98
C CYS B 25 -4.90 4.87 -16.15
N NH2 B 26 -4.35 5.19 -17.30
HN1 NH2 B 26 -3.37 5.19 -17.40
HN2 NH2 B 26 -4.92 5.44 -18.07
C1 C55 C . -9.94 2.52 5.89
C2 C55 C . -9.12 1.48 5.10
C3 C55 C . -9.89 0.92 2.87
C4 C55 C . -10.81 0.17 2.16
N1 C55 C . -10.02 0.75 4.16
O2 C55 C . -10.74 2.18 6.74
O3 C55 C . -9.08 1.65 2.35
CH C55 C . -6.70 -5.58 -1.50
OI C55 C . -7.22 -4.93 -2.38
CI C55 C . -7.09 -5.38 -0.03
NJ C55 C . -8.33 -4.54 0.05
CK C55 C . -8.44 -3.65 0.99
OL C55 C . -7.57 -3.48 1.81
CL C55 C . -9.74 -2.82 1.02
OM C55 C . -9.69 -1.92 2.10
NM C55 C . -10.88 -1.13 2.15
HC22 C55 C . -8.67 0.78 5.79
HC21 C55 C . -8.35 1.99 4.54
HC43 C55 C . -11.52 0.70 1.57
HN1 C55 C . -10.70 0.15 4.51
HI1 C55 C . -7.28 -6.34 0.43
HI2 C55 C . -6.28 -4.88 0.48
HNJ C55 C . -9.03 -4.66 -0.61
HL1 C55 C . -9.84 -2.27 0.10
HL2 C55 C . -10.59 -3.49 1.13
CA MPT A 1 5.51 -13.26 -13.67
C MPT A 1 5.93 -12.22 -12.62
O MPT A 1 7.10 -11.94 -12.46
CB MPT A 1 4.28 -14.02 -13.19
SG MPT A 1 2.82 -13.45 -14.11
HA1 MPT A 1 5.26 -12.77 -14.59
HA2 MPT A 1 6.33 -13.95 -13.84
HB1 MPT A 1 4.12 -13.84 -12.13
HB2 MPT A 1 4.41 -15.08 -13.36
N LYS A 2 4.99 -11.68 -11.90
CA LYS A 2 5.34 -10.67 -10.86
C LYS A 2 4.45 -10.86 -9.62
N ALA A 3 4.76 -11.84 -8.82
CA ALA A 3 3.93 -12.07 -7.59
C ALA A 3 4.61 -11.44 -6.38
N LYS A 4 4.84 -10.16 -6.42
CA LYS A 4 5.49 -9.47 -5.26
C LYS A 4 4.85 -9.93 -3.95
N ILE A 5 5.37 -9.49 -2.84
CA ILE A 5 4.80 -9.90 -1.53
C ILE A 5 4.38 -8.67 -0.72
N ILE A 6 3.19 -8.69 -0.16
CA ILE A 6 2.73 -7.52 0.64
C ILE A 6 3.86 -7.02 1.53
N ARG A 7 3.87 -5.75 1.84
CA ARG A 7 4.96 -5.21 2.70
C ARG A 7 4.58 -3.85 3.27
N TYR A 8 4.34 -3.77 4.54
CA TYR A 8 3.97 -2.47 5.17
C TYR A 8 5.07 -2.05 6.14
N PHE A 9 5.13 -0.81 6.52
CA PHE A 9 6.20 -0.39 7.48
C PHE A 9 5.61 -0.03 8.83
N TYR A 10 4.55 -0.70 9.21
CA TYR A 10 3.86 -0.46 10.53
C TYR A 10 4.54 0.65 11.33
N ASN A 11 5.43 0.30 12.22
CA ASN A 11 6.13 1.32 13.04
C ASN A 11 5.10 2.18 13.79
N ALA A 12 4.68 1.74 14.95
CA ALA A 12 3.69 2.53 15.72
C ALA A 12 4.37 3.75 16.36
N LYS A 13 5.67 3.80 16.32
CA LYS A 13 6.38 4.96 16.91
C LYS A 13 5.82 6.26 16.33
N ASP A 14 6.17 6.57 15.11
CA ASP A 14 5.64 7.81 14.49
C ASP A 14 4.15 7.62 14.16
N GLY A 15 3.63 6.44 14.39
CA GLY A 15 2.19 6.19 14.09
C GLY A 15 2.01 5.98 12.59
N LEU A 16 2.47 4.87 12.08
CA LEU A 16 2.33 4.59 10.62
C LEU A 16 1.94 3.13 10.39
N ABA A 17 1.54 2.80 9.19
CA ABA A 17 1.16 1.39 8.90
C ABA A 17 0.68 1.26 7.45
O ABA A 17 -0.39 0.75 7.17
CB ABA A 17 0.01 1.07 9.86
CG ABA A 17 0.10 -0.40 10.29
H ABA A 17 1.51 3.48 8.48
HA ABA A 17 1.99 0.72 9.09
HB3 ABA A 17 0.09 1.71 10.73
HB2 ABA A 17 -0.93 1.25 9.37
HG1 ABA A 17 -0.09 -0.47 11.35
HG3 ABA A 17 -0.65 -0.97 9.76
HG2 ABA A 17 1.07 -0.78 10.06
N GLN A 18 1.47 1.71 6.52
CA GLN A 18 1.06 1.61 5.09
C GLN A 18 1.32 0.20 4.55
N THR A 19 0.47 -0.27 3.68
CA THR A 19 0.64 -1.62 3.10
C THR A 19 0.89 -1.51 1.59
N PHE A 20 2.14 -1.51 1.19
CA PHE A 20 2.44 -1.39 -0.26
C PHE A 20 2.66 -2.78 -0.87
N VAL A 21 1.95 -3.11 -1.91
CA VAL A 21 2.12 -4.45 -2.55
C VAL A 21 2.16 -4.32 -4.07
N TYR A 22 3.32 -4.35 -4.66
CA TYR A 22 3.41 -4.22 -6.14
C TYR A 22 3.73 -5.58 -6.78
N GLY A 23 2.82 -6.52 -6.70
CA GLY A 23 3.08 -7.86 -7.30
C GLY A 23 2.16 -8.07 -8.50
N GLY A 24 1.46 -9.17 -8.53
CA GLY A 24 0.55 -9.45 -9.67
C GLY A 24 0.96 -10.77 -10.34
N CYS A 25 0.19 -11.80 -10.15
CA CYS A 25 0.53 -13.11 -10.77
C CYS A 25 1.93 -13.55 -10.33
N NH2 A 26 2.29 -14.79 -10.46
HN1 NH2 A 26 1.66 -15.44 -10.84
HN2 NH2 A 26 3.18 -15.09 -10.19
CA MPT B 1 -4.83 -0.15 -15.82
C MPT B 1 -3.69 -0.97 -15.19
O MPT B 1 -3.92 -1.97 -14.57
CB MPT B 1 -4.79 -0.27 -17.33
SG MPT B 1 -5.96 -1.56 -17.86
HA1 MPT B 1 -5.77 -0.52 -15.48
HA2 MPT B 1 -4.72 0.90 -15.52
HB1 MPT B 1 -3.80 -0.53 -17.65
HB2 MPT B 1 -5.08 0.67 -17.77
N LYS B 2 -2.47 -0.52 -15.35
CA LYS B 2 -1.33 -1.27 -14.76
C LYS B 2 -1.16 -0.91 -13.29
N ALA B 3 -2.22 -0.99 -12.52
CA ALA B 3 -2.13 -0.63 -11.09
C ALA B 3 -1.96 -1.89 -10.22
N ARG B 4 -0.88 -2.59 -10.40
CA ARG B 4 -0.65 -3.82 -9.59
C ARG B 4 0.12 -3.47 -8.32
N ILE B 5 -0.10 -2.29 -7.80
CA ILE B 5 0.61 -1.87 -6.56
C ILE B 5 -0.38 -1.35 -5.52
N ILE B 6 -1.38 -2.14 -5.19
CA ILE B 6 -2.36 -1.68 -4.16
C ILE B 6 -1.60 -1.18 -2.93
N ARG B 7 -1.77 0.07 -2.59
CA ARG B 7 -1.06 0.62 -1.40
C ARG B 7 -2.04 1.32 -0.46
N TYR B 8 -1.72 1.38 0.80
CA TYR B 8 -2.63 2.04 1.78
C TYR B 8 -1.82 2.95 2.72
N PHE B 9 -1.38 4.08 2.24
CA PHE B 9 -0.59 4.99 3.11
C PHE B 9 -1.52 5.97 3.84
N TYR B 10 -1.39 6.06 5.14
CA TYR B 10 -2.26 6.99 5.91
C TYR B 10 -1.54 7.44 7.19
N ASN B 11 -0.35 7.95 7.06
CA ASN B 11 0.41 8.41 8.26
C ASN B 11 -0.37 9.52 8.98
N ALA B 12 0.30 10.49 9.52
CA ALA B 12 -0.40 11.59 10.23
C ALA B 12 -1.45 12.22 9.31
N LYS B 13 -2.62 12.47 9.82
CA LYS B 13 -3.69 13.10 8.97
C LYS B 13 -3.25 14.48 8.49
N ASP B 14 -2.33 14.52 7.56
CA ASP B 14 -1.85 15.83 7.04
C ASP B 14 -0.68 15.61 6.07
N GLY B 15 0.07 14.56 6.26
CA GLY B 15 1.21 14.29 5.35
C GLY B 15 0.69 14.01 3.94
N LYS B 16 0.46 12.77 3.61
CA LYS B 16 -0.05 12.44 2.25
C LYS B 16 -0.84 11.14 2.28
N ABA B 17 -2.02 11.14 1.70
CA ABA B 17 -2.85 9.89 1.71
C ABA B 17 -2.63 9.11 0.41
O ABA B 17 -3.04 9.53 -0.66
CB ABA B 17 -4.29 10.38 1.80
CG ABA B 17 -4.63 11.24 0.57
H ABA B 17 -2.36 11.95 1.28
HA ABA B 17 -2.60 9.28 2.56
HB3 ABA B 17 -4.95 9.53 1.84
HB2 ABA B 17 -4.41 10.98 2.69
HG1 ABA B 17 -5.33 10.71 -0.05
HG3 ABA B 17 -5.05 12.18 0.90
HG2 ABA B 17 -3.72 11.42 0.01
N GLN B 18 -1.97 7.98 0.49
CA GLN B 18 -1.73 7.18 -0.75
C GLN B 18 -2.40 5.81 -0.62
N THR B 19 -3.69 5.78 -0.42
CA THR B 19 -4.40 4.48 -0.29
C THR B 19 -5.32 4.29 -1.50
N PHE B 20 -4.79 3.76 -2.58
CA PHE B 20 -5.64 3.57 -3.80
C PHE B 20 -5.16 2.37 -4.62
N VAL B 21 -6.00 1.89 -5.50
CA VAL B 21 -5.61 0.73 -6.36
C VAL B 21 -6.36 0.80 -7.69
N TYR B 22 -5.68 1.10 -8.77
CA TYR B 22 -6.37 1.18 -10.09
C TYR B 22 -6.37 -0.19 -10.76
N GLY B 23 -5.98 -1.22 -10.04
CA GLY B 23 -5.95 -2.58 -10.64
C GLY B 23 -7.30 -2.89 -11.29
N GLY B 24 -7.37 -3.93 -12.06
CA GLY B 24 -8.66 -4.28 -12.73
C GLY B 24 -8.37 -5.00 -14.05
N CYS B 25 -7.25 -4.74 -14.66
CA CYS B 25 -6.92 -5.41 -15.94
C CYS B 25 -5.54 -6.05 -15.87
N NH2 B 26 -5.04 -6.64 -16.92
HN1 NH2 B 26 -5.56 -6.66 -17.75
HN2 NH2 B 26 -4.16 -7.06 -16.88
C1 C55 C . 4.00 8.43 -1.39
C2 C55 C . 5.29 8.03 -2.13
C3 C55 C . 6.08 6.02 -3.21
C4 C55 C . 6.00 4.64 -3.21
N1 C55 C . 5.33 6.56 -2.29
O2 C55 C . 2.90 8.17 -1.85
O3 C55 C . 6.79 6.65 -3.98
CH C55 C . 8.59 -2.93 -4.60
OI C55 C . 9.21 -3.13 -3.57
CI C55 C . 8.75 -1.61 -5.38
NJ C55 C . 8.69 -0.47 -4.42
CK C55 C . 7.93 0.56 -4.69
OL C55 C . 7.26 0.60 -5.71
CL C55 C . 7.92 1.71 -3.67
OM C55 C . 7.04 2.73 -4.14
NM C55 C . 7.00 3.81 -3.21
HC22 C55 C . 6.15 8.36 -1.57
HC21 C55 C . 5.30 8.50 -3.11
HC43 C55 C . 5.01 4.22 -3.22
HN1 C55 C . 4.79 5.98 -1.71
HI1 C55 C . 9.70 -1.61 -5.88
HI2 C55 C . 7.95 -1.52 -6.10
HNJ C55 C . 9.22 -0.49 -3.60
HL1 C55 C . 7.57 1.34 -2.72
HL2 C55 C . 8.91 2.12 -3.57
CA MPT A 1 0.59 -18.86 -3.21
C MPT A 1 0.46 -17.40 -2.74
O MPT A 1 1.42 -16.68 -2.65
CB MPT A 1 1.55 -18.95 -4.40
SG MPT A 1 0.60 -18.83 -5.94
HA1 MPT A 1 1.01 -19.46 -2.42
HA2 MPT A 1 -0.38 -19.24 -3.49
HB1 MPT A 1 2.08 -19.88 -4.37
HB2 MPT A 1 2.26 -18.13 -4.36
N LYS A 2 -0.74 -16.98 -2.45
CA LYS A 2 -0.95 -15.58 -2.00
C LYS A 2 -0.52 -14.59 -3.09
N ALA A 3 -1.41 -14.30 -4.00
CA ALA A 3 -1.06 -13.35 -5.10
C ALA A 3 -1.19 -11.91 -4.62
N LYS A 4 -0.63 -11.60 -3.48
CA LYS A 4 -0.74 -10.20 -2.96
C LYS A 4 0.27 -9.99 -1.82
N ILE A 5 1.54 -9.95 -2.13
CA ILE A 5 2.56 -9.75 -1.06
C ILE A 5 2.20 -8.53 -0.20
N ILE A 6 2.16 -8.70 1.09
CA ILE A 6 1.81 -7.56 1.98
C ILE A 6 3.08 -6.92 2.54
N ARG A 7 3.76 -6.13 1.76
CA ARG A 7 5.01 -5.46 2.25
C ARG A 7 4.68 -4.07 2.81
N TYR A 8 4.61 -3.94 4.10
CA TYR A 8 4.31 -2.61 4.70
C TYR A 8 5.26 -2.32 5.87
N PHE A 9 5.15 -1.16 6.45
CA PHE A 9 6.05 -0.81 7.60
C PHE A 9 5.24 -0.20 8.74
N TYR A 10 4.48 -1.00 9.43
CA TYR A 10 3.66 -0.46 10.56
C TYR A 10 4.54 0.37 11.50
N ASN A 11 3.98 1.38 12.10
CA ASN A 11 4.78 2.23 13.03
C ASN A 11 3.83 3.10 13.88
N ALA A 12 3.21 2.51 14.87
CA ALA A 12 2.29 3.30 15.73
C ALA A 12 3.02 4.49 16.34
N LYS A 13 4.29 4.35 16.60
CA LYS A 13 5.07 5.49 17.19
C LYS A 13 4.82 6.75 16.37
N ASP A 14 5.36 6.80 15.19
CA ASP A 14 5.14 7.99 14.32
C ASP A 14 3.78 7.86 13.62
N GLY A 15 3.09 6.77 13.84
CA GLY A 15 1.76 6.59 13.20
C GLY A 15 1.95 6.38 11.69
N LEU A 16 3.16 6.12 11.27
CA LEU A 16 3.41 5.92 9.81
C LEU A 16 3.26 4.43 9.47
N ABA A 17 2.28 4.08 8.67
CA ABA A 17 2.09 2.65 8.30
C ABA A 17 2.08 2.50 6.78
O ABA A 17 1.05 2.27 6.17
CB ABA A 17 0.73 2.28 8.88
CG ABA A 17 0.60 0.75 8.92
H ABA A 17 1.68 4.77 8.32
HA ABA A 17 2.87 2.05 8.74
HB3 ABA A 17 0.64 2.67 9.89
HB2 ABA A 17 -0.06 2.69 8.27
HG1 ABA A 17 1.56 0.30 8.82
HG3 ABA A 17 0.16 0.46 9.87
HG2 ABA A 17 -0.04 0.43 8.12
N GLN A 18 3.21 2.61 6.15
CA GLN A 18 3.28 2.46 4.67
C GLN A 18 2.82 1.07 4.26
N THR A 19 1.65 0.96 3.68
CA THR A 19 1.14 -0.39 3.26
C THR A 19 1.31 -0.57 1.75
N PHE A 20 2.44 -1.09 1.33
CA PHE A 20 2.66 -1.29 -0.13
C PHE A 20 2.26 -2.71 -0.53
N VAL A 21 1.34 -2.85 -1.44
CA VAL A 21 0.91 -4.22 -1.87
C VAL A 21 1.24 -4.44 -3.35
N TYR A 22 1.27 -5.68 -3.78
CA TYR A 22 1.58 -5.96 -5.21
C TYR A 22 1.24 -7.41 -5.54
N GLY A 23 1.40 -7.81 -6.78
CA GLY A 23 1.09 -9.21 -7.17
C GLY A 23 2.40 -9.96 -7.43
N GLY A 24 2.50 -11.17 -6.96
CA GLY A 24 3.75 -11.96 -7.19
C GLY A 24 3.42 -13.23 -7.98
N CYS A 25 2.68 -14.12 -7.39
CA CYS A 25 2.32 -15.39 -8.11
C CYS A 25 1.52 -15.08 -9.37
N NH2 A 26 0.49 -14.29 -9.29
HN1 NH2 A 26 0.22 -13.90 -8.43
HN2 NH2 A 26 -0.03 -14.09 -10.10
CA MPT B 1 -10.55 -7.66 -2.82
C MPT B 1 -9.92 -8.03 -4.17
O MPT B 1 -10.17 -7.40 -5.18
CB MPT B 1 -9.72 -6.59 -2.13
SG MPT B 1 -10.52 -4.98 -2.34
HA1 MPT B 1 -11.54 -7.27 -2.98
HA2 MPT B 1 -10.62 -8.56 -2.20
HB1 MPT B 1 -8.73 -6.57 -2.56
HB2 MPT B 1 -9.65 -6.82 -1.08
N LYS B 2 -9.09 -9.04 -4.19
CA LYS B 2 -8.43 -9.44 -5.47
C LYS B 2 -7.83 -8.22 -6.17
N ALA B 3 -6.95 -7.52 -5.51
CA ALA B 3 -6.32 -6.32 -6.13
C ALA B 3 -5.15 -6.74 -7.02
N ARG B 4 -4.30 -5.80 -7.37
CA ARG B 4 -3.13 -6.14 -8.22
C ARG B 4 -1.89 -5.37 -7.76
N ILE B 5 -1.96 -4.08 -7.79
CA ILE B 5 -0.80 -3.25 -7.36
C ILE B 5 -1.29 -1.99 -6.64
N ILE B 6 -1.70 -2.12 -5.42
CA ILE B 6 -2.18 -0.94 -4.65
C ILE B 6 -1.20 -0.58 -3.54
N ARG B 7 -1.41 0.51 -2.86
CA ARG B 7 -0.47 0.89 -1.77
C ARG B 7 -1.10 1.99 -0.89
N TYR B 8 -1.39 1.67 0.35
CA TYR B 8 -2.00 2.69 1.25
C TYR B 8 -0.92 3.25 2.19
N PHE B 9 -0.74 4.54 2.21
CA PHE B 9 0.31 5.13 3.11
C PHE B 9 -0.07 6.55 3.54
N TYR B 10 -0.70 6.69 4.68
CA TYR B 10 -1.08 8.06 5.14
C TYR B 10 0.16 8.78 5.68
N ASN B 11 0.43 8.57 6.96
CA ASN B 11 1.59 9.21 7.64
C ASN B 11 1.36 9.16 9.15
N ALA B 12 0.60 10.09 9.67
CA ALA B 12 0.32 10.10 11.14
C ALA B 12 -0.97 9.33 11.47
N LYS B 13 -1.58 9.64 12.57
CA LYS B 13 -2.85 8.94 12.97
C LYS B 13 -2.79 7.44 12.67
N ASP B 14 -3.92 6.83 12.42
CA ASP B 14 -3.95 5.38 12.13
C ASP B 14 -3.15 5.04 10.87
N GLY B 15 -2.75 6.03 10.13
CA GLY B 15 -1.96 5.76 8.89
C GLY B 15 -2.87 5.21 7.79
N LYS B 16 -3.74 6.02 7.24
CA LYS B 16 -4.64 5.52 6.15
C LYS B 16 -4.84 6.59 5.07
N ABA B 17 -3.85 6.84 4.26
CA ABA B 17 -3.97 7.88 3.20
C ABA B 17 -2.95 7.61 2.08
O ABA B 17 -2.22 6.65 2.12
CB ABA B 17 -3.69 9.22 3.89
CG ABA B 17 -4.88 10.17 3.65
H ABA B 17 -3.00 6.34 4.36
HA ABA B 17 -4.94 7.88 2.80
HB3 ABA B 17 -3.55 9.07 4.94
HB2 ABA B 17 -2.80 9.67 3.46
HG1 ABA B 17 -4.74 10.69 2.72
HG3 ABA B 17 -5.79 9.58 3.61
HG2 ABA B 17 -4.93 10.87 4.46
N GLN B 18 -2.92 8.45 1.08
CA GLN B 18 -1.97 8.22 -0.03
C GLN B 18 -2.15 6.81 -0.57
N THR B 19 -3.29 6.54 -1.16
CA THR B 19 -3.54 5.17 -1.70
C THR B 19 -3.41 5.16 -3.22
N PHE B 20 -2.89 4.10 -3.77
CA PHE B 20 -2.73 4.03 -5.26
C PHE B 20 -3.82 3.14 -5.85
N VAL B 21 -4.58 3.66 -6.77
CA VAL B 21 -5.66 2.84 -7.39
C VAL B 21 -5.13 2.11 -8.63
N TYR B 22 -5.30 0.81 -8.68
CA TYR B 22 -4.81 0.04 -9.86
C TYR B 22 -5.41 -1.36 -9.87
N GLY B 23 -5.40 -2.03 -8.74
CA GLY B 23 -5.96 -3.40 -8.68
C GLY B 23 -7.41 -3.38 -9.17
N GLY B 24 -8.29 -2.80 -8.41
CA GLY B 24 -9.73 -2.74 -8.84
C GLY B 24 -10.55 -3.72 -8.00
N CYS B 25 -11.32 -3.21 -7.07
CA CYS B 25 -12.14 -4.11 -6.22
C CYS B 25 -13.64 -3.87 -6.48
N NH2 B 26 -14.44 -4.89 -6.53
HN1 NH2 B 26 -14.10 -5.80 -6.40
HN2 NH2 B 26 -15.40 -4.76 -6.70
C1 C55 C . -7.52 0.54 9.18
C2 C55 C . -6.72 -0.76 9.24
C3 C55 C . -4.62 -0.78 8.04
C4 C55 C . -4.04 -0.97 6.79
N1 C55 C . -5.92 -0.91 8.00
O2 C55 C . -8.73 0.56 9.28
O3 C55 C . -3.98 -0.54 9.04
CH C55 C . -4.72 -7.01 1.17
OI C55 C . -4.04 -7.66 1.94
CI C55 C . -5.35 -5.69 1.60
NJ C55 C . -4.91 -5.35 2.98
CK C55 C . -4.74 -4.10 3.32
OL C55 C . -4.95 -3.20 2.52
CL C55 C . -4.29 -3.81 4.75
OM C55 C . -4.16 -2.40 4.93
NM C55 C . -3.74 -2.10 6.25
HC22 C55 C . -7.40 -1.59 9.34
HC21 C55 C . -6.06 -0.73 10.10
HC43 C55 C . -3.83 -0.08 6.22
HN1 C55 C . -6.37 -1.11 7.14
HI1 C55 C . -5.05 -4.92 0.92
HI2 C55 C . -6.43 -5.79 1.57
HNJ C55 C . -4.74 -6.05 3.63
HL1 C55 C . -5.01 -4.19 5.45
HL2 C55 C . -3.33 -4.28 4.93
CA MPT A 1 -9.38 -13.55 -6.95
C MPT A 1 -9.00 -13.11 -5.54
O MPT A 1 -9.35 -12.03 -5.10
CB MPT A 1 -8.14 -13.99 -7.73
SG MPT A 1 -7.79 -12.79 -9.02
HA1 MPT A 1 -10.05 -14.39 -6.90
HA2 MPT A 1 -9.88 -12.73 -7.46
HB1 MPT A 1 -8.31 -14.96 -8.16
HB2 MPT A 1 -7.30 -14.04 -7.04
N LYS A 2 -8.27 -13.93 -4.82
CA LYS A 2 -7.86 -13.55 -3.45
C LYS A 2 -6.34 -13.43 -3.36
N ALA A 3 -5.75 -12.69 -4.25
CA ALA A 3 -4.26 -12.52 -4.23
C ALA A 3 -3.90 -11.11 -3.78
N LYS A 4 -4.48 -10.64 -2.72
CA LYS A 4 -4.17 -9.26 -2.24
C LYS A 4 -3.16 -9.32 -1.08
N ILE A 5 -2.00 -9.86 -1.34
CA ILE A 5 -0.97 -9.95 -0.25
C ILE A 5 -0.86 -8.61 0.48
N ILE A 6 -0.08 -8.57 1.53
CA ILE A 6 0.06 -7.29 2.30
C ILE A 6 1.49 -7.14 2.82
N ARG A 7 2.20 -6.15 2.35
CA ARG A 7 3.61 -5.96 2.82
C ARG A 7 3.82 -4.50 3.25
N TYR A 8 4.00 -4.27 4.53
CA TYR A 8 4.21 -2.87 5.00
C TYR A 8 5.43 -2.81 5.92
N PHE A 9 5.78 -1.64 6.37
CA PHE A 9 6.97 -1.51 7.27
C PHE A 9 6.74 -0.37 8.28
N TYR A 10 6.16 -0.70 9.41
CA TYR A 10 5.91 0.36 10.44
C TYR A 10 7.12 1.29 10.56
N ASN A 11 7.01 2.49 10.06
CA ASN A 11 8.16 3.44 10.15
C ASN A 11 7.87 4.51 11.20
N ALA A 12 8.36 4.33 12.39
CA ALA A 12 8.12 5.33 13.47
C ALA A 12 9.00 6.57 13.24
N LYS A 13 10.11 6.41 12.59
CA LYS A 13 11.01 7.57 12.34
C LYS A 13 10.19 8.71 11.72
N ASP A 14 9.85 8.59 10.47
CA ASP A 14 9.04 9.65 9.81
C ASP A 14 7.57 9.49 10.22
N GLY A 15 7.28 8.50 11.03
CA GLY A 15 5.86 8.30 11.46
C GLY A 15 4.98 8.08 10.22
N LEU A 16 5.24 7.04 9.47
CA LEU A 16 4.43 6.78 8.25
C LEU A 16 4.21 5.27 8.07
N ABA A 17 3.03 4.80 8.35
CA ABA A 17 2.75 3.34 8.20
C ABA A 17 2.82 2.96 6.71
O ABA A 17 1.84 2.50 6.14
CB ABA A 17 1.34 3.14 8.74
CG ABA A 17 1.21 1.72 9.29
H ABA A 17 2.31 5.41 8.65
HA ABA A 17 3.46 2.77 8.76
HB3 ABA A 17 1.16 3.86 9.55
HB2 ABA A 17 0.62 3.29 7.96
HG1 ABA A 17 0.22 1.58 9.70
HG3 ABA A 17 1.36 1.01 8.49
HG2 ABA A 17 1.95 1.56 10.06
N GLN A 18 3.94 3.15 6.09
CA GLN A 18 4.07 2.81 4.65
C GLN A 18 3.70 1.34 4.41
N THR A 19 2.52 1.09 3.92
CA THR A 19 2.10 -0.32 3.67
C THR A 19 1.86 -0.52 2.16
N PHE A 20 2.87 -0.91 1.43
CA PHE A 20 2.71 -1.11 -0.03
C PHE A 20 2.27 -2.56 -0.32
N VAL A 21 1.18 -2.73 -1.00
CA VAL A 21 0.69 -4.11 -1.32
C VAL A 21 0.58 -4.30 -2.83
N TYR A 22 0.59 -5.52 -3.29
CA TYR A 22 0.48 -5.78 -4.75
C TYR A 22 -0.83 -6.49 -5.06
N GLY A 23 -1.73 -5.84 -5.74
CA GLY A 23 -3.03 -6.48 -6.07
C GLY A 23 -2.78 -7.72 -6.94
N GLY A 24 -3.12 -7.66 -8.19
CA GLY A 24 -2.91 -8.84 -9.08
C GLY A 24 -4.25 -9.28 -9.68
N CYS A 25 -5.32 -8.78 -9.16
CA CYS A 25 -6.66 -9.18 -9.69
C CYS A 25 -7.42 -7.94 -10.18
N NH2 A 26 -7.70 -7.81 -11.45
HN1 NH2 A 26 -7.42 -8.51 -12.08
HN2 NH2 A 26 -8.18 -7.02 -11.77
CA MPT B 1 -9.59 -3.62 -15.13
C MPT B 1 -8.05 -3.64 -15.09
O MPT B 1 -7.40 -2.61 -15.13
CB MPT B 1 -10.15 -3.98 -13.75
SG MPT B 1 -9.65 -2.70 -12.56
HA1 MPT B 1 -9.93 -2.64 -15.38
HA2 MPT B 1 -9.93 -4.34 -15.88
HB1 MPT B 1 -9.75 -4.94 -13.45
HB2 MPT B 1 -11.22 -4.02 -13.81
N LYS B 2 -7.46 -4.81 -15.02
CA LYS B 2 -5.98 -4.89 -14.98
C LYS B 2 -5.42 -4.04 -13.83
N ALA B 3 -5.72 -4.41 -12.61
CA ALA B 3 -5.22 -3.63 -11.45
C ALA B 3 -3.69 -3.58 -11.46
N ARG B 4 -3.09 -3.17 -10.38
CA ARG B 4 -1.60 -3.10 -10.33
C ARG B 4 -1.11 -3.21 -8.88
N ILE B 5 0.02 -2.64 -8.58
CA ILE B 5 0.55 -2.72 -7.19
C ILE B 5 -0.10 -1.63 -6.32
N ILE B 6 -1.24 -1.91 -5.75
CA ILE B 6 -1.91 -0.89 -4.91
C ILE B 6 -0.96 -0.39 -3.82
N ARG B 7 -0.88 0.89 -3.63
CA ARG B 7 0.04 1.44 -2.59
C ARG B 7 -0.75 1.84 -1.34
N TYR B 8 -0.81 0.99 -0.36
CA TYR B 8 -1.56 1.32 0.88
C TYR B 8 -0.72 2.22 1.78
N PHE B 9 -0.39 3.41 1.32
CA PHE B 9 0.43 4.33 2.16
C PHE B 9 -0.48 5.19 3.03
N TYR B 10 -0.36 5.09 4.32
CA TYR B 10 -1.23 5.92 5.22
C TYR B 10 -0.37 6.74 6.18
N ASN B 11 -0.82 7.93 6.52
CA ASN B 11 -0.04 8.78 7.45
C ASN B 11 -0.91 9.13 8.67
N ALA B 12 -0.61 10.19 9.35
CA ALA B 12 -1.41 10.57 10.54
C ALA B 12 -2.57 11.48 10.14
N LYS B 13 -2.90 12.44 10.96
CA LYS B 13 -4.02 13.37 10.62
C LYS B 13 -5.24 12.57 10.16
N ASP B 14 -5.33 11.33 10.54
CA ASP B 14 -6.50 10.51 10.11
C ASP B 14 -6.80 10.77 8.63
N GLY B 15 -5.84 10.56 7.78
CA GLY B 15 -6.08 10.80 6.32
C GLY B 15 -6.82 9.61 5.70
N LYS B 16 -7.85 9.13 6.35
CA LYS B 16 -8.64 7.98 5.82
C LYS B 16 -7.75 7.00 5.04
N ABA B 17 -6.55 6.77 5.51
CA ABA B 17 -5.64 5.83 4.80
C ABA B 17 -5.41 6.31 3.36
O ABA B 17 -6.33 6.45 2.59
CB ABA B 17 -6.36 4.49 4.81
CG ABA B 17 -5.86 3.66 6.01
H ABA B 17 -6.27 7.22 6.33
HA ABA B 17 -4.69 5.76 5.33
HB3 ABA B 17 -7.42 4.65 4.90
HB2 ABA B 17 -6.14 3.96 3.90
HG1 ABA B 17 -6.46 2.77 6.10
HG3 ABA B 17 -4.83 3.40 5.86
HG2 ABA B 17 -5.97 4.24 6.91
N GLN B 18 -4.17 6.53 2.98
CA GLN B 18 -3.89 6.97 1.59
C GLN B 18 -3.52 5.78 0.71
N THR B 19 -4.49 5.04 0.25
CA THR B 19 -4.19 3.87 -0.61
C THR B 19 -4.55 4.16 -2.07
N PHE B 20 -3.61 3.99 -2.95
CA PHE B 20 -3.89 4.27 -4.40
C PHE B 20 -3.03 3.37 -5.29
N VAL B 21 -3.49 3.10 -6.49
CA VAL B 21 -2.70 2.23 -7.41
C VAL B 21 -2.27 3.02 -8.65
N TYR B 22 -1.66 2.37 -9.60
CA TYR B 22 -1.22 3.09 -10.83
C TYR B 22 -1.36 2.18 -12.05
N GLY B 23 -2.19 1.18 -11.96
CA GLY B 23 -2.37 0.26 -13.12
C GLY B 23 -3.05 1.00 -14.27
N GLY B 24 -4.15 1.64 -14.00
CA GLY B 24 -4.87 2.39 -15.08
C GLY B 24 -6.20 1.72 -15.38
N CYS B 25 -6.96 1.43 -14.36
CA CYS B 25 -8.28 0.77 -14.59
C CYS B 25 -9.36 1.82 -14.86
N NH2 B 26 -9.80 2.56 -13.88
HN1 NH2 B 26 -9.43 2.44 -12.97
HN2 NH2 B 26 -10.49 3.24 -14.04
C1 C55 C . -9.37 6.07 1.13
C2 C55 C . -10.15 4.75 1.11
C3 C55 C . -10.10 2.75 2.47
C4 C55 C . -9.92 2.28 3.76
N1 C55 C . -10.00 4.05 2.41
O2 C55 C . -8.17 6.08 0.98
O3 C55 C . -10.33 2.03 1.52
CH C55 C . -8.41 -4.79 1.26
OI C55 C . -8.60 -4.14 0.25
CI C55 C . -9.41 -4.76 2.41
NJ C55 C . -9.15 -3.57 3.28
CK C55 C . -9.55 -2.39 2.89
OL C55 C . -10.13 -2.23 1.84
CL C55 C . -9.25 -1.21 3.82
OM C55 C . -9.75 -0.02 3.24
NM C55 C . -9.48 1.09 4.08
HC22 C55 C . -9.79 4.12 0.31
HC21 C55 C . -11.20 4.96 0.94
HC43 C55 C . -10.17 2.95 4.56
HN1 C55 C . -9.81 4.57 3.22
HI1 C55 C . -10.41 -4.71 2.01
HI2 C55 C . -9.31 -5.66 3.00
HNJ C55 C . -8.68 -3.68 4.13
HL1 C55 C . -9.73 -1.38 4.78
HL2 C55 C . -8.18 -1.13 3.96
CA MPT A 1 -8.46 -13.56 -4.23
C MPT A 1 -7.80 -12.72 -3.14
O MPT A 1 -8.21 -11.60 -2.88
CB MPT A 1 -8.19 -12.95 -5.61
SG MPT A 1 -9.34 -13.65 -6.81
HA1 MPT A 1 -8.04 -14.55 -4.23
HA2 MPT A 1 -9.53 -13.61 -4.05
HB1 MPT A 1 -7.18 -13.17 -5.90
HB2 MPT A 1 -8.33 -11.88 -5.55
N LYS A 2 -6.78 -13.23 -2.51
CA LYS A 2 -6.09 -12.45 -1.44
C LYS A 2 -4.61 -12.82 -1.39
N ALA A 3 -3.95 -12.83 -2.52
CA ALA A 3 -2.50 -13.17 -2.54
C ALA A 3 -1.67 -11.93 -2.87
N LYS A 4 -1.80 -10.90 -2.09
CA LYS A 4 -1.01 -9.66 -2.35
C LYS A 4 0.05 -9.46 -1.26
N ILE A 5 1.27 -9.27 -1.65
CA ILE A 5 2.36 -9.07 -0.64
C ILE A 5 2.02 -7.89 0.26
N ILE A 6 1.27 -8.12 1.32
CA ILE A 6 0.90 -7.01 2.23
C ILE A 6 2.17 -6.32 2.76
N ARG A 7 2.71 -5.39 2.02
CA ARG A 7 3.93 -4.68 2.49
C ARG A 7 3.57 -3.68 3.58
N TYR A 8 3.43 -4.13 4.80
CA TYR A 8 3.07 -3.21 5.90
C TYR A 8 4.32 -2.76 6.66
N PHE A 9 4.53 -1.48 6.79
CA PHE A 9 5.72 -0.97 7.52
C PHE A 9 5.36 0.27 8.33
N TYR A 10 5.63 0.26 9.61
CA TYR A 10 5.28 1.45 10.45
C TYR A 10 6.53 2.02 11.11
N ASN A 11 6.55 3.31 11.33
CA ASN A 11 7.73 3.95 11.97
C ASN A 11 7.26 4.97 13.02
N ALA A 12 7.09 4.54 14.24
CA ALA A 12 6.64 5.48 15.30
C ALA A 12 7.51 6.74 15.31
N LYS A 13 8.79 6.60 15.06
CA LYS A 13 9.68 7.79 15.04
C LYS A 13 9.04 8.89 14.18
N ASP A 14 9.19 8.78 12.90
CA ASP A 14 8.59 9.81 12.00
C ASP A 14 7.07 9.58 11.93
N GLY A 15 6.59 8.56 12.59
CA GLY A 15 5.12 8.28 12.55
C GLY A 15 4.68 8.03 11.11
N LEU A 16 5.06 6.91 10.55
CA LEU A 16 4.65 6.62 9.14
C LEU A 16 4.28 5.14 9.00
N ABA A 17 3.12 4.86 8.46
CA ABA A 17 2.69 3.44 8.31
C ABA A 17 2.46 3.12 6.82
O ABA A 17 1.37 3.29 6.31
CB ABA A 17 1.39 3.33 9.08
CG ABA A 17 0.84 1.91 8.95
H ABA A 17 2.53 5.59 8.16
HA ABA A 17 3.44 2.78 8.72
HB3 ABA A 17 1.57 3.56 10.13
HB2 ABA A 17 0.66 4.03 8.69
HG1 ABA A 17 1.03 1.36 9.86
HG3 ABA A 17 -0.24 1.95 8.78
HG2 ABA A 17 1.32 1.41 8.12
N GLN A 18 3.47 2.65 6.14
CA GLN A 18 3.30 2.31 4.69
C GLN A 18 2.53 1.00 4.55
N THR A 19 1.76 0.87 3.51
CA THR A 19 0.98 -0.39 3.33
C THR A 19 0.82 -0.70 1.84
N PHE A 20 1.91 -0.97 1.16
CA PHE A 20 1.81 -1.29 -0.30
C PHE A 20 1.64 -2.79 -0.50
N VAL A 21 1.01 -3.20 -1.56
CA VAL A 21 0.81 -4.66 -1.81
C VAL A 21 0.93 -4.96 -3.30
N TYR A 22 0.45 -6.11 -3.72
CA TYR A 22 0.53 -6.47 -5.17
C TYR A 22 -0.16 -7.82 -5.41
N GLY A 23 -1.40 -7.79 -5.80
CA GLY A 23 -2.14 -9.06 -6.04
C GLY A 23 -2.37 -9.23 -7.55
N GLY A 24 -3.20 -10.16 -7.94
CA GLY A 24 -3.47 -10.37 -9.38
C GLY A 24 -4.88 -10.96 -9.56
N CYS A 25 -4.98 -12.25 -9.71
CA CYS A 25 -6.32 -12.86 -9.89
C CYS A 25 -7.16 -12.05 -10.88
N NH2 A 26 -6.55 -11.35 -11.80
HN1 NH2 A 26 -5.57 -11.34 -11.85
HN2 NH2 A 26 -7.08 -10.81 -12.43
CA MPT B 1 2.30 -9.74 -15.82
C MPT B 1 1.05 -9.55 -14.95
O MPT B 1 1.13 -9.42 -13.75
CB MPT B 1 3.54 -9.28 -15.07
SG MPT B 1 3.27 -7.60 -14.45
HA1 MPT B 1 2.42 -10.79 -16.04
HA2 MPT B 1 2.18 -9.18 -16.75
HB1 MPT B 1 4.40 -9.29 -15.74
HB2 MPT B 1 3.73 -9.95 -14.23
N LYS B 2 -0.10 -9.53 -15.56
CA LYS B 2 -1.35 -9.34 -14.77
C LYS B 2 -1.29 -8.03 -13.99
N ALA B 3 -1.64 -6.94 -14.61
CA ALA B 3 -1.61 -5.62 -13.90
C ALA B 3 -2.57 -5.64 -12.70
N ARG B 4 -2.04 -5.56 -11.51
CA ARG B 4 -2.93 -5.57 -10.30
C ARG B 4 -2.11 -5.27 -9.04
N ILE B 5 -1.94 -4.03 -8.72
CA ILE B 5 -1.14 -3.69 -7.50
C ILE B 5 -1.57 -2.32 -6.95
N ILE B 6 -1.71 -2.21 -5.66
CA ILE B 6 -2.12 -0.91 -5.07
C ILE B 6 -1.09 -0.45 -4.03
N ARG B 7 -0.95 0.83 -3.84
CA ARG B 7 0.04 1.33 -2.85
C ARG B 7 -0.67 2.02 -1.68
N TYR B 8 -1.28 1.24 -0.82
CA TYR B 8 -1.98 1.84 0.35
C TYR B 8 -0.98 2.53 1.27
N PHE B 9 -1.34 3.63 1.86
CA PHE B 9 -0.40 4.34 2.77
C PHE B 9 -1.15 4.98 3.93
N TYR B 10 -1.29 4.26 5.01
CA TYR B 10 -2.03 4.82 6.19
C TYR B 10 -1.41 6.17 6.61
N ASN B 11 -0.25 6.13 7.19
CA ASN B 11 0.42 7.40 7.63
C ASN B 11 -0.57 8.27 8.41
N ALA B 12 -0.13 9.41 8.89
CA ALA B 12 -1.04 10.30 9.67
C ALA B 12 -1.74 11.29 8.72
N LYS B 13 -1.25 12.50 8.63
CA LYS B 13 -1.90 13.50 7.73
C LYS B 13 -3.42 13.44 7.88
N ASP B 14 -3.91 13.19 9.07
CA ASP B 14 -5.38 13.11 9.29
C ASP B 14 -6.08 12.47 8.09
N GLY B 15 -5.41 11.59 7.39
CA GLY B 15 -6.03 10.94 6.21
C GLY B 15 -5.96 9.42 6.37
N LYS B 16 -4.95 8.93 7.03
CA LYS B 16 -4.82 7.45 7.23
C LYS B 16 -5.26 6.69 5.98
N ABA B 17 -4.82 7.12 4.83
CA ABA B 17 -5.23 6.42 3.57
C ABA B 17 -4.12 6.53 2.51
O ABA B 17 -3.32 5.64 2.35
CB ABA B 17 -6.49 7.13 3.11
CG ABA B 17 -7.71 6.23 3.32
H ABA B 17 -4.22 7.89 4.78
HA ABA B 17 -5.45 5.38 3.77
HB3 ABA B 17 -6.62 8.04 3.68
HB2 ABA B 17 -6.40 7.38 2.06
HG1 ABA B 17 -7.55 5.62 4.20
HG3 ABA B 17 -8.59 6.83 3.44
HG2 ABA B 17 -7.83 5.58 2.46
N GLN B 18 -4.09 7.62 1.79
CA GLN B 18 -3.04 7.79 0.75
C GLN B 18 -2.85 6.49 -0.02
N THR B 19 -3.82 6.11 -0.82
CA THR B 19 -3.69 4.84 -1.60
C THR B 19 -3.38 5.15 -3.07
N PHE B 20 -2.45 4.43 -3.64
CA PHE B 20 -2.09 4.68 -5.08
C PHE B 20 -2.34 3.42 -5.90
N VAL B 21 -3.51 3.26 -6.45
CA VAL B 21 -3.80 2.05 -7.26
C VAL B 21 -3.64 2.36 -8.75
N TYR B 22 -2.81 1.61 -9.44
CA TYR B 22 -2.61 1.86 -10.90
C TYR B 22 -1.65 0.83 -11.48
N GLY B 23 -2.05 -0.42 -11.53
CA GLY B 23 -1.17 -1.47 -12.09
C GLY B 23 -0.62 -1.00 -13.44
N GLY B 24 0.67 -0.90 -13.56
CA GLY B 24 1.27 -0.44 -14.84
C GLY B 24 2.04 -1.60 -15.49
N CYS B 25 1.42 -2.74 -15.60
CA CYS B 25 2.11 -3.91 -16.22
C CYS B 25 1.54 -4.18 -17.62
N NH2 B 26 2.33 -4.09 -18.66
HN1 NH2 B 26 3.28 -3.86 -18.54
HN2 NH2 B 26 1.98 -4.27 -19.55
C1 C55 C . -8.95 3.41 7.80
C2 C55 C . -10.27 2.67 7.56
C3 C55 C . -9.27 0.81 6.37
C4 C55 C . -9.15 -0.56 6.35
N1 C55 C . -10.01 1.22 7.37
O2 C55 C . -7.94 3.11 7.18
O3 C55 C . -8.76 1.54 5.54
CH C55 C . -5.20 -5.96 1.98
OI C55 C . -4.42 -5.07 2.21
CI C55 C . -6.37 -6.24 2.92
NJ C55 C . -7.28 -5.06 2.97
CK C55 C . -7.32 -4.32 4.04
OL C55 C . -6.63 -4.56 5.01
CL C55 C . -8.27 -3.12 4.03
OM C55 C . -8.17 -2.43 5.27
NM C55 C . -9.06 -1.31 5.28
HC22 C55 C . -10.74 3.07 6.67
HC21 C55 C . -10.91 2.82 8.40
HC43 C55 C . -9.11 -1.06 7.31
HN1 C55 C . -10.38 0.56 8.00
HI1 C55 C . -6.92 -7.10 2.57
HI2 C55 C . -5.99 -6.45 3.91
HNJ C55 C . -7.85 -4.85 2.20
HL1 C55 C . -8.01 -2.45 3.23
HL2 C55 C . -9.29 -3.47 3.88
CA MPT A 1 10.80 -4.07 -10.40
C MPT A 1 10.06 -5.05 -9.50
O MPT A 1 10.64 -5.72 -8.68
CB MPT A 1 10.03 -2.76 -10.51
SG MPT A 1 9.63 -2.45 -12.26
HA1 MPT A 1 11.76 -3.84 -9.97
HA2 MPT A 1 10.94 -4.52 -11.38
HB1 MPT A 1 10.62 -1.94 -10.14
HB2 MPT A 1 9.11 -2.83 -9.95
N LYS A 2 8.76 -5.12 -9.65
CA LYS A 2 7.94 -6.06 -8.81
C LYS A 2 8.49 -6.14 -7.39
N ALA A 3 8.87 -5.02 -6.83
CA ALA A 3 9.41 -5.03 -5.44
C ALA A 3 8.43 -4.37 -4.48
N LYS A 4 7.16 -4.59 -4.69
CA LYS A 4 6.14 -3.98 -3.78
C LYS A 4 5.04 -4.99 -3.46
N ILE A 5 5.40 -6.21 -3.14
CA ILE A 5 4.37 -7.23 -2.80
C ILE A 5 3.81 -6.97 -1.40
N ILE A 6 2.88 -7.78 -0.95
CA ILE A 6 2.29 -7.57 0.41
C ILE A 6 3.38 -7.16 1.40
N ARG A 7 3.57 -5.89 1.61
CA ARG A 7 4.61 -5.43 2.57
C ARG A 7 3.98 -4.51 3.62
N TYR A 8 4.33 -4.71 4.86
CA TYR A 8 3.75 -3.84 5.94
C TYR A 8 4.88 -3.22 6.77
N PHE A 9 5.07 -1.93 6.66
CA PHE A 9 6.15 -1.28 7.45
C PHE A 9 5.58 -0.07 8.19
N TYR A 10 5.15 -0.27 9.41
CA TYR A 10 4.58 0.86 10.20
C TYR A 10 5.63 1.47 11.12
N ASN A 11 6.41 2.38 10.62
CA ASN A 11 7.44 3.02 11.48
C ASN A 11 6.76 3.89 12.55
N ALA A 12 6.91 3.54 13.80
CA ALA A 12 6.26 4.33 14.87
C ALA A 12 6.89 5.72 14.96
N LYS A 13 8.10 5.87 14.49
CA LYS A 13 8.75 7.21 14.55
C LYS A 13 7.77 8.26 14.04
N ASP A 14 7.53 8.28 12.75
CA ASP A 14 6.57 9.26 12.20
C ASP A 14 5.16 8.66 12.24
N GLY A 15 5.04 7.46 12.74
CA GLY A 15 3.70 6.81 12.82
C GLY A 15 3.11 6.69 11.42
N LEU A 16 3.69 5.87 10.58
CA LEU A 16 3.16 5.71 9.20
C LEU A 16 3.03 4.22 8.86
N ABA A 17 1.83 3.70 8.90
CA ABA A 17 1.63 2.25 8.57
C ABA A 17 1.60 2.06 7.05
O ABA A 17 0.57 1.84 6.46
CB ABA A 17 0.27 1.89 9.18
CG ABA A 17 0.13 0.37 9.23
H ABA A 17 1.06 4.26 9.15
HA ABA A 17 2.40 1.65 9.01
HB3 ABA A 17 0.20 2.30 10.18
HB2 ABA A 17 -0.52 2.30 8.57
HG1 ABA A 17 0.79 -0.07 8.50
HG3 ABA A 17 0.39 0.02 10.22
HG2 ABA A 17 -0.89 0.09 9.01
N GLN A 18 2.74 2.14 6.41
CA GLN A 18 2.78 1.96 4.94
C GLN A 18 2.50 0.50 4.57
N THR A 19 1.30 0.22 4.12
CA THR A 19 0.94 -1.17 3.74
C THR A 19 0.66 -1.24 2.23
N PHE A 20 1.59 -1.72 1.46
CA PHE A 20 1.34 -1.81 -0.01
C PHE A 20 1.38 -3.28 -0.44
N VAL A 21 0.28 -3.78 -0.95
CA VAL A 21 0.25 -5.21 -1.37
C VAL A 21 0.10 -5.32 -2.89
N TYR A 22 1.20 -5.38 -3.59
CA TYR A 22 1.18 -5.48 -5.09
C TYR A 22 2.52 -5.03 -5.64
N GLY A 23 3.43 -5.94 -5.84
CA GLY A 23 4.77 -5.54 -6.36
C GLY A 23 4.65 -5.10 -7.82
N GLY A 24 4.39 -6.02 -8.70
CA GLY A 24 4.25 -5.65 -10.14
C GLY A 24 5.44 -4.84 -10.60
N CYS A 25 5.30 -3.55 -10.72
CA CYS A 25 6.44 -2.70 -11.16
C CYS A 25 6.05 -1.22 -11.07
N NH2 A 26 5.40 -0.66 -12.06
HN1 NH2 A 26 5.16 -1.20 -12.84
HN2 NH2 A 26 5.15 0.28 -12.01
CA MPT B 1 1.91 -8.19 -18.10
C MPT B 1 1.14 -8.38 -16.80
O MPT B 1 0.11 -7.75 -16.58
CB MPT B 1 2.36 -6.73 -18.26
SG MPT B 1 3.59 -6.34 -17.00
HA1 MPT B 1 2.80 -8.79 -18.09
HA2 MPT B 1 1.28 -8.48 -18.94
HB1 MPT B 1 1.50 -6.08 -18.13
HB2 MPT B 1 2.78 -6.59 -19.24
N LYS B 2 1.61 -9.23 -15.94
CA LYS B 2 0.89 -9.46 -14.65
C LYS B 2 1.53 -8.64 -13.53
N ALA B 3 1.72 -7.36 -13.74
CA ALA B 3 2.33 -6.50 -12.70
C ALA B 3 1.24 -5.84 -11.85
N ARG B 4 1.32 -5.97 -10.55
CA ARG B 4 0.29 -5.36 -9.67
C ARG B 4 0.94 -4.31 -8.75
N ILE B 5 0.28 -3.19 -8.55
CA ILE B 5 0.86 -2.14 -7.65
C ILE B 5 -0.26 -1.45 -6.86
N ILE B 6 -0.13 -1.44 -5.55
CA ILE B 6 -1.17 -0.76 -4.71
C ILE B 6 -0.55 -0.29 -3.39
N ARG B 7 -0.59 1.00 -3.14
CA ARG B 7 0.01 1.53 -1.89
C ARG B 7 -1.08 1.81 -0.84
N TYR B 8 -1.22 0.95 0.12
CA TYR B 8 -2.25 1.15 1.19
C TYR B 8 -1.56 1.66 2.46
N PHE B 9 -1.60 2.93 2.74
CA PHE B 9 -0.90 3.43 3.95
C PHE B 9 -1.69 4.54 4.64
N TYR B 10 -1.43 4.77 5.90
CA TYR B 10 -2.12 5.84 6.66
C TYR B 10 -1.07 6.79 7.25
N ASN B 11 -1.49 7.75 8.02
CA ASN B 11 -0.49 8.69 8.61
C ASN B 11 -1.19 9.79 9.41
N ALA B 12 -0.43 10.72 9.96
CA ALA B 12 -1.05 11.81 10.75
C ALA B 12 -1.36 13.01 9.84
N LYS B 13 -1.38 14.19 10.39
CA LYS B 13 -1.68 15.40 9.56
C LYS B 13 -0.60 15.59 8.49
N ASP B 14 -0.99 15.98 7.31
CA ASP B 14 0.01 16.20 6.22
C ASP B 14 0.61 14.86 5.76
N GLY B 15 0.15 13.77 6.30
CA GLY B 15 0.71 12.46 5.88
C GLY B 15 -0.06 11.93 4.66
N LYS B 16 -0.93 12.73 4.10
CA LYS B 16 -1.73 12.30 2.91
C LYS B 16 -2.00 10.79 2.95
N ABA B 17 -2.83 10.35 3.86
CA ABA B 17 -3.14 8.89 3.95
C ABA B 17 -4.13 8.48 2.87
O ABA B 17 -5.03 9.23 2.52
CB ABA B 17 -3.76 8.72 5.34
CG ABA B 17 -5.03 9.57 5.44
H ABA B 17 -3.24 10.99 4.48
HA ABA B 17 -2.23 8.32 3.89
HB3 ABA B 17 -4.02 7.69 5.50
HB2 ABA B 17 -3.06 9.04 6.11
HG1 ABA B 17 -5.11 10.00 6.44
HG3 ABA B 17 -4.99 10.37 4.71
HG2 ABA B 17 -5.90 8.95 5.25
N GLN B 18 -3.99 7.30 2.34
CA GLN B 18 -4.93 6.83 1.28
C GLN B 18 -4.48 5.48 0.73
N THR B 19 -5.09 5.04 -0.35
CA THR B 19 -4.71 3.73 -0.94
C THR B 19 -4.67 3.86 -2.47
N PHE B 20 -3.51 3.72 -3.06
CA PHE B 20 -3.42 3.82 -4.54
C PHE B 20 -3.63 2.46 -5.20
N VAL B 21 -4.43 2.42 -6.24
CA VAL B 21 -4.69 1.12 -6.93
C VAL B 21 -4.99 1.37 -8.40
N TYR B 22 -4.23 0.81 -9.30
CA TYR B 22 -4.50 1.01 -10.75
C TYR B 22 -3.52 0.18 -11.59
N GLY B 23 -3.98 -0.91 -12.13
CA GLY B 23 -3.08 -1.78 -12.95
C GLY B 23 -2.82 -1.10 -14.30
N GLY B 24 -1.77 -1.52 -14.98
CA GLY B 24 -1.44 -0.91 -16.29
C GLY B 24 0.05 -1.06 -16.57
N CYS B 25 0.43 -2.11 -17.25
CA CYS B 25 1.88 -2.32 -17.54
C CYS B 25 2.26 -1.66 -18.87
N NH2 B 26 1.33 -1.44 -19.76
HN1 NH2 B 26 0.40 -1.69 -19.57
HN2 NH2 B 26 1.54 -1.01 -20.62
C1 C55 C . 0.81 12.84 -2.35
C2 C55 C . 0.47 11.81 -3.43
C3 C55 C . 1.59 9.85 -4.29
C4 C55 C . 2.40 8.78 -3.95
N1 C55 C . 1.33 10.61 -3.26
O2 C55 C . 0.83 14.03 -2.59
O3 C55 C . 1.17 10.04 -5.42
CH C55 C . 7.28 2.41 -4.55
OI C55 C . 7.23 2.57 -5.75
CI C55 C . 6.92 3.55 -3.59
NJ C55 C . 6.06 4.54 -4.29
CK C55 C . 5.67 5.61 -3.66
OL C55 C . 6.00 5.83 -2.51
CL C55 C . 4.80 6.61 -4.44
OM C55 C . 4.47 7.71 -3.59
NM C55 C . 3.65 8.63 -4.29
HC22 C55 C . 0.64 12.24 -4.40
HC21 C55 C . -0.57 11.53 -3.33
HC43 C55 C . 1.95 8.00 -3.35
HN1 C55 C . 1.70 10.39 -2.38
HI1 C55 C . 6.39 3.14 -2.75
HI2 C55 C . 7.83 4.02 -3.24
HNJ C55 C . 5.79 4.39 -5.22
HL1 C55 C . 5.32 6.96 -5.31
HL2 C55 C . 3.89 6.11 -4.75
CA MPT A 1 0.43 -16.79 -7.12
C MPT A 1 -0.79 -16.38 -6.29
O MPT A 1 -1.24 -17.10 -5.43
CB MPT A 1 0.43 -16.08 -8.47
SG MPT A 1 1.34 -14.52 -8.33
HA1 MPT A 1 1.33 -16.51 -6.60
HA2 MPT A 1 0.41 -17.88 -7.26
HB1 MPT A 1 -0.59 -15.88 -8.76
HB2 MPT A 1 0.91 -16.71 -9.21
N LYS A 2 -1.33 -15.22 -6.56
CA LYS A 2 -2.53 -14.76 -5.79
C LYS A 2 -2.21 -14.74 -4.30
N ALA A 3 -1.09 -14.18 -3.94
CA ALA A 3 -0.72 -14.12 -2.50
C ALA A 3 -0.80 -12.68 -1.99
N LYS A 4 -1.98 -12.11 -1.98
CA LYS A 4 -2.14 -10.70 -1.51
C LYS A 4 -1.23 -10.45 -0.30
N ILE A 5 -0.05 -9.92 -0.53
CA ILE A 5 0.87 -9.65 0.61
C ILE A 5 0.72 -8.21 1.08
N ILE A 6 1.40 -7.85 2.15
CA ILE A 6 1.29 -6.45 2.65
C ILE A 6 2.68 -5.91 3.03
N ARG A 7 3.48 -5.61 2.05
CA ARG A 7 4.85 -5.08 2.36
C ARG A 7 4.73 -3.79 3.17
N TYR A 8 4.53 -3.90 4.45
CA TYR A 8 4.41 -2.68 5.30
C TYR A 8 5.56 -2.63 6.33
N PHE A 9 5.99 -1.46 6.69
CA PHE A 9 7.11 -1.36 7.67
C PHE A 9 6.91 -0.17 8.62
N TYR A 10 5.78 -0.10 9.26
CA TYR A 10 5.53 1.02 10.22
C TYR A 10 5.63 2.38 9.51
N ASN A 11 5.34 3.43 10.22
CA ASN A 11 5.38 4.78 9.60
C ASN A 11 6.74 5.44 9.75
N ALA A 12 7.43 5.20 10.81
CA ALA A 12 8.77 5.84 11.03
C ALA A 12 9.48 6.13 9.71
N LYS A 13 9.58 5.17 8.84
CA LYS A 13 10.27 5.40 7.54
C LYS A 13 9.83 6.73 6.94
N ASP A 14 8.73 6.73 6.23
CA ASP A 14 8.24 8.00 5.64
C ASP A 14 7.39 8.76 6.66
N GLY A 15 7.37 8.28 7.87
CA GLY A 15 6.55 8.97 8.92
C GLY A 15 5.11 8.42 8.91
N LEU A 16 4.71 7.78 7.84
CA LEU A 16 3.32 7.23 7.79
C LEU A 16 3.36 5.72 7.55
N ABA A 17 2.69 4.95 8.38
CA ABA A 17 2.69 3.46 8.24
C ABA A 17 2.74 3.05 6.77
O ABA A 17 1.76 3.16 6.05
CB ABA A 17 1.38 3.02 8.88
CG ABA A 17 1.68 2.21 10.14
H ABA A 17 2.19 5.37 9.12
HA ABA A 17 3.52 3.03 8.78
HB3 ABA A 17 0.78 3.88 9.13
HB2 ABA A 17 0.83 2.39 8.18
HG1 ABA A 17 2.53 2.63 10.65
HG3 ABA A 17 0.82 2.24 10.80
HG2 ABA A 17 1.88 1.18 9.87
N GLN A 18 3.86 2.56 6.31
CA GLN A 18 3.96 2.13 4.89
C GLN A 18 3.31 0.77 4.70
N THR A 19 2.57 0.59 3.64
CA THR A 19 1.90 -0.72 3.41
C THR A 19 1.68 -0.95 1.91
N PHE A 20 2.61 -1.57 1.24
CA PHE A 20 2.45 -1.81 -0.22
C PHE A 20 1.76 -3.15 -0.45
N VAL A 21 0.69 -3.16 -1.21
CA VAL A 21 -0.03 -4.45 -1.46
C VAL A 21 -0.48 -4.52 -2.92
N TYR A 22 -0.74 -5.71 -3.40
CA TYR A 22 -1.18 -5.86 -4.82
C TYR A 22 -1.98 -7.16 -4.98
N GLY A 23 -3.26 -7.05 -5.20
CA GLY A 23 -4.09 -8.29 -5.35
C GLY A 23 -4.56 -8.41 -6.80
N GLY A 24 -4.16 -9.45 -7.47
CA GLY A 24 -4.58 -9.63 -8.89
C GLY A 24 -3.44 -10.24 -9.71
N CYS A 25 -2.96 -11.39 -9.31
CA CYS A 25 -1.85 -12.03 -10.08
C CYS A 25 -2.41 -12.97 -11.14
N NH2 A 26 -2.35 -12.63 -12.40
HN1 NH2 A 26 -1.94 -11.78 -12.65
HN2 NH2 A 26 -2.71 -13.23 -13.09
CA MPT B 1 -9.48 -4.03 -15.74
C MPT B 1 -8.07 -4.45 -16.20
O MPT B 1 -7.91 -5.34 -17.00
CB MPT B 1 -10.37 -5.25 -15.61
SG MPT B 1 -11.35 -5.13 -14.09
HA1 MPT B 1 -9.42 -3.55 -14.78
HA2 MPT B 1 -9.89 -3.33 -16.47
HB1 MPT B 1 -9.76 -6.14 -15.57
HB2 MPT B 1 -11.04 -5.30 -16.47
N LYS B 2 -7.06 -3.79 -15.71
CA LYS B 2 -5.68 -4.14 -16.09
C LYS B 2 -4.85 -4.43 -14.85
N ALA B 3 -3.80 -3.71 -14.66
CA ALA B 3 -2.93 -3.92 -13.47
C ALA B 3 -3.79 -4.09 -12.22
N ARG B 4 -3.19 -4.48 -11.13
CA ARG B 4 -3.96 -4.66 -9.86
C ARG B 4 -3.04 -4.50 -8.65
N ILE B 5 -2.13 -3.56 -8.70
CA ILE B 5 -1.20 -3.35 -7.56
C ILE B 5 -1.49 -2.00 -6.89
N ILE B 6 -1.90 -2.02 -5.65
CA ILE B 6 -2.19 -0.73 -4.95
C ILE B 6 -1.25 -0.54 -3.76
N ARG B 7 -0.56 0.57 -3.72
CA ARG B 7 0.38 0.82 -2.58
C ARG B 7 -0.37 1.49 -1.43
N TYR B 8 -0.65 0.75 -0.38
CA TYR B 8 -1.38 1.35 0.78
C TYR B 8 -0.41 2.14 1.66
N PHE B 9 -0.65 3.41 1.84
CA PHE B 9 0.25 4.23 2.69
C PHE B 9 -0.53 4.80 3.87
N TYR B 10 -1.44 4.05 4.40
CA TYR B 10 -2.26 4.54 5.55
C TYR B 10 -1.34 5.09 6.65
N ASN B 11 -1.50 6.33 7.03
CA ASN B 11 -0.65 6.91 8.10
C ASN B 11 -1.40 6.94 9.42
N ALA B 12 -0.73 7.28 10.49
CA ALA B 12 -1.41 7.32 11.81
C ALA B 12 -2.11 8.68 12.00
N LYS B 13 -2.32 9.08 13.22
CA LYS B 13 -2.99 10.40 13.46
C LYS B 13 -4.30 10.48 12.67
N ASP B 14 -4.25 10.96 11.46
CA ASP B 14 -5.50 11.06 10.65
C ASP B 14 -5.18 10.86 9.16
N GLY B 15 -4.01 10.38 8.86
CA GLY B 15 -3.63 10.16 7.43
C GLY B 15 -3.74 8.67 7.10
N LYS B 16 -4.65 7.98 7.73
CA LYS B 16 -4.81 6.52 7.46
C LYS B 16 -5.54 6.31 6.13
N ABA B 17 -5.00 6.81 5.05
CA ABA B 17 -5.68 6.63 3.74
C ABA B 17 -4.83 7.23 2.61
O ABA B 17 -5.29 8.04 1.84
CB ABA B 17 -7.00 7.37 3.86
CG ABA B 17 -8.02 6.80 2.88
H ABA B 17 -4.16 7.30 5.11
HA ABA B 17 -5.86 5.58 3.55
HB3 ABA B 17 -7.39 7.26 4.87
HB2 ABA B 17 -6.85 8.42 3.66
HG1 ABA B 17 -8.06 7.43 2.00
HG3 ABA B 17 -7.71 5.80 2.58
HG2 ABA B 17 -8.99 6.75 3.33
N GLN B 18 -3.59 6.83 2.50
CA GLN B 18 -2.72 7.37 1.42
C GLN B 18 -2.36 6.26 0.43
N THR B 19 -3.34 5.66 -0.18
CA THR B 19 -3.05 4.56 -1.16
C THR B 19 -2.86 5.13 -2.56
N PHE B 20 -2.26 4.39 -3.45
CA PHE B 20 -2.05 4.89 -4.84
C PHE B 20 -3.06 4.25 -5.79
N VAL B 21 -3.02 4.62 -7.04
CA VAL B 21 -3.98 4.03 -8.02
C VAL B 21 -3.23 3.58 -9.29
N TYR B 22 -2.67 2.41 -9.27
CA TYR B 22 -1.94 1.92 -10.47
C TYR B 22 -2.91 1.28 -11.46
N GLY B 23 -3.96 0.67 -10.97
CA GLY B 23 -4.95 0.03 -11.89
C GLY B 23 -6.17 0.94 -12.03
N GLY B 24 -7.33 0.36 -12.21
CA GLY B 24 -8.56 1.19 -12.37
C GLY B 24 -9.64 0.37 -13.07
N CYS B 25 -10.59 -0.14 -12.32
CA CYS B 25 -11.67 -0.94 -12.96
C CYS B 25 -12.72 -1.35 -11.91
N NH2 B 26 -12.32 -1.63 -10.70
HN1 NH2 B 26 -11.37 -1.58 -10.46
HN2 NH2 B 26 -12.98 -1.89 -10.02
C1 C55 C . -7.31 0.13 8.44
C2 C55 C . -8.42 -0.73 9.04
C3 C55 C . -9.90 -2.22 7.81
C4 C55 C . -9.93 -3.33 7.00
N1 C55 C . -8.68 -1.90 8.15
O2 C55 C . -6.43 -0.36 7.75
O3 C55 C . -10.89 -1.62 8.18
CH C55 C . -6.45 -9.51 3.34
OI C55 C . -7.50 -10.08 3.11
CI C55 C . -6.26 -8.74 4.66
NJ C55 C . -7.52 -8.02 5.01
CK C55 C . -7.47 -7.01 5.82
OL C55 C . -6.43 -6.64 6.33
CL C55 C . -8.80 -6.31 6.15
OM C55 C . -8.55 -5.24 7.05
NM C55 C . -9.76 -4.56 7.36
HC22 C55 C . -9.32 -0.15 9.12
HC21 C55 C . -8.11 -1.08 10.02
HC43 C55 C . -10.14 -3.15 5.94
HN1 C55 C . -7.92 -2.44 7.82
HI1 C55 C . -6.01 -9.44 5.44
HI2 C55 C . -5.45 -8.04 4.54
HNJ C55 C . -8.37 -8.30 4.61
HL1 C55 C . -9.23 -5.91 5.23
HL2 C55 C . -9.47 -7.01 6.59
CA MPT A 1 -1.98 -16.72 -7.09
C MPT A 1 -2.47 -15.38 -7.63
O MPT A 1 -1.69 -14.53 -8.02
CB MPT A 1 -0.56 -16.58 -6.54
SG MPT A 1 -0.61 -15.72 -4.96
HA1 MPT A 1 -2.60 -17.04 -6.27
HA2 MPT A 1 -2.01 -17.46 -7.88
HB1 MPT A 1 0.04 -16.01 -7.24
HB2 MPT A 1 -0.12 -17.56 -6.42
N LYS A 2 -3.76 -15.18 -7.67
CA LYS A 2 -4.30 -13.89 -8.18
C LYS A 2 -5.11 -13.19 -7.09
N ALA A 3 -4.52 -12.93 -5.96
CA ALA A 3 -5.25 -12.24 -4.87
C ALA A 3 -4.67 -10.84 -4.69
N LYS A 4 -4.18 -10.56 -3.53
CA LYS A 4 -3.60 -9.21 -3.26
C LYS A 4 -2.93 -9.20 -1.88
N ILE A 5 -1.80 -9.84 -1.76
CA ILE A 5 -1.10 -9.85 -0.43
C ILE A 5 -0.93 -8.42 0.07
N ILE A 6 -0.23 -8.23 1.16
CA ILE A 6 -0.05 -6.85 1.68
C ILE A 6 1.23 -6.77 2.54
N ARG A 7 2.20 -6.01 2.11
CA ARG A 7 3.45 -5.86 2.91
C ARG A 7 3.61 -4.42 3.36
N TYR A 8 3.84 -4.20 4.63
CA TYR A 8 3.99 -2.80 5.12
C TYR A 8 4.88 -2.75 6.36
N PHE A 9 5.14 -1.57 6.86
CA PHE A 9 5.99 -1.43 8.07
C PHE A 9 5.33 -0.45 9.04
N TYR A 10 6.08 0.10 9.95
CA TYR A 10 5.48 1.06 10.92
C TYR A 10 6.53 2.08 11.37
N ASN A 11 6.27 3.34 11.19
CA ASN A 11 7.26 4.37 11.60
C ASN A 11 6.58 5.39 12.53
N ALA A 12 6.39 5.03 13.78
CA ALA A 12 5.74 5.97 14.73
C ALA A 12 6.57 7.25 14.87
N LYS A 13 6.77 7.73 16.06
CA LYS A 13 7.57 8.98 16.27
C LYS A 13 6.81 10.15 15.65
N ASP A 14 6.58 10.08 14.38
CA ASP A 14 5.82 11.14 13.68
C ASP A 14 4.49 10.56 13.21
N GLY A 15 4.23 9.32 13.53
CA GLY A 15 2.95 8.68 13.11
C GLY A 15 2.94 8.49 11.60
N LEU A 16 3.71 7.57 11.10
CA LEU A 16 3.75 7.34 9.63
C LEU A 16 4.07 5.87 9.32
N ABA A 17 3.18 5.19 8.64
CA ABA A 17 3.44 3.75 8.32
C ABA A 17 3.26 3.51 6.82
O ABA A 17 2.23 3.82 6.25
CB ABA A 17 2.40 2.98 9.13
CG ABA A 17 2.27 1.56 8.57
H ABA A 17 2.37 5.61 8.34
HA ABA A 17 4.44 3.47 8.63
HB3 ABA A 17 2.72 2.93 10.16
HB2 ABA A 17 1.45 3.48 9.07
HG1 ABA A 17 3.07 1.37 7.87
HG3 ABA A 17 2.32 0.85 9.38
HG2 ABA A 17 1.32 1.46 8.07
N GLN A 18 4.24 2.94 6.18
CA GLN A 18 4.11 2.68 4.71
C GLN A 18 3.55 1.28 4.47
N THR A 19 2.83 1.08 3.40
CA THR A 19 2.26 -0.27 3.11
C THR A 19 2.16 -0.47 1.60
N PHE A 20 3.24 -0.89 0.98
CA PHE A 20 3.21 -1.11 -0.49
C PHE A 20 2.78 -2.55 -0.79
N VAL A 21 1.89 -2.72 -1.73
CA VAL A 21 1.42 -4.09 -2.09
C VAL A 21 1.48 -4.29 -3.61
N TYR A 22 1.26 -5.48 -4.07
CA TYR A 22 1.30 -5.74 -5.55
C TYR A 22 0.69 -7.11 -5.86
N GLY A 23 -0.13 -7.18 -6.87
CA GLY A 23 -0.76 -8.48 -7.21
C GLY A 23 0.25 -9.35 -7.97
N GLY A 24 0.18 -10.64 -7.79
CA GLY A 24 1.14 -11.55 -8.49
C GLY A 24 2.08 -12.20 -7.47
N CYS A 25 2.24 -13.50 -7.54
CA CYS A 25 3.14 -14.19 -6.57
C CYS A 25 4.25 -14.93 -7.31
N NH2 A 26 5.33 -15.26 -6.66
HN1 NH2 A 26 5.43 -15.04 -5.72
HN2 NH2 A 26 6.06 -15.73 -7.13
CA MPT B 1 -6.00 -8.71 -17.46
C MPT B 1 -5.73 -8.90 -15.97
O MPT B 1 -6.43 -8.39 -15.13
CB MPT B 1 -5.42 -7.37 -17.93
SG MPT B 1 -5.96 -6.06 -16.81
HA1 MPT B 1 -5.52 -9.48 -18.03
HA2 MPT B 1 -7.07 -8.72 -17.63
HB1 MPT B 1 -5.76 -7.15 -18.92
HB2 MPT B 1 -4.34 -7.42 -17.91
N LYS B 2 -4.70 -9.66 -15.64
CA LYS B 2 -4.39 -9.89 -14.21
C LYS B 2 -3.24 -8.99 -13.77
N ALA B 3 -3.26 -7.75 -14.19
CA ALA B 3 -2.17 -6.81 -13.80
C ALA B 3 -2.73 -5.75 -12.84
N ARG B 4 -2.95 -6.10 -11.61
CA ARG B 4 -3.50 -5.11 -10.64
C ARG B 4 -2.52 -4.92 -9.48
N ILE B 5 -2.13 -3.70 -9.22
CA ILE B 5 -1.19 -3.43 -8.10
C ILE B 5 -1.88 -2.63 -7.00
N ILE B 6 -1.25 -2.47 -5.87
CA ILE B 6 -1.88 -1.71 -4.77
C ILE B 6 -0.84 -0.82 -4.07
N ARG B 7 -1.14 0.45 -3.94
CA ARG B 7 -0.17 1.36 -3.27
C ARG B 7 -0.77 1.87 -1.95
N TYR B 8 -0.52 1.18 -0.87
CA TYR B 8 -1.08 1.62 0.43
C TYR B 8 -0.02 2.39 1.23
N PHE B 9 -0.41 3.45 1.89
CA PHE B 9 0.57 4.25 2.68
C PHE B 9 -0.13 4.91 3.86
N TYR B 10 -0.05 4.33 5.02
CA TYR B 10 -0.71 4.95 6.21
C TYR B 10 -0.04 6.27 6.57
N ASN B 11 -0.83 7.28 6.84
CA ASN B 11 -0.25 8.61 7.21
C ASN B 11 -1.38 9.60 7.46
N ALA B 12 -1.09 10.87 7.44
CA ALA B 12 -2.16 11.88 7.68
C ALA B 12 -2.78 12.31 6.35
N LYS B 13 -2.16 11.95 5.26
CA LYS B 13 -2.70 12.33 3.92
C LYS B 13 -4.07 11.67 3.69
N ASP B 14 -4.98 12.39 3.09
CA ASP B 14 -6.34 11.80 2.83
C ASP B 14 -7.11 11.63 4.14
N GLY B 15 -6.53 12.03 5.24
CA GLY B 15 -7.25 11.89 6.54
C GLY B 15 -7.15 10.45 7.04
N LYS B 16 -7.47 9.50 6.21
CA LYS B 16 -7.39 8.07 6.64
C LYS B 16 -6.41 7.30 5.75
N ABA B 17 -5.21 7.06 6.24
CA ABA B 17 -4.20 6.32 5.44
C ABA B 17 -4.25 6.72 3.96
O ABA B 17 -4.80 7.75 3.61
CB ABA B 17 -4.57 4.84 5.61
CG ABA B 17 -5.84 4.53 4.82
H ABA B 17 -4.99 7.37 7.14
HA ABA B 17 -3.21 6.49 5.84
HB3 ABA B 17 -3.76 4.22 5.24
HB2 ABA B 17 -4.73 4.63 6.66
HG1 ABA B 17 -6.69 4.95 5.34
HG3 ABA B 17 -5.78 4.96 3.84
HG2 ABA B 17 -5.97 3.45 4.75
N GLN B 18 -3.69 5.92 3.11
CA GLN B 18 -3.70 6.25 1.65
C GLN B 18 -3.73 4.96 0.83
N THR B 19 -4.36 4.98 -0.32
CA THR B 19 -4.42 3.74 -1.14
C THR B 19 -4.76 4.08 -2.60
N PHE B 20 -3.77 4.17 -3.45
CA PHE B 20 -4.04 4.47 -4.88
C PHE B 20 -2.96 3.83 -5.76
N VAL B 21 -3.36 3.18 -6.82
CA VAL B 21 -2.35 2.53 -7.71
C VAL B 21 -2.86 2.51 -9.16
N TYR B 22 -2.02 2.09 -10.08
CA TYR B 22 -2.44 2.03 -11.51
C TYR B 22 -3.31 0.79 -11.75
N GLY B 23 -4.60 0.94 -11.72
CA GLY B 23 -5.49 -0.23 -11.95
C GLY B 23 -5.36 -0.71 -13.39
N GLY B 24 -5.64 -1.95 -13.64
CA GLY B 24 -5.53 -2.49 -15.03
C GLY B 24 -6.93 -2.68 -15.61
N CYS B 25 -7.59 -3.75 -15.25
CA CYS B 25 -8.96 -4.00 -15.78
C CYS B 25 -9.80 -4.74 -14.74
N NH2 B 26 -10.05 -4.17 -13.59
HN1 NH2 B 26 -9.69 -3.27 -13.42
HN2 NH2 B 26 -10.60 -4.63 -12.92
C1 C55 C . -11.68 5.37 4.18
C2 C55 C . -11.38 4.57 2.92
C3 C55 C . -12.24 2.30 2.89
C4 C55 C . -11.98 1.00 3.30
N1 C55 C . -11.28 3.12 3.27
O2 C55 C . -12.47 6.29 4.17
O3 C55 C . -13.23 2.61 2.27
CH C55 C . -8.39 -4.81 -0.95
OI C55 C . -7.45 -4.06 -0.89
CI C55 C . -9.82 -4.32 -0.69
NJ C55 C . -9.77 -2.91 -0.19
CK C55 C . -10.34 -2.61 0.95
OL C55 C . -10.91 -3.45 1.62
CL C55 C . -10.26 -1.15 1.41
OM C55 C . -10.94 -1.01 2.65
NM C55 C . -10.88 0.34 3.10
HC22 C55 C . -10.44 4.89 2.49
HC21 C55 C . -12.18 4.71 2.21
HC43 C55 C . -12.77 0.49 3.84
HN1 C55 C . -10.52 2.78 3.77
HI1 C55 C . -10.38 -4.37 -1.60
HI2 C55 C . -10.28 -4.95 0.06
HNJ C55 C . -9.32 -2.22 -0.71
HL1 C55 C . -9.23 -0.86 1.52
HL2 C55 C . -10.74 -0.52 0.67
CA MPT A 1 3.37 -6.77 -12.54
C MPT A 1 2.45 -7.73 -11.78
O MPT A 1 1.28 -7.85 -12.06
CB MPT A 1 3.97 -7.46 -13.75
SG MPT A 1 5.55 -6.69 -14.16
HA1 MPT A 1 2.80 -5.93 -12.89
HA2 MPT A 1 4.15 -6.42 -11.87
HB1 MPT A 1 3.30 -7.36 -14.60
HB2 MPT A 1 4.12 -8.51 -13.53
N LYS A 2 2.98 -8.44 -10.82
CA LYS A 2 2.15 -9.39 -10.04
C LYS A 2 2.05 -8.96 -8.58
N ALA A 3 2.56 -9.74 -7.71
CA ALA A 3 2.51 -9.43 -6.25
C ALA A 3 3.93 -9.14 -5.76
N LYS A 4 4.40 -7.95 -6.00
CA LYS A 4 5.79 -7.56 -5.58
C LYS A 4 5.96 -7.68 -4.05
N ILE A 5 5.67 -8.81 -3.48
CA ILE A 5 5.83 -8.96 -2.00
C ILE A 5 4.94 -7.95 -1.26
N ILE A 6 4.58 -8.23 -0.05
CA ILE A 6 3.71 -7.30 0.72
C ILE A 6 4.56 -6.45 1.65
N ARG A 7 4.36 -5.16 1.66
CA ARG A 7 5.15 -4.27 2.55
C ARG A 7 4.27 -3.70 3.66
N TYR A 8 4.37 -4.23 4.85
CA TYR A 8 3.52 -3.71 5.97
C TYR A 8 4.41 -3.07 7.04
N PHE A 9 4.05 -1.90 7.49
CA PHE A 9 4.86 -1.22 8.54
C PHE A 9 3.96 -0.40 9.46
N TYR A 10 3.15 -1.05 10.25
CA TYR A 10 2.26 -0.32 11.18
C TYR A 10 3.08 0.50 12.18
N ASN A 11 3.52 1.67 11.79
CA ASN A 11 4.33 2.51 12.73
C ASN A 11 3.41 3.35 13.61
N ALA A 12 2.90 2.76 14.66
CA ALA A 12 1.99 3.54 15.56
C ALA A 12 2.71 4.78 16.10
N LYS A 13 3.97 4.68 16.39
CA LYS A 13 4.72 5.86 16.89
C LYS A 13 4.45 7.06 15.98
N ASP A 14 5.13 7.14 14.88
CA ASP A 14 4.91 8.27 13.95
C ASP A 14 3.57 8.06 13.23
N GLY A 15 2.92 6.96 13.48
CA GLY A 15 1.61 6.70 12.80
C GLY A 15 1.81 6.63 11.29
N LEU A 16 2.39 5.57 10.82
CA LEU A 16 2.64 5.44 9.35
C LEU A 16 2.55 3.97 8.92
N ABA A 17 1.38 3.39 8.97
CA ABA A 17 1.24 1.96 8.57
C ABA A 17 1.35 1.83 7.05
O ABA A 17 0.36 1.69 6.36
CB ABA A 17 -0.15 1.55 9.04
CG ABA A 17 -0.45 0.12 8.60
H ABA A 17 0.60 3.90 9.27
HA ABA A 17 1.99 1.35 9.06
HB3 ABA A 17 -0.20 1.62 10.12
HB2 ABA A 17 -0.89 2.22 8.61
HG1 ABA A 17 -1.02 -0.39 9.36
HG3 ABA A 17 -1.02 0.13 7.68
HG2 ABA A 17 0.48 -0.40 8.44
N GLN A 18 2.55 1.85 6.53
CA GLN A 18 2.72 1.72 5.05
C GLN A 18 2.23 0.36 4.58
N THR A 19 1.55 0.31 3.46
CA THR A 19 1.05 -1.00 2.96
C THR A 19 1.20 -1.06 1.43
N PHE A 20 2.38 -1.38 0.96
CA PHE A 20 2.60 -1.47 -0.51
C PHE A 20 2.63 -2.93 -0.95
N VAL A 21 1.73 -3.33 -1.82
CA VAL A 21 1.72 -4.74 -2.29
C VAL A 21 1.27 -4.81 -3.75
N TYR A 22 2.20 -4.94 -4.66
CA TYR A 22 1.80 -5.01 -6.10
C TYR A 22 3.06 -5.17 -6.97
N GLY A 23 2.99 -6.03 -7.95
CA GLY A 23 4.17 -6.26 -8.83
C GLY A 23 4.83 -4.91 -9.18
N GLY A 24 6.11 -4.80 -8.97
CA GLY A 24 6.79 -3.52 -9.29
C GLY A 24 7.67 -3.69 -10.54
N CYS A 25 7.15 -4.35 -11.54
CA CYS A 25 7.95 -4.55 -12.78
C CYS A 25 7.15 -4.10 -14.00
N NH2 A 26 6.22 -3.19 -13.86
HN1 NH2 A 26 6.04 -2.81 -12.97
HN2 NH2 A 26 5.71 -2.89 -14.64
CA MPT B 1 -10.11 -6.89 -10.14
C MPT B 1 -9.54 -6.31 -11.43
O MPT B 1 -10.09 -6.45 -12.50
CB MPT B 1 -8.99 -7.34 -9.21
SG MPT B 1 -9.69 -8.12 -7.73
HA1 MPT B 1 -10.68 -6.14 -9.62
HA2 MPT B 1 -10.75 -7.74 -10.39
HB1 MPT B 1 -8.40 -6.48 -8.92
HB2 MPT B 1 -8.36 -8.06 -9.73
N LYS B 2 -8.41 -5.65 -11.34
CA LYS B 2 -7.79 -5.05 -12.55
C LYS B 2 -6.34 -5.52 -12.66
N ALA B 3 -5.45 -4.61 -12.68
CA ALA B 3 -4.00 -4.96 -12.79
C ALA B 3 -3.44 -5.35 -11.42
N ARG B 4 -2.16 -5.26 -11.25
CA ARG B 4 -1.56 -5.61 -9.93
C ARG B 4 -0.66 -4.48 -9.43
N ILE B 5 -1.21 -3.31 -9.27
CA ILE B 5 -0.39 -2.15 -8.78
C ILE B 5 -1.07 -1.52 -7.55
N ILE B 6 -1.49 -2.32 -6.61
CA ILE B 6 -2.14 -1.75 -5.39
C ILE B 6 -1.13 -1.43 -4.30
N ARG B 7 -1.20 -0.25 -3.75
CA ARG B 7 -0.25 0.15 -2.67
C ARG B 7 -0.82 1.33 -1.88
N TYR B 8 -1.01 1.17 -0.60
CA TYR B 8 -1.56 2.30 0.20
C TYR B 8 -0.74 2.50 1.47
N PHE B 9 -0.64 3.71 1.94
CA PHE B 9 0.17 3.96 3.17
C PHE B 9 -0.40 5.15 3.94
N TYR B 10 -0.64 4.99 5.22
CA TYR B 10 -1.19 6.11 6.02
C TYR B 10 -0.05 6.96 6.60
N ASN B 11 -0.32 8.19 6.95
CA ASN B 11 0.75 9.05 7.52
C ASN B 11 0.15 10.04 8.53
N ALA B 12 0.95 10.87 9.12
CA ALA B 12 0.43 11.86 10.11
C ALA B 12 -0.87 12.48 9.59
N LYS B 13 -1.89 12.50 10.40
CA LYS B 13 -3.18 13.10 9.96
C LYS B 13 -3.02 14.60 9.70
N ASP B 14 -2.25 14.95 8.73
CA ASP B 14 -2.04 16.40 8.42
C ASP B 14 -0.95 16.55 7.35
N GLY B 15 -0.03 15.62 7.30
CA GLY B 15 1.06 15.72 6.28
C GLY B 15 0.67 14.90 5.04
N LYS B 16 0.40 13.63 5.21
CA LYS B 16 0.02 12.80 4.04
C LYS B 16 -0.78 11.57 4.51
N ABA B 17 -1.51 10.96 3.61
CA ABA B 17 -2.31 9.76 3.99
C ABA B 17 -3.28 9.40 2.86
O ABA B 17 -4.10 10.19 2.47
CB ABA B 17 -3.09 10.16 5.26
CG ABA B 17 -3.62 11.60 5.09
H ABA B 17 -1.53 11.28 2.70
HA ABA B 17 -1.66 8.92 4.22
HB3 ABA B 17 -3.93 9.49 5.39
HB2 ABA B 17 -2.45 10.12 6.11
HG1 ABA B 17 -4.64 11.64 5.41
HG3 ABA B 17 -3.02 12.27 5.70
HG2 ABA B 17 -3.55 11.89 4.06
N GLN B 18 -3.19 8.20 2.34
CA GLN B 18 -4.11 7.80 1.24
C GLN B 18 -3.85 6.35 0.81
N THR B 19 -4.73 5.81 0.02
CA THR B 19 -4.56 4.41 -0.45
C THR B 19 -4.73 4.35 -1.97
N PHE B 20 -3.97 3.51 -2.64
CA PHE B 20 -4.10 3.42 -4.11
C PHE B 20 -5.14 2.35 -4.48
N VAL B 21 -5.72 2.44 -5.64
CA VAL B 21 -6.74 1.43 -6.04
C VAL B 21 -6.52 0.99 -7.49
N TYR B 22 -5.97 -0.18 -7.69
CA TYR B 22 -5.72 -0.65 -9.09
C TYR B 22 -5.25 -2.11 -9.07
N GLY B 23 -4.51 -2.49 -8.05
CA GLY B 23 -4.02 -3.90 -7.99
C GLY B 23 -4.91 -4.71 -7.03
N GLY B 24 -5.72 -4.05 -6.26
CA GLY B 24 -6.60 -4.79 -5.30
C GLY B 24 -7.94 -5.08 -5.97
N CYS B 25 -8.96 -4.33 -5.63
CA CYS B 25 -10.29 -4.58 -6.24
C CYS B 25 -11.32 -3.57 -5.71
N NH2 B 26 -12.56 -3.93 -5.58
HN1 NH2 B 26 -12.84 -4.84 -5.81
HN2 NH2 B 26 -13.22 -3.29 -5.24
C1 C55 C . 3.64 10.14 -1.43
C2 C55 C . 5.04 9.74 -1.90
C3 C55 C . 6.30 7.67 -2.02
C4 C55 C . 6.19 6.30 -2.09
N1 C55 C . 5.13 8.25 -1.98
O2 C55 C . 2.67 9.44 -1.66
O3 C55 C . 7.36 8.26 -2.00
CH C55 C . 7.62 -1.45 -4.07
OI C55 C . 8.78 -1.23 -3.79
CI C55 C . 6.49 -0.52 -3.63
NJ C55 C . 7.07 0.79 -3.21
CK C55 C . 6.43 1.90 -3.45
OL C55 C . 5.36 1.90 -4.02
CL C55 C . 7.08 3.21 -2.98
OM C55 C . 6.24 4.30 -3.34
NM C55 C . 6.83 5.52 -2.92
HC22 C55 C . 5.78 10.11 -1.20
HC21 C55 C . 5.21 10.16 -2.87
HC43 C55 C . 5.51 5.82 -1.40
HN1 C55 C . 4.31 7.71 -2.00
HI1 C55 C . 5.81 -0.36 -4.45
HI2 C55 C . 5.96 -0.96 -2.80
HNJ C55 C . 7.93 0.82 -2.74
HL1 C55 C . 7.21 3.20 -1.92
HL2 C55 C . 8.03 3.32 -3.47
CA MPT A 1 2.94 -12.63 -9.89
C MPT A 1 3.16 -12.47 -8.38
O MPT A 1 3.72 -13.33 -7.73
CB MPT A 1 3.35 -14.04 -10.34
SG MPT A 1 4.87 -13.95 -11.31
HA1 MPT A 1 1.90 -12.50 -10.13
HA2 MPT A 1 3.53 -11.89 -10.42
HB1 MPT A 1 2.56 -14.47 -10.94
HB2 MPT A 1 3.50 -14.66 -9.47
N LYS A 2 2.72 -11.38 -7.83
CA LYS A 2 2.90 -11.17 -6.36
C LYS A 2 4.38 -11.28 -6.00
N ALA A 3 5.19 -10.33 -6.40
CA ALA A 3 6.63 -10.39 -6.06
C ALA A 3 6.96 -9.39 -4.96
N LYS A 4 5.98 -9.04 -4.18
CA LYS A 4 6.19 -8.07 -3.06
C LYS A 4 4.84 -7.52 -2.59
N ILE A 5 3.86 -8.37 -2.45
CA ILE A 5 2.51 -7.92 -2.01
C ILE A 5 2.57 -7.48 -0.53
N ILE A 6 1.49 -6.94 -0.03
CA ILE A 6 1.46 -6.49 1.40
C ILE A 6 2.79 -5.83 1.78
N ARG A 7 3.29 -4.97 0.94
CA ARG A 7 4.58 -4.28 1.26
C ARG A 7 4.34 -3.21 2.33
N TYR A 8 4.21 -3.61 3.56
CA TYR A 8 3.97 -2.62 4.66
C TYR A 8 5.23 -2.46 5.51
N PHE A 9 5.28 -1.45 6.33
CA PHE A 9 6.48 -1.24 7.20
C PHE A 9 6.06 -0.55 8.51
N TYR A 10 7.01 -0.06 9.25
CA TYR A 10 6.67 0.62 10.54
C TYR A 10 7.39 1.96 10.63
N ASN A 11 6.68 3.02 10.89
CA ASN A 11 7.32 4.36 11.00
C ASN A 11 7.01 4.98 12.37
N ALA A 12 7.86 4.76 13.33
CA ALA A 12 7.61 5.35 14.69
C ALA A 12 7.55 6.87 14.60
N LYS A 13 8.35 7.46 13.75
CA LYS A 13 8.35 8.95 13.62
C LYS A 13 6.92 9.42 13.37
N ASP A 14 6.38 9.13 12.23
CA ASP A 14 4.98 9.54 11.94
C ASP A 14 4.01 8.58 12.62
N GLY A 15 4.52 7.54 13.23
CA GLY A 15 3.63 6.56 13.90
C GLY A 15 2.62 6.01 12.91
N LEU A 16 3.09 5.39 11.86
CA LEU A 16 2.15 4.82 10.84
C LEU A 16 2.77 3.60 10.17
N ABA A 17 2.04 2.51 10.11
CA ABA A 17 2.57 1.29 9.45
C ABA A 17 2.14 1.26 7.98
O ABA A 17 1.12 0.71 7.62
CB ABA A 17 1.95 0.12 10.21
CG ABA A 17 3.03 -0.91 10.56
H ABA A 17 1.14 2.51 10.48
HA ABA A 17 3.65 1.25 9.53
HB3 ABA A 17 1.50 0.48 11.12
HB2 ABA A 17 1.20 -0.35 9.60
HG1 ABA A 17 2.71 -1.50 11.40
HG3 ABA A 17 3.20 -1.56 9.70
HG2 ABA A 17 3.95 -0.39 10.80
N GLN A 18 2.91 1.88 7.11
CA GLN A 18 2.54 1.92 5.67
C GLN A 18 1.98 0.57 5.20
N THR A 19 0.96 0.59 4.40
CA THR A 19 0.38 -0.68 3.89
C THR A 19 0.38 -0.68 2.36
N PHE A 20 1.54 -0.68 1.77
CA PHE A 20 1.62 -0.66 0.27
C PHE A 20 1.64 -2.09 -0.27
N VAL A 21 0.65 -2.47 -1.02
CA VAL A 21 0.64 -3.86 -1.57
C VAL A 21 1.06 -3.83 -3.04
N TYR A 22 2.30 -4.16 -3.30
CA TYR A 22 2.80 -4.15 -4.71
C TYR A 22 3.85 -5.24 -4.89
N GLY A 23 3.56 -6.25 -5.66
CA GLY A 23 4.56 -7.33 -5.87
C GLY A 23 5.07 -7.28 -7.31
N GLY A 24 4.36 -7.86 -8.24
CA GLY A 24 4.81 -7.84 -9.66
C GLY A 24 5.17 -9.25 -10.10
N CYS A 25 5.06 -9.52 -11.37
CA CYS A 25 5.41 -10.89 -11.88
C CYS A 25 6.64 -10.83 -12.77
N NH2 A 26 7.52 -11.79 -12.70
HN1 NH2 A 26 7.39 -12.53 -12.08
HN2 NH2 A 26 8.33 -11.76 -13.27
CA MPT B 1 6.23 -5.62 -16.45
C MPT B 1 6.12 -5.49 -14.92
O MPT B 1 6.00 -4.41 -14.39
CB MPT B 1 4.88 -5.32 -17.10
SG MPT B 1 4.53 -6.57 -18.35
HA1 MPT B 1 6.94 -4.91 -16.83
HA2 MPT B 1 6.55 -6.63 -16.69
HB1 MPT B 1 4.92 -4.34 -17.55
HB2 MPT B 1 4.11 -5.34 -16.33
N LYS B 2 6.16 -6.59 -14.22
CA LYS B 2 6.05 -6.54 -12.74
C LYS B 2 4.76 -5.83 -12.31
N ALA B 3 3.65 -6.51 -12.38
CA ALA B 3 2.37 -5.88 -11.97
C ALA B 3 2.54 -5.14 -10.64
N ARG B 4 2.17 -3.90 -10.58
CA ARG B 4 2.33 -3.12 -9.32
C ARG B 4 1.32 -3.59 -8.27
N ILE B 5 0.10 -3.09 -8.37
CA ILE B 5 -1.03 -3.42 -7.43
C ILE B 5 -1.35 -2.18 -6.56
N ILE B 6 -2.46 -2.21 -5.88
CA ILE B 6 -2.86 -1.04 -5.03
C ILE B 6 -1.80 -0.72 -3.95
N ARG B 7 -1.85 0.49 -3.44
CA ARG B 7 -0.89 0.90 -2.38
C ARG B 7 -1.62 1.72 -1.32
N TYR B 8 -1.73 1.20 -0.13
CA TYR B 8 -2.43 1.95 0.95
C TYR B 8 -1.40 2.65 1.85
N PHE B 9 -1.74 3.80 2.37
CA PHE B 9 -0.78 4.53 3.25
C PHE B 9 -1.52 5.18 4.42
N TYR B 10 -2.27 4.41 5.16
CA TYR B 10 -2.99 4.99 6.33
C TYR B 10 -1.98 5.70 7.23
N ASN B 11 -2.38 6.14 8.39
CA ASN B 11 -1.43 6.84 9.32
C ASN B 11 -2.19 7.41 10.52
N ALA B 12 -1.59 7.43 11.67
CA ALA B 12 -2.29 7.96 12.87
C ALA B 12 -2.00 9.47 13.03
N LYS B 13 -0.95 9.79 13.74
CA LYS B 13 -0.60 11.22 13.98
C LYS B 13 -0.93 12.11 12.76
N ASP B 14 -0.10 12.10 11.75
CA ASP B 14 -0.38 12.96 10.57
C ASP B 14 -1.55 12.41 9.74
N GLY B 15 -1.71 11.11 9.72
CA GLY B 15 -2.82 10.52 8.93
C GLY B 15 -2.54 10.66 7.43
N LYS B 16 -1.30 10.50 7.04
CA LYS B 16 -0.95 10.62 5.59
C LYS B 16 -1.57 9.46 4.80
N ABA B 17 -2.87 9.44 4.67
CA ABA B 17 -3.52 8.33 3.91
C ABA B 17 -3.13 8.39 2.43
O ABA B 17 -2.55 9.37 1.97
CB ABA B 17 -5.02 8.58 4.07
CG ABA B 17 -5.38 9.94 3.47
H ABA B 17 -3.41 10.14 5.08
HA ABA B 17 -3.26 7.37 4.33
HB3 ABA B 17 -5.57 7.80 3.56
HB2 ABA B 17 -5.28 8.57 5.12
HG1 ABA B 17 -6.08 9.80 2.66
HG3 ABA B 17 -5.84 10.55 4.24
HG2 ABA B 17 -4.49 10.42 3.11
N GLN B 18 -3.43 7.37 1.69
CA GLN B 18 -3.07 7.37 0.24
C GLN B 18 -3.40 6.02 -0.40
N THR B 19 -3.99 6.02 -1.56
CA THR B 19 -4.35 4.73 -2.23
C THR B 19 -3.97 4.80 -3.71
N PHE B 20 -3.39 3.76 -4.23
CA PHE B 20 -3.02 3.77 -5.68
C PHE B 20 -3.84 2.75 -6.46
N VAL B 21 -3.43 2.44 -7.66
CA VAL B 21 -4.18 1.44 -8.48
C VAL B 21 -3.26 0.27 -8.85
N TYR B 22 -3.78 -0.73 -9.50
CA TYR B 22 -2.92 -1.89 -9.88
C TYR B 22 -1.89 -1.45 -10.94
N GLY B 23 -1.04 -2.34 -11.36
CA GLY B 23 -0.03 -1.97 -12.38
C GLY B 23 -0.72 -1.54 -13.67
N GLY B 24 -0.50 -2.22 -14.75
CA GLY B 24 -1.16 -1.83 -16.03
C GLY B 24 -0.87 -2.89 -17.09
N CYS B 25 0.32 -3.42 -17.11
CA CYS B 25 0.65 -4.46 -18.13
C CYS B 25 -0.17 -5.73 -17.88
N NH2 B 26 -1.11 -6.05 -18.73
HN1 NH2 B 26 -1.27 -5.49 -19.52
HN2 NH2 B 26 -1.66 -6.85 -18.58
C1 C55 C . 5.24 8.72 2.74
C2 C55 C . 5.84 8.11 1.47
C3 C55 C . 6.79 5.95 0.89
C4 C55 C . 7.42 4.83 1.39
N1 C55 C . 6.53 6.82 1.83
O2 C55 C . 5.89 8.82 3.77
O3 C55 C . 6.53 6.10 -0.29
CH C55 C . 9.64 -2.81 -1.13
OI C55 C . 9.38 -3.21 -0.01
CI C55 C . 9.78 -1.32 -1.42
NJ C55 C . 8.86 -0.55 -0.54
CK C55 C . 8.87 0.76 -0.56
OL C55 C . 9.62 1.37 -1.30
CL C55 C . 7.90 1.48 0.37
OM C55 C . 8.05 2.89 0.19
NM C55 C . 7.16 3.60 1.06
HC22 C55 C . 6.56 8.79 1.05
HC21 C55 C . 5.06 7.91 0.77
HC43 C55 C . 8.20 4.99 2.13
HN1 C55 C . 6.76 6.63 2.76
HI1 C55 C . 10.79 -1.00 -1.24
HI2 C55 C . 9.52 -1.13 -2.45
HNJ C55 C . 8.25 -1.02 0.07
HL1 C55 C . 6.88 1.21 0.14
HL2 C55 C . 8.12 1.23 1.39
CA MPT A 1 -8.55 -13.02 -7.67
C MPT A 1 -8.45 -12.38 -6.28
O MPT A 1 -8.98 -11.32 -6.04
CB MPT A 1 -9.63 -12.33 -8.49
SG MPT A 1 -8.87 -11.26 -9.74
HA1 MPT A 1 -7.62 -12.90 -8.19
HA2 MPT A 1 -8.78 -14.08 -7.57
HB1 MPT A 1 -10.25 -11.74 -7.84
HB2 MPT A 1 -10.25 -13.08 -8.99
N LYS A 2 -7.79 -13.03 -5.37
CA LYS A 2 -7.66 -12.46 -3.99
C LYS A 2 -6.24 -12.65 -3.46
N ALA A 3 -5.26 -12.36 -4.26
CA ALA A 3 -3.85 -12.52 -3.81
C ALA A 3 -3.19 -11.16 -3.62
N LYS A 4 -3.73 -10.35 -2.74
CA LYS A 4 -3.13 -9.00 -2.51
C LYS A 4 -2.10 -9.06 -1.39
N ILE A 5 -0.86 -9.26 -1.72
CA ILE A 5 0.20 -9.32 -0.67
C ILE A 5 0.34 -7.96 0.02
N ILE A 6 -0.22 -7.83 1.20
CA ILE A 6 -0.12 -6.52 1.91
C ILE A 6 1.15 -6.46 2.75
N ARG A 7 2.19 -5.86 2.22
CA ARG A 7 3.46 -5.75 2.99
C ARG A 7 3.71 -4.30 3.40
N TYR A 8 3.90 -4.05 4.66
CA TYR A 8 4.13 -2.66 5.13
C TYR A 8 5.26 -2.62 6.16
N PHE A 9 5.67 -1.45 6.55
CA PHE A 9 6.76 -1.33 7.57
C PHE A 9 6.42 -0.24 8.58
N TYR A 10 5.85 -0.60 9.69
CA TYR A 10 5.50 0.42 10.72
C TYR A 10 6.61 1.45 10.87
N ASN A 11 6.34 2.69 10.55
CA ASN A 11 7.38 3.75 10.68
C ASN A 11 6.99 4.74 11.76
N ALA A 12 7.27 4.44 13.00
CA ALA A 12 6.91 5.37 14.11
C ALA A 12 7.61 6.73 13.91
N LYS A 13 8.15 7.29 14.96
CA LYS A 13 8.83 8.61 14.85
C LYS A 13 7.80 9.68 14.55
N ASP A 14 7.13 9.52 13.45
CA ASP A 14 6.06 10.47 13.07
C ASP A 14 4.75 9.70 12.92
N GLY A 15 4.74 8.46 13.33
CA GLY A 15 3.50 7.64 13.21
C GLY A 15 3.06 7.57 11.75
N LEU A 16 3.95 7.17 10.88
CA LEU A 16 3.59 7.08 9.43
C LEU A 16 3.81 5.65 8.93
N ABA A 17 2.79 4.83 8.98
CA ABA A 17 2.94 3.42 8.51
C ABA A 17 2.85 3.35 6.98
O ABA A 17 1.95 3.91 6.39
CB ABA A 17 1.79 2.67 9.16
CG ABA A 17 2.34 1.52 10.01
H ABA A 17 1.94 5.14 9.33
HA ABA A 17 3.88 3.02 8.85
HB3 ABA A 17 1.22 3.33 9.79
HB2 ABA A 17 1.15 2.26 8.39
HG1 ABA A 17 1.52 1.00 10.49
HG3 ABA A 17 2.88 0.83 9.38
HG2 ABA A 17 3.00 1.92 10.76
N GLN A 18 3.76 2.67 6.35
CA GLN A 18 3.72 2.56 4.88
C GLN A 18 3.38 1.12 4.47
N THR A 19 2.40 0.95 3.62
CA THR A 19 2.03 -0.43 3.19
C THR A 19 2.00 -0.53 1.67
N PHE A 20 3.02 -1.10 1.08
CA PHE A 20 3.05 -1.22 -0.41
C PHE A 20 2.52 -2.60 -0.82
N VAL A 21 1.60 -2.63 -1.75
CA VAL A 21 1.03 -3.94 -2.19
C VAL A 21 1.29 -4.15 -3.69
N TYR A 22 1.08 -5.35 -4.17
CA TYR A 22 1.31 -5.63 -5.62
C TYR A 22 0.39 -6.77 -6.08
N GLY A 23 -0.86 -6.47 -6.32
CA GLY A 23 -1.80 -7.53 -6.76
C GLY A 23 -2.19 -7.31 -8.22
N GLY A 24 -3.45 -7.11 -8.49
CA GLY A 24 -3.89 -6.89 -9.89
C GLY A 24 -5.37 -7.25 -10.03
N CYS A 25 -6.16 -6.91 -9.04
CA CYS A 25 -7.61 -7.25 -9.10
C CYS A 25 -8.42 -6.33 -8.17
N NH2 A 26 -8.24 -5.04 -8.25
HN1 NH2 A 26 -7.61 -4.66 -8.90
HN2 NH2 A 26 -8.74 -4.44 -7.65
CA MPT B 1 4.02 -2.29 -18.14
C MPT B 1 3.67 -2.60 -16.68
O MPT B 1 3.47 -1.70 -15.88
CB MPT B 1 2.94 -2.84 -19.06
SG MPT B 1 1.33 -2.14 -18.60
HA1 MPT B 1 4.07 -1.23 -18.30
HA2 MPT B 1 4.99 -2.75 -18.38
HB1 MPT B 1 2.90 -3.92 -18.97
HB2 MPT B 1 3.16 -2.58 -20.08
N LYS B 2 3.61 -3.85 -16.32
CA LYS B 2 3.27 -4.20 -14.91
C LYS B 2 2.03 -3.43 -14.46
N ALA B 3 0.89 -3.71 -15.05
CA ALA B 3 -0.35 -2.99 -14.65
C ALA B 3 -1.11 -3.80 -13.59
N ARG B 4 -0.66 -3.74 -12.36
CA ARG B 4 -1.37 -4.51 -11.29
C ARG B 4 -0.69 -4.25 -9.94
N ILE B 5 -0.19 -3.06 -9.73
CA ILE B 5 0.47 -2.74 -8.45
C ILE B 5 -0.39 -1.77 -7.62
N ILE B 6 -0.79 -2.16 -6.45
CA ILE B 6 -1.62 -1.27 -5.60
C ILE B 6 -0.87 -0.96 -4.30
N ARG B 7 -1.24 0.09 -3.61
CA ARG B 7 -0.54 0.42 -2.35
C ARG B 7 -1.51 1.03 -1.32
N TYR B 8 -1.31 0.75 -0.07
CA TYR B 8 -2.20 1.31 0.98
C TYR B 8 -1.37 2.10 2.00
N PHE B 9 -0.71 3.13 1.56
CA PHE B 9 0.13 3.94 2.49
C PHE B 9 -0.70 5.07 3.11
N TYR B 10 -1.14 4.89 4.33
CA TYR B 10 -1.93 5.95 5.00
C TYR B 10 -1.16 6.50 6.20
N ASN B 11 -1.84 7.07 7.16
CA ASN B 11 -1.12 7.62 8.35
C ASN B 11 -1.65 6.98 9.63
N ALA B 12 -1.31 7.51 10.77
CA ALA B 12 -1.80 6.92 12.05
C ALA B 12 -3.12 7.57 12.47
N LYS B 13 -3.12 8.88 12.61
CA LYS B 13 -4.34 9.63 13.05
C LYS B 13 -5.63 8.83 12.79
N ASP B 14 -5.98 8.62 11.55
CA ASP B 14 -7.22 7.85 11.26
C ASP B 14 -6.89 6.60 10.44
N GLY B 15 -5.66 6.46 10.01
CA GLY B 15 -5.29 5.26 9.21
C GLY B 15 -5.65 5.50 7.75
N LYS B 16 -5.45 6.69 7.25
CA LYS B 16 -5.78 6.97 5.82
C LYS B 16 -4.94 8.14 5.30
N ABA B 17 -4.07 7.89 4.36
CA ABA B 17 -3.23 9.00 3.81
C ABA B 17 -2.93 8.78 2.32
O ABA B 17 -2.84 9.71 1.56
CB ABA B 17 -1.95 8.99 4.64
CG ABA B 17 -1.44 10.41 4.80
H ABA B 17 -3.98 6.98 4.02
HA ABA B 17 -3.74 9.94 3.95
HB3 ABA B 17 -2.15 8.56 5.61
HB2 ABA B 17 -1.20 8.40 4.13
HG1 ABA B 17 -1.07 10.79 3.86
HG3 ABA B 17 -2.24 11.05 5.15
HG2 ABA B 17 -0.64 10.44 5.53
N GLN B 18 -2.78 7.55 1.91
CA GLN B 18 -2.49 7.29 0.47
C GLN B 18 -2.81 5.83 0.12
N THR B 19 -4.07 5.48 0.10
CA THR B 19 -4.45 4.08 -0.24
C THR B 19 -5.25 4.04 -1.55
N PHE B 20 -4.61 3.70 -2.63
CA PHE B 20 -5.33 3.64 -3.93
C PHE B 20 -4.70 2.58 -4.84
N VAL B 21 -4.99 2.63 -6.11
CA VAL B 21 -4.40 1.62 -7.05
C VAL B 21 -3.26 2.25 -7.85
N TYR B 22 -2.32 1.46 -8.28
CA TYR B 22 -1.18 2.01 -9.07
C TYR B 22 -0.79 1.04 -10.19
N GLY B 23 -1.57 0.98 -11.23
CA GLY B 23 -1.25 0.06 -12.35
C GLY B 23 0.10 0.45 -12.97
N GLY B 24 0.23 1.67 -13.41
CA GLY B 24 1.51 2.10 -14.02
C GLY B 24 1.27 2.47 -15.48
N CYS B 25 0.52 1.69 -16.20
CA CYS B 25 0.25 2.01 -17.63
C CYS B 25 -1.08 2.75 -17.77
N NH2 B 26 -1.71 2.73 -18.90
HN1 NH2 B 26 -1.33 2.24 -19.67
HN2 NH2 B 26 -2.56 3.21 -18.99
C1 C55 C . -10.99 3.81 3.98
C2 C55 C . -11.10 3.25 2.55
C3 C55 C . -12.23 1.34 1.58
C4 C55 C . -12.63 0.04 1.81
N1 C55 C . -11.62 1.85 2.61
O2 C55 C . -11.98 4.04 4.64
O3 C55 C . -12.44 1.92 0.54
CH C55 C . -8.41 -6.23 -0.41
OI C55 C . -7.75 -6.83 0.42
CI C55 C . -9.86 -5.84 -0.13
NJ C55 C . -9.90 -4.40 0.27
CK C55 C . -10.88 -3.97 1.02
OL C55 C . -11.76 -4.71 1.41
CL C55 C . -10.88 -2.48 1.40
OM C55 C . -12.00 -2.20 2.22
NM C55 C . -12.02 -0.82 2.58
HC22 C55 C . -10.13 3.26 2.09
HC21 C55 C . -11.79 3.86 1.99
HC43 C55 C . -13.53 -0.29 1.32
HN1 C55 C . -11.48 1.31 3.43
HI1 C55 C . -10.44 -5.97 -1.02
HI2 C55 C . -10.26 -6.44 0.67
HNJ C55 C . -9.21 -3.78 -0.03
HL1 C55 C . -9.98 -2.25 1.95
HL2 C55 C . -10.93 -1.88 0.50
CA MPT A 1 10.86 -9.94 -12.54
C MPT A 1 11.20 -9.34 -11.17
O MPT A 1 11.42 -8.16 -11.04
CB MPT A 1 9.35 -9.94 -12.76
SG MPT A 1 8.81 -8.27 -13.21
HA1 MPT A 1 11.30 -9.34 -13.32
HA2 MPT A 1 11.25 -10.96 -12.59
HB1 MPT A 1 8.85 -10.25 -11.85
HB2 MPT A 1 9.11 -10.63 -13.56
N LYS A 2 11.22 -10.16 -10.15
CA LYS A 2 11.54 -9.66 -8.78
C LYS A 2 10.92 -8.28 -8.55
N ALA A 3 9.68 -8.12 -8.90
CA ALA A 3 9.02 -6.80 -8.70
C ALA A 3 8.05 -6.87 -7.51
N LYS A 4 8.52 -7.32 -6.38
CA LYS A 4 7.62 -7.40 -5.19
C LYS A 4 7.80 -6.17 -4.31
N ILE A 5 6.89 -5.94 -3.40
CA ILE A 5 7.01 -4.76 -2.50
C ILE A 5 5.83 -4.72 -1.52
N ILE A 6 5.80 -5.62 -0.58
CA ILE A 6 4.68 -5.63 0.41
C ILE A 6 5.05 -4.82 1.65
N ARG A 7 5.61 -3.65 1.47
CA ARG A 7 6.00 -2.82 2.64
C ARG A 7 4.88 -2.86 3.69
N TYR A 8 5.08 -3.58 4.76
CA TYR A 8 4.03 -3.66 5.81
C TYR A 8 4.57 -3.16 7.15
N PHE A 9 4.91 -1.90 7.23
CA PHE A 9 5.43 -1.36 8.51
C PHE A 9 4.27 -0.84 9.36
N TYR A 10 3.94 -1.53 10.42
CA TYR A 10 2.81 -1.09 11.28
C TYR A 10 2.85 0.42 11.48
N ASN A 11 1.80 0.98 12.01
CA ASN A 11 1.76 2.46 12.23
C ASN A 11 2.11 2.82 13.66
N ALA A 12 2.65 1.90 14.41
CA ALA A 12 3.00 2.24 15.82
C ALA A 12 3.79 3.55 15.89
N LYS A 13 3.60 4.31 16.94
CA LYS A 13 4.32 5.61 17.17
C LYS A 13 4.30 6.48 15.93
N ASP A 14 4.92 6.03 14.90
CA ASP A 14 4.95 6.80 13.64
C ASP A 14 3.54 6.87 13.06
N GLY A 15 2.62 6.13 13.62
CA GLY A 15 1.23 6.16 13.07
C GLY A 15 1.27 5.90 11.56
N LEU A 16 2.20 5.11 11.11
CA LEU A 16 2.29 4.82 9.64
C LEU A 16 2.20 3.31 9.35
N ABA A 17 1.07 2.83 8.92
CA ABA A 17 0.96 1.37 8.63
C ABA A 17 1.14 1.14 7.13
O ABA A 17 0.26 0.64 6.45
CB ABA A 17 -0.46 0.96 9.06
CG ABA A 17 -0.61 -0.55 8.89
H ABA A 17 0.30 3.43 8.79
HA ABA A 17 1.68 0.81 9.19
HB3 ABA A 17 -0.62 1.23 10.10
HB2 ABA A 17 -1.19 1.47 8.44
HG1 ABA A 17 -0.06 -0.88 8.03
HG3 ABA A 17 -0.25 -1.05 9.77
HG2 ABA A 17 -1.67 -0.79 8.76
N GLN A 18 2.27 1.50 6.61
CA GLN A 18 2.51 1.32 5.15
C GLN A 18 2.18 -0.11 4.73
N THR A 19 1.26 -0.25 3.81
CA THR A 19 0.89 -1.61 3.32
C THR A 19 0.86 -1.62 1.79
N PHE A 20 1.99 -1.84 1.17
CA PHE A 20 2.04 -1.85 -0.30
C PHE A 20 1.75 -3.26 -0.85
N VAL A 21 1.29 -3.35 -2.06
CA VAL A 21 0.98 -4.68 -2.66
C VAL A 21 1.19 -4.65 -4.17
N TYR A 22 2.04 -3.77 -4.63
CA TYR A 22 2.30 -3.69 -6.10
C TYR A 22 3.08 -4.92 -6.57
N GLY A 23 2.40 -5.88 -7.15
CA GLY A 23 3.10 -7.10 -7.64
C GLY A 23 3.08 -7.11 -9.16
N GLY A 24 2.50 -8.12 -9.75
CA GLY A 24 2.46 -8.19 -11.24
C GLY A 24 3.87 -8.02 -11.80
N CYS A 25 4.00 -7.43 -12.95
CA CYS A 25 5.35 -7.24 -13.54
C CYS A 25 5.26 -6.44 -14.84
N NH2 A 26 4.80 -7.02 -15.91
HN1 NH2 A 26 4.51 -7.97 -15.88
HN2 NH2 A 26 4.74 -6.52 -16.75
CA MPT B 1 -7.97 -5.61 -17.09
C MPT B 1 -6.61 -5.99 -16.50
O MPT B 1 -5.75 -5.14 -16.33
CB MPT B 1 -7.81 -5.15 -18.54
SG MPT B 1 -6.55 -3.84 -18.60
HA1 MPT B 1 -8.61 -6.47 -17.11
HA2 MPT B 1 -8.43 -4.82 -16.49
HB1 MPT B 1 -8.74 -4.76 -18.91
HB2 MPT B 1 -7.49 -5.98 -19.15
N LYS B 2 -6.42 -7.23 -16.17
CA LYS B 2 -5.12 -7.65 -15.59
C LYS B 2 -4.68 -6.68 -14.48
N ALA B 3 -5.24 -6.81 -13.31
CA ALA B 3 -4.87 -5.88 -12.20
C ALA B 3 -4.07 -6.63 -11.13
N ARG B 4 -3.20 -5.96 -10.44
CA ARG B 4 -2.39 -6.64 -9.39
C ARG B 4 -1.50 -5.65 -8.65
N ILE B 5 -2.07 -4.64 -8.05
CA ILE B 5 -1.26 -3.65 -7.31
C ILE B 5 -2.16 -2.69 -6.52
N ILE B 6 -1.87 -2.48 -5.27
CA ILE B 6 -2.71 -1.57 -4.45
C ILE B 6 -1.90 -1.04 -3.26
N ARG B 7 -2.52 -0.29 -2.38
CA ARG B 7 -1.78 0.26 -1.22
C ARG B 7 -2.76 0.80 -0.18
N TYR B 8 -2.31 0.97 1.04
CA TYR B 8 -3.22 1.49 2.10
C TYR B 8 -2.40 2.25 3.16
N PHE B 9 -1.41 2.99 2.73
CA PHE B 9 -0.59 3.75 3.70
C PHE B 9 -1.13 5.18 3.85
N TYR B 10 -1.54 5.56 5.03
CA TYR B 10 -2.08 6.95 5.21
C TYR B 10 -1.18 7.74 6.17
N ASN B 11 0.02 7.29 6.39
CA ASN B 11 0.94 8.03 7.31
C ASN B 11 1.00 9.50 6.92
N ALA B 12 0.34 10.36 7.65
CA ALA B 12 0.36 11.81 7.31
C ALA B 12 1.78 12.24 6.90
N LYS B 13 2.70 12.21 7.83
CA LYS B 13 4.10 12.63 7.48
C LYS B 13 4.08 13.99 6.79
N ASP B 14 4.91 14.17 5.79
CA ASP B 14 4.94 15.48 5.08
C ASP B 14 4.03 15.45 3.86
N GLY B 15 3.37 14.34 3.63
CA GLY B 15 2.45 14.25 2.46
C GLY B 15 2.24 12.78 2.09
N LYS B 16 3.30 12.05 1.85
CA LYS B 16 3.15 10.61 1.48
C LYS B 16 2.09 9.95 2.36
N ABA B 17 0.87 9.90 1.90
CA ABA B 17 -0.21 9.27 2.72
C ABA B 17 -1.48 9.10 1.88
O ABA B 17 -2.06 10.06 1.42
CB ABA B 17 -0.44 10.23 3.87
CG ABA B 17 -1.15 11.49 3.35
H ABA B 17 0.66 10.27 1.02
HA ABA B 17 0.12 8.31 3.10
HB3 ABA B 17 -1.07 9.76 4.61
HB2 ABA B 17 0.49 10.51 4.31
HG1 ABA B 17 -0.93 11.61 2.30
HG3 ABA B 17 -2.21 11.40 3.50
HG2 ABA B 17 -0.79 12.35 3.89
N GLN B 18 -1.92 7.89 1.68
CA GLN B 18 -3.16 7.66 0.87
C GLN B 18 -3.33 6.17 0.57
N THR B 19 -4.25 5.84 -0.29
CA THR B 19 -4.47 4.41 -0.64
C THR B 19 -4.45 4.22 -2.16
N PHE B 20 -4.07 3.06 -2.62
CA PHE B 20 -4.03 2.82 -4.09
C PHE B 20 -5.11 1.82 -4.51
N VAL B 21 -5.92 2.18 -5.46
CA VAL B 21 -6.99 1.25 -5.93
C VAL B 21 -6.95 1.14 -7.45
N TYR B 22 -6.08 0.31 -7.97
CA TYR B 22 -6.00 0.17 -9.45
C TYR B 22 -4.86 -0.80 -9.81
N GLY B 23 -5.18 -1.88 -10.47
CA GLY B 23 -4.13 -2.86 -10.85
C GLY B 23 -3.18 -2.23 -11.87
N GLY B 24 -3.20 -2.68 -13.09
CA GLY B 24 -2.31 -2.09 -14.13
C GLY B 24 -2.89 -2.38 -15.51
N CYS B 25 -3.83 -1.59 -15.95
CA CYS B 25 -4.42 -1.80 -17.30
C CYS B 25 -3.62 -1.05 -18.36
N NH2 B 26 -2.36 -0.85 -18.17
HN1 NH2 B 26 -1.92 -1.18 -17.36
HN2 NH2 B 26 -1.83 -0.37 -18.85
C1 C55 C . 8.29 6.38 0.79
C2 C55 C . 9.62 5.96 0.16
C3 C55 C . 10.44 3.69 0.27
C4 C55 C . 10.24 2.41 -0.19
N1 C55 C . 9.57 4.52 -0.22
O2 C55 C . 7.65 5.61 1.48
O3 C55 C . 11.33 4.00 1.04
CH C55 C . 11.15 -5.70 -1.18
OI C55 C . 10.38 -5.84 -0.25
CI C55 C . 11.84 -4.37 -1.46
NJ C55 C . 11.15 -3.28 -0.71
CK C55 C . 11.53 -2.04 -0.85
OL C55 C . 12.43 -1.74 -1.60
CL C55 C . 10.77 -0.98 -0.05
OM C55 C . 11.31 0.30 -0.34
NM C55 C . 10.63 1.31 0.41
HC22 C55 C . 10.42 6.13 0.86
HC21 C55 C . 9.80 6.57 -0.73
HC43 C55 C . 9.71 2.29 -1.12
HN1 C55 C . 8.87 4.21 -0.83
HI1 C55 C . 12.87 -4.42 -1.14
HI2 C55 C . 11.81 -4.14 -2.52
HNJ C55 C . 10.41 -3.50 -0.10
HL1 C55 C . 9.72 -0.99 -0.30
HL2 C55 C . 10.88 -1.19 1.02
CA MPT A 1 13.51 -14.90 -3.89
C MPT A 1 12.62 -13.76 -3.41
O MPT A 1 12.85 -12.60 -3.71
CB MPT A 1 13.03 -15.40 -5.25
SG MPT A 1 13.03 -14.03 -6.44
HA1 MPT A 1 14.52 -14.55 -4.00
HA2 MPT A 1 13.48 -15.70 -3.15
HB1 MPT A 1 12.03 -15.80 -5.15
HB2 MPT A 1 13.69 -16.18 -5.60
N LYS A 2 11.59 -14.07 -2.66
CA LYS A 2 10.68 -13.00 -2.17
C LYS A 2 10.16 -12.21 -3.37
N ALA A 3 9.05 -12.61 -3.92
CA ALA A 3 8.49 -11.91 -5.11
C ALA A 3 7.72 -10.65 -4.70
N LYS A 4 8.19 -9.95 -3.71
CA LYS A 4 7.51 -8.69 -3.28
C LYS A 4 6.00 -8.91 -3.04
N ILE A 5 5.48 -8.35 -1.98
CA ILE A 5 4.03 -8.53 -1.69
C ILE A 5 3.47 -7.28 -1.01
N ILE A 6 2.35 -7.41 -0.33
CA ILE A 6 1.74 -6.24 0.35
C ILE A 6 2.73 -5.63 1.35
N ARG A 7 3.53 -4.71 0.91
CA ARG A 7 4.51 -4.07 1.85
C ARG A 7 3.79 -3.63 3.12
N TYR A 8 4.49 -3.58 4.22
CA TYR A 8 3.84 -3.15 5.49
C TYR A 8 4.87 -2.61 6.47
N PHE A 9 4.99 -1.30 6.56
CA PHE A 9 5.98 -0.70 7.50
C PHE A 9 5.27 0.25 8.46
N TYR A 10 4.85 -0.24 9.59
CA TYR A 10 4.14 0.64 10.57
C TYR A 10 5.10 1.10 11.67
N ASN A 11 4.85 2.24 12.24
CA ASN A 11 5.74 2.74 13.33
C ASN A 11 4.90 3.16 14.54
N ALA A 12 4.94 2.38 15.59
CA ALA A 12 4.14 2.72 16.80
C ALA A 12 4.37 4.18 17.21
N LYS A 13 5.59 4.65 17.12
CA LYS A 13 5.86 6.06 17.49
C LYS A 13 4.89 6.99 16.77
N ASP A 14 5.14 7.26 15.52
CA ASP A 14 4.21 8.14 14.76
C ASP A 14 2.90 7.39 14.48
N GLY A 15 2.84 6.13 14.85
CA GLY A 15 1.60 5.36 14.60
C GLY A 15 1.32 5.28 13.10
N LEU A 16 2.36 5.14 12.31
CA LEU A 16 2.15 5.07 10.83
C LEU A 16 1.97 3.61 10.40
N ABA A 17 1.40 3.39 9.26
CA ABA A 17 1.20 1.99 8.78
C ABA A 17 1.29 1.92 7.26
O ABA A 17 0.36 1.50 6.59
CB ABA A 17 -0.20 1.61 9.26
CG ABA A 17 -0.16 0.26 9.98
H ABA A 17 1.11 4.14 8.70
HA ABA A 17 1.93 1.33 9.23
HB3 ABA A 17 -0.57 2.37 9.93
HB2 ABA A 17 -0.87 1.54 8.41
HG1 ABA A 17 -1.11 -0.25 9.86
HG3 ABA A 17 0.64 -0.34 9.57
HG2 ABA A 17 0.03 0.42 11.04
N GLN A 18 2.39 2.33 6.70
CA GLN A 18 2.53 2.29 5.21
C GLN A 18 2.35 0.85 4.72
N THR A 19 1.83 0.68 3.53
CA THR A 19 1.64 -0.70 2.99
C THR A 19 1.21 -0.64 1.53
N PHE A 20 1.73 -1.51 0.70
CA PHE A 20 1.32 -1.49 -0.74
C PHE A 20 1.40 -2.89 -1.34
N VAL A 21 0.48 -3.23 -2.20
CA VAL A 21 0.49 -4.59 -2.81
C VAL A 21 1.20 -4.56 -4.16
N TYR A 22 2.51 -4.48 -4.16
CA TYR A 22 3.26 -4.47 -5.45
C TYR A 22 4.34 -5.54 -5.40
N GLY A 23 4.01 -6.74 -5.80
CA GLY A 23 5.03 -7.83 -5.75
C GLY A 23 5.80 -7.89 -7.07
N GLY A 24 6.63 -8.89 -7.24
CA GLY A 24 7.42 -9.02 -8.50
C GLY A 24 8.88 -9.31 -8.16
N CYS A 25 9.24 -10.55 -7.93
CA CYS A 25 10.66 -10.87 -7.59
C CYS A 25 11.59 -10.29 -8.65
N NH2 A 26 12.28 -9.21 -8.38
HN1 NH2 A 26 12.19 -8.80 -7.50
HN2 NH2 A 26 12.88 -8.83 -9.05
CA MPT B 1 1.27 -6.63 -16.09
C MPT B 1 1.43 -7.01 -14.61
O MPT B 1 1.64 -6.17 -13.77
CB MPT B 1 -0.06 -5.96 -16.32
SG MPT B 1 -0.18 -4.47 -15.29
HA1 MPT B 1 2.05 -5.95 -16.37
HA2 MPT B 1 1.34 -7.54 -16.69
HB1 MPT B 1 -0.87 -6.63 -16.07
HB2 MPT B 1 -0.15 -5.67 -17.36
N LYS B 2 1.31 -8.27 -14.29
CA LYS B 2 1.45 -8.69 -12.86
C LYS B 2 0.31 -8.08 -12.04
N ALA B 3 -0.84 -8.70 -12.05
CA ALA B 3 -1.99 -8.16 -11.27
C ALA B 3 -1.65 -8.12 -9.77
N ARG B 4 -0.98 -7.09 -9.34
CA ARG B 4 -0.61 -7.00 -7.89
C ARG B 4 0.25 -5.75 -7.64
N ILE B 5 -0.35 -4.60 -7.68
CA ILE B 5 0.41 -3.33 -7.46
C ILE B 5 -0.50 -2.26 -6.83
N ILE B 6 -0.92 -2.47 -5.60
CA ILE B 6 -1.81 -1.46 -4.94
C ILE B 6 -0.98 -0.55 -4.03
N ARG B 7 -1.56 0.54 -3.59
CA ARG B 7 -0.82 1.47 -2.69
C ARG B 7 -1.64 1.73 -1.41
N TYR B 8 -1.28 1.10 -0.33
CA TYR B 8 -2.03 1.30 0.94
C TYR B 8 -1.16 2.05 1.96
N PHE B 9 -1.08 3.35 1.86
CA PHE B 9 -0.26 4.12 2.82
C PHE B 9 -1.15 4.84 3.83
N TYR B 10 -1.09 4.46 5.08
CA TYR B 10 -1.94 5.11 6.11
C TYR B 10 -1.05 5.77 7.17
N ASN B 11 -1.58 6.72 7.89
CA ASN B 11 -0.76 7.40 8.94
C ASN B 11 -1.63 8.42 9.70
N ALA B 12 -1.44 8.53 10.99
CA ALA B 12 -2.25 9.50 11.78
C ALA B 12 -1.55 10.86 11.81
N LYS B 13 -1.84 11.66 12.81
CA LYS B 13 -1.20 13.01 12.89
C LYS B 13 -1.25 13.70 11.53
N ASP B 14 -2.18 13.34 10.70
CA ASP B 14 -2.27 13.98 9.36
C ASP B 14 -0.90 14.00 8.67
N GLY B 15 -0.28 12.86 8.54
CA GLY B 15 1.06 12.80 7.89
C GLY B 15 0.89 12.80 6.37
N LYS B 16 0.98 11.64 5.76
CA LYS B 16 0.82 11.56 4.28
C LYS B 16 -0.13 10.43 3.90
N ABA B 17 -1.40 10.73 3.77
CA ABA B 17 -2.38 9.67 3.40
C ABA B 17 -2.27 9.35 1.90
O ABA B 17 -1.96 10.20 1.10
CB ABA B 17 -3.75 10.26 3.73
CG ABA B 17 -4.73 9.14 4.06
H ABA B 17 -1.69 11.65 3.91
HA ABA B 17 -2.21 8.78 3.99
HB3 ABA B 17 -3.65 10.92 4.59
HB2 ABA B 17 -4.11 10.83 2.88
HG1 ABA B 17 -4.22 8.36 4.59
HG3 ABA B 17 -5.52 9.53 4.67
HG2 ABA B 17 -5.14 8.75 3.14
N GLN B 18 -2.55 8.13 1.53
CA GLN B 18 -2.47 7.77 0.08
C GLN B 18 -2.94 6.33 -0.13
N THR B 19 -4.08 6.15 -0.73
CA THR B 19 -4.60 4.77 -0.97
C THR B 19 -5.08 4.63 -2.41
N PHE B 20 -4.44 3.79 -3.18
CA PHE B 20 -4.85 3.60 -4.60
C PHE B 20 -5.29 2.16 -4.84
N VAL B 21 -5.71 1.84 -6.04
CA VAL B 21 -6.15 0.46 -6.34
C VAL B 21 -5.85 0.10 -7.81
N TYR B 22 -4.79 -0.60 -8.06
CA TYR B 22 -4.46 -0.97 -9.46
C TYR B 22 -4.78 -2.45 -9.71
N GLY B 23 -4.95 -3.21 -8.67
CA GLY B 23 -5.26 -4.66 -8.84
C GLY B 23 -6.33 -4.83 -9.92
N GLY B 24 -5.93 -5.24 -11.10
CA GLY B 24 -6.92 -5.42 -12.20
C GLY B 24 -6.29 -5.01 -13.54
N CYS B 25 -5.17 -5.58 -13.87
CA CYS B 25 -4.52 -5.24 -15.17
C CYS B 25 -5.03 -6.16 -16.27
N NH2 B 26 -5.64 -7.28 -15.94
HN1 NH2 B 26 -5.76 -7.50 -15.00
HN2 NH2 B 26 -5.96 -7.88 -16.64
C1 C55 C . 5.23 8.93 0.27
C2 C55 C . 6.55 8.18 0.41
C3 C55 C . 7.54 6.13 -0.43
C4 C55 C . 7.31 5.02 -1.22
N1 C55 C . 6.50 6.92 -0.40
O2 C55 C . 4.38 8.58 -0.55
O3 C55 C . 8.59 6.33 0.16
CH C55 C . 9.48 -2.65 -3.56
OI C55 C . 9.53 -2.83 -2.35
CI C55 C . 9.20 -1.27 -4.14
NJ C55 C . 9.31 -0.24 -3.07
CK C55 C . 8.56 0.83 -3.11
OL C55 C . 7.78 1.00 -4.02
CL C55 C . 8.71 1.85 -1.98
OM C55 C . 7.83 2.93 -2.19
NM C55 C . 7.95 3.88 -1.15
HC22 C55 C . 6.72 7.93 1.45
HC21 C55 C . 7.36 8.80 0.05
HC43 C55 C . 6.54 5.10 -1.98
HN1 C55 C . 5.69 6.69 -0.90
HI1 C55 C . 9.94 -1.06 -4.91
HI2 C55 C . 8.22 -1.24 -4.57
HNJ C55 C . 9.94 -0.37 -2.32
HL1 C55 C . 8.48 1.37 -1.03
HL2 C55 C . 9.73 2.21 -1.96
CA MPT A 1 0.30 -14.94 -13.06
C MPT A 1 -0.50 -14.38 -11.88
O MPT A 1 -1.54 -13.77 -12.04
CB MPT A 1 1.72 -14.40 -13.04
SG MPT A 1 1.83 -12.91 -14.06
HA1 MPT A 1 0.34 -16.01 -13.00
HA2 MPT A 1 -0.20 -14.64 -13.98
HB1 MPT A 1 2.39 -15.15 -13.43
HB2 MPT A 1 2.00 -14.17 -12.02
N LYS A 2 -0.01 -14.58 -10.68
CA LYS A 2 -0.73 -14.07 -9.48
C LYS A 2 0.11 -14.28 -8.23
N ALA A 3 1.21 -13.59 -8.11
CA ALA A 3 2.08 -13.75 -6.91
C ALA A 3 2.01 -12.50 -6.04
N LYS A 4 0.83 -12.06 -5.69
CA LYS A 4 0.69 -10.85 -4.84
C LYS A 4 1.58 -10.97 -3.60
N ILE A 5 1.72 -9.91 -2.85
CA ILE A 5 2.57 -9.97 -1.62
C ILE A 5 2.06 -8.97 -0.58
N ILE A 6 2.52 -9.09 0.64
CA ILE A 6 2.07 -8.15 1.71
C ILE A 6 3.28 -7.47 2.34
N ARG A 7 3.88 -6.54 1.65
CA ARG A 7 5.06 -5.83 2.22
C ARG A 7 4.64 -4.51 2.89
N TYR A 8 4.54 -4.50 4.18
CA TYR A 8 4.14 -3.25 4.89
C TYR A 8 4.78 -3.20 6.28
N PHE A 9 4.89 -2.03 6.86
CA PHE A 9 5.50 -1.92 8.21
C PHE A 9 4.82 -0.82 9.02
N TYR A 10 3.83 -1.15 9.80
CA TYR A 10 3.15 -0.11 10.62
C TYR A 10 4.20 0.80 11.27
N ASN A 11 3.98 2.09 11.26
CA ASN A 11 4.99 3.00 11.87
C ASN A 11 4.32 4.18 12.58
N ALA A 12 3.77 3.95 13.74
CA ALA A 12 3.14 5.08 14.48
C ALA A 12 4.23 6.10 14.81
N LYS A 13 4.04 6.91 15.83
CA LYS A 13 5.05 7.92 16.22
C LYS A 13 5.49 8.71 14.99
N ASP A 14 6.15 8.04 14.09
CA ASP A 14 6.58 8.69 12.84
C ASP A 14 5.34 9.31 12.20
N GLY A 15 4.18 8.80 12.56
CA GLY A 15 2.92 9.37 12.02
C GLY A 15 2.39 8.58 10.82
N LEU A 16 3.10 7.58 10.33
CA LEU A 16 2.54 6.83 9.17
C LEU A 16 2.87 5.34 9.21
N ABA A 17 2.11 4.57 8.48
CA ABA A 17 2.34 3.10 8.42
C ABA A 17 2.54 2.71 6.95
O ABA A 17 1.62 2.27 6.29
CB ABA A 17 1.06 2.48 8.99
CG ABA A 17 0.87 1.06 8.44
H ABA A 17 1.39 4.97 7.95
HA ABA A 17 3.20 2.82 9.01
HB3 ABA A 17 1.13 2.45 10.06
HB2 ABA A 17 0.20 3.09 8.71
HG1 ABA A 17 1.82 0.66 8.15
HG3 ABA A 17 0.44 0.44 9.21
HG2 ABA A 17 0.21 1.10 7.58
N GLN A 18 3.72 2.89 6.44
CA GLN A 18 3.96 2.55 5.00
C GLN A 18 3.36 1.17 4.71
N THR A 19 2.51 1.06 3.72
CA THR A 19 1.91 -0.26 3.42
C THR A 19 1.71 -0.44 1.91
N PHE A 20 2.40 -1.39 1.34
CA PHE A 20 2.25 -1.66 -0.13
C PHE A 20 1.82 -3.12 -0.32
N VAL A 21 0.73 -3.36 -1.02
CA VAL A 21 0.29 -4.78 -1.19
C VAL A 21 -0.44 -4.97 -2.52
N TYR A 22 0.24 -5.51 -3.51
CA TYR A 22 -0.40 -5.76 -4.83
C TYR A 22 0.67 -6.04 -5.89
N GLY A 23 0.80 -7.27 -6.31
CA GLY A 23 1.84 -7.59 -7.33
C GLY A 23 1.17 -7.77 -8.71
N GLY A 24 1.47 -6.90 -9.64
CA GLY A 24 0.86 -7.01 -10.99
C GLY A 24 1.82 -7.74 -11.93
N CYS A 25 2.66 -8.58 -11.40
CA CYS A 25 3.63 -9.33 -12.27
C CYS A 25 4.50 -8.34 -13.05
N NH2 A 26 5.72 -8.10 -12.64
HN1 NH2 A 26 6.06 -8.54 -11.83
HN2 NH2 A 26 6.28 -7.48 -13.14
CA MPT B 1 -6.01 -7.46 -17.41
C MPT B 1 -6.13 -7.56 -15.90
O MPT B 1 -7.10 -7.11 -15.31
CB MPT B 1 -5.07 -6.31 -17.79
SG MPT B 1 -6.05 -4.82 -18.13
HA1 MPT B 1 -5.57 -8.36 -17.80
HA2 MPT B 1 -6.98 -7.30 -17.85
HB1 MPT B 1 -4.50 -6.58 -18.66
HB2 MPT B 1 -4.39 -6.11 -16.96
N LYS B 2 -5.17 -8.15 -15.24
CA LYS B 2 -5.24 -8.28 -13.75
C LYS B 2 -4.05 -7.57 -13.10
N ALA B 3 -3.85 -6.32 -13.41
CA ALA B 3 -2.71 -5.57 -12.81
C ALA B 3 -2.99 -5.26 -11.33
N ARG B 4 -2.00 -5.32 -10.49
CA ARG B 4 -2.23 -5.03 -9.05
C ARG B 4 -0.99 -4.38 -8.43
N ILE B 5 -1.09 -3.13 -8.08
CA ILE B 5 0.08 -2.43 -7.46
C ILE B 5 -0.41 -1.34 -6.49
N ILE B 6 -1.48 -1.60 -5.80
CA ILE B 6 -2.04 -0.60 -4.85
C ILE B 6 -1.11 -0.43 -3.64
N ARG B 7 -0.98 0.78 -3.17
CA ARG B 7 -0.11 1.04 -1.99
C ARG B 7 -0.80 2.02 -1.03
N TYR B 8 -0.62 1.82 0.25
CA TYR B 8 -1.25 2.74 1.25
C TYR B 8 -0.15 3.43 2.08
N PHE B 9 0.00 4.73 1.99
CA PHE B 9 1.09 5.41 2.79
C PHE B 9 0.75 6.89 3.12
N TYR B 10 0.23 7.18 4.29
CA TYR B 10 -0.05 8.62 4.65
C TYR B 10 0.46 8.89 6.07
N ASN B 11 0.48 10.14 6.48
CA ASN B 11 0.96 10.47 7.85
C ASN B 11 -0.17 11.12 8.66
N ALA B 12 -1.39 10.97 8.22
CA ALA B 12 -2.53 11.58 8.98
C ALA B 12 -3.07 10.60 10.02
N LYS B 13 -3.61 11.10 11.09
CA LYS B 13 -4.17 10.19 12.13
C LYS B 13 -5.12 9.16 11.50
N ASP B 14 -4.62 8.03 11.13
CA ASP B 14 -5.49 7.00 10.51
C ASP B 14 -6.24 7.60 9.31
N GLY B 15 -5.60 8.44 8.56
CA GLY B 15 -6.28 9.06 7.39
C GLY B 15 -6.08 8.17 6.16
N LYS B 16 -6.15 6.88 6.34
CA LYS B 16 -5.97 5.96 5.19
C LYS B 16 -4.63 6.21 4.50
N ABA B 17 -3.60 5.54 4.94
CA ABA B 17 -2.26 5.73 4.32
C ABA B 17 -2.39 5.81 2.79
O ABA B 17 -3.00 4.97 2.17
CB ABA B 17 -1.44 4.50 4.76
CG ABA B 17 -2.33 3.26 4.78
H ABA B 17 -3.71 4.90 5.68
HA ABA B 17 -1.80 6.61 4.71
HB3 ABA B 17 -0.61 4.36 4.08
HB2 ABA B 17 -1.05 4.68 5.75
HG1 ABA B 17 -2.62 3.04 5.79
HG3 ABA B 17 -3.20 3.43 4.17
HG2 ABA B 17 -1.77 2.42 4.38
N GLN B 18 -1.82 6.86 2.18
CA GLN B 18 -1.91 7.08 0.70
C GLN B 18 -2.33 5.81 -0.05
N THR B 19 -3.61 5.60 -0.18
CA THR B 19 -4.08 4.38 -0.90
C THR B 19 -4.48 4.71 -2.34
N PHE B 20 -3.67 4.33 -3.29
CA PHE B 20 -4.02 4.61 -4.70
C PHE B 20 -4.05 3.30 -5.50
N VAL B 21 -4.96 3.18 -6.44
CA VAL B 21 -5.04 1.93 -7.23
C VAL B 21 -4.99 2.24 -8.73
N TYR B 22 -4.55 1.29 -9.52
CA TYR B 22 -4.47 1.52 -10.99
C TYR B 22 -5.08 0.32 -11.73
N GLY B 23 -4.91 -0.85 -11.21
CA GLY B 23 -5.49 -2.06 -11.88
C GLY B 23 -7.01 -2.03 -11.74
N GLY B 24 -7.69 -2.93 -12.40
CA GLY B 24 -9.18 -2.96 -12.30
C GLY B 24 -9.76 -3.65 -13.54
N CYS B 25 -9.20 -3.39 -14.69
CA CYS B 25 -9.72 -4.03 -15.93
C CYS B 25 -9.92 -5.53 -15.71
N NH2 B 26 -9.26 -6.12 -14.75
HN1 NH2 B 26 -8.65 -5.61 -14.18
HN2 NH2 B 26 -9.39 -7.08 -14.59
C1 C55 C . -7.23 0.35 4.24
C2 C55 C . -8.13 -0.86 4.44
C3 C55 C . -7.33 -3.13 4.15
C4 C55 C . -6.90 -4.05 3.22
N1 C55 C . -7.65 -1.99 3.59
O2 C55 C . -6.03 0.22 4.04
O3 C55 C . -7.37 -3.36 5.34
CH C55 C . -4.14 -10.05 -0.40
OI C55 C . -4.46 -8.99 -0.88
CI C55 C . -4.58 -10.47 1.00
NJ C55 C . -4.51 -9.29 1.92
CK C55 C . -5.42 -8.35 1.85
OL C55 C . -6.32 -8.42 1.05
CL C55 C . -5.28 -7.18 2.81
OM C55 C . -6.35 -6.26 2.59
NM C55 C . -6.25 -5.16 3.47
HC22 C55 C . -9.15 -0.61 4.16
HC21 C55 C . -8.12 -1.15 5.48
HC43 C55 C . -7.12 -3.85 2.19
HN1 C55 C . -7.58 -1.88 2.63
HI1 C55 C . -5.60 -10.82 0.96
HI2 C55 C . -3.94 -11.25 1.37
HNJ C55 C . -3.78 -9.23 2.56
HL1 C55 C . -5.32 -7.53 3.83
HL2 C55 C . -4.34 -6.67 2.64
CA MPT A 1 -2.48 -15.44 -11.64
C MPT A 1 -2.75 -14.47 -10.49
O MPT A 1 -3.50 -13.51 -10.62
CB MPT A 1 -1.21 -15.03 -12.38
SG MPT A 1 -1.33 -13.27 -12.84
HA1 MPT A 1 -2.32 -16.43 -11.25
HA2 MPT A 1 -3.33 -15.43 -12.32
HB1 MPT A 1 -1.10 -15.62 -13.27
HB2 MPT A 1 -0.36 -15.17 -11.74
N LYS A 2 -2.16 -14.70 -9.34
CA LYS A 2 -2.40 -13.78 -8.18
C LYS A 2 -1.30 -13.96 -7.13
N ALA A 3 -0.16 -13.36 -7.34
CA ALA A 3 0.94 -13.48 -6.35
C ALA A 3 1.09 -12.17 -5.56
N LYS A 4 0.04 -11.73 -4.93
CA LYS A 4 0.11 -10.46 -4.16
C LYS A 4 0.92 -10.66 -2.87
N ILE A 5 1.72 -9.69 -2.51
CA ILE A 5 2.54 -9.81 -1.27
C ILE A 5 2.35 -8.57 -0.41
N ILE A 6 1.33 -8.55 0.40
CA ILE A 6 1.08 -7.35 1.26
C ILE A 6 2.23 -7.13 2.25
N ARG A 7 2.97 -6.08 2.07
CA ARG A 7 4.10 -5.79 3.00
C ARG A 7 3.72 -4.60 3.89
N TYR A 8 3.45 -4.84 5.14
CA TYR A 8 3.05 -3.72 6.03
C TYR A 8 4.28 -3.04 6.63
N PHE A 9 4.14 -1.78 6.99
CA PHE A 9 5.27 -1.03 7.59
C PHE A 9 4.71 0.03 8.53
N TYR A 10 4.26 -0.37 9.69
CA TYR A 10 3.67 0.61 10.65
C TYR A 10 4.47 1.92 10.66
N ASN A 11 3.91 2.95 11.24
CA ASN A 11 4.62 4.26 11.28
C ASN A 11 5.48 4.38 12.53
N ALA A 12 5.26 3.59 13.52
CA ALA A 12 6.10 3.72 14.75
C ALA A 12 7.59 3.83 14.38
N LYS A 13 8.16 2.78 13.87
CA LYS A 13 9.61 2.79 13.51
C LYS A 13 9.97 3.98 12.62
N ASP A 14 9.79 3.83 11.34
CA ASP A 14 10.14 4.95 10.42
C ASP A 14 9.25 6.17 10.67
N GLY A 15 8.30 6.08 11.56
CA GLY A 15 7.43 7.28 11.78
C GLY A 15 6.45 7.43 10.60
N LEU A 16 6.30 6.41 9.80
CA LEU A 16 5.37 6.51 8.62
C LEU A 16 4.79 5.13 8.28
N ABA A 17 3.49 4.97 8.43
CA ABA A 17 2.87 3.64 8.11
C ABA A 17 2.79 3.46 6.59
O ABA A 17 2.88 4.41 5.84
CB ABA A 17 1.46 3.70 8.70
CG ABA A 17 0.91 2.27 8.83
H ABA A 17 2.94 5.71 8.75
HA ABA A 17 3.42 2.84 8.57
HB3 ABA A 17 1.49 4.16 9.68
HB2 ABA A 17 0.82 4.28 8.05
HG1 ABA A 17 0.24 2.07 8.00
HG3 ABA A 17 1.72 1.57 8.82
HG2 ABA A 17 0.35 2.18 9.76
N GLN A 18 2.64 2.24 6.12
CA GLN A 18 2.56 2.02 4.65
C GLN A 18 2.40 0.54 4.34
N THR A 19 1.41 0.19 3.56
CA THR A 19 1.19 -1.24 3.22
C THR A 19 1.35 -1.46 1.70
N PHE A 20 2.56 -1.61 1.25
CA PHE A 20 2.79 -1.82 -0.21
C PHE A 20 2.73 -3.32 -0.54
N VAL A 21 1.68 -3.77 -1.17
CA VAL A 21 1.58 -5.22 -1.50
C VAL A 21 2.09 -5.50 -2.92
N TYR A 22 1.71 -4.69 -3.86
CA TYR A 22 2.17 -4.90 -5.26
C TYR A 22 1.65 -6.24 -5.80
N GLY A 23 1.53 -6.35 -7.10
CA GLY A 23 1.01 -7.62 -7.70
C GLY A 23 2.18 -8.60 -7.85
N GLY A 24 2.58 -8.88 -9.07
CA GLY A 24 3.71 -9.82 -9.29
C GLY A 24 3.65 -10.39 -10.71
N CYS A 25 2.68 -11.22 -10.98
CA CYS A 25 2.57 -11.81 -12.35
C CYS A 25 2.01 -10.78 -13.33
N NH2 A 26 1.53 -9.65 -12.87
HN1 NH2 A 26 1.55 -9.48 -11.91
HN2 NH2 A 26 1.16 -8.99 -13.49
CA MPT B 1 -9.00 -11.31 -13.44
C MPT B 1 -7.97 -10.28 -13.89
O MPT B 1 -7.47 -10.31 -15.00
CB MPT B 1 -8.88 -11.55 -11.95
SG MPT B 1 -10.16 -10.61 -11.08
HA1 MPT B 1 -9.99 -10.95 -13.64
HA2 MPT B 1 -8.83 -12.24 -13.99
HB1 MPT B 1 -7.91 -11.23 -11.60
HB2 MPT B 1 -9.01 -12.61 -11.73
N LYS B 2 -7.64 -9.34 -13.04
CA LYS B 2 -6.65 -8.30 -13.42
C LYS B 2 -5.90 -7.80 -12.18
N ALA B 3 -4.91 -8.53 -11.75
CA ALA B 3 -4.14 -8.10 -10.54
C ALA B 3 -3.74 -6.62 -10.67
N ARG B 4 -3.24 -6.05 -9.61
CA ARG B 4 -2.85 -4.61 -9.67
C ARG B 4 -1.68 -4.35 -8.71
N ILE B 5 -1.49 -3.12 -8.31
CA ILE B 5 -0.37 -2.80 -7.38
C ILE B 5 -0.90 -1.94 -6.22
N ILE B 6 -1.62 -2.54 -5.32
CA ILE B 6 -2.16 -1.77 -4.17
C ILE B 6 -1.01 -1.22 -3.31
N ARG B 7 -0.84 0.07 -3.27
CA ARG B 7 0.26 0.67 -2.47
C ARG B 7 -0.32 1.60 -1.40
N TYR B 8 -0.61 1.08 -0.24
CA TYR B 8 -1.17 1.95 0.84
C TYR B 8 -0.07 2.81 1.46
N PHE B 9 -0.42 3.97 1.94
CA PHE B 9 0.60 4.86 2.56
C PHE B 9 -0.06 5.72 3.63
N TYR B 10 -0.84 5.12 4.48
CA TYR B 10 -1.53 5.87 5.57
C TYR B 10 -0.60 6.94 6.15
N ASN B 11 0.67 6.67 6.21
CA ASN B 11 1.60 7.69 6.78
C ASN B 11 1.14 8.10 8.19
N ALA B 12 1.92 8.88 8.87
CA ALA B 12 1.52 9.32 10.25
C ALA B 12 0.73 10.62 10.19
N LYS B 13 1.00 11.53 11.10
CA LYS B 13 0.25 12.82 11.11
C LYS B 13 -1.24 12.56 10.85
N ASP B 14 -1.98 13.58 10.50
CA ASP B 14 -3.43 13.40 10.24
C ASP B 14 -3.65 12.93 8.80
N GLY B 15 -2.83 12.04 8.31
CA GLY B 15 -3.00 11.55 6.92
C GLY B 15 -3.60 10.15 6.93
N LYS B 16 -4.77 9.99 7.49
CA LYS B 16 -5.39 8.64 7.54
C LYS B 16 -5.87 8.21 6.14
N ABA B 17 -4.99 8.24 5.17
CA ABA B 17 -5.38 7.82 3.79
C ABA B 17 -4.31 8.24 2.78
O ABA B 17 -3.77 9.33 2.85
CB ABA B 17 -6.70 8.55 3.50
CG ABA B 17 -7.82 7.53 3.37
H ABA B 17 -4.07 8.52 5.35
HA ABA B 17 -5.53 6.75 3.75
HB3 ABA B 17 -6.92 9.23 4.31
HB2 ABA B 17 -6.61 9.11 2.58
HG1 ABA B 17 -8.23 7.57 2.36
HG3 ABA B 17 -7.44 6.53 3.57
HG2 ABA B 17 -8.61 7.76 4.07
N GLN B 18 -4.00 7.40 1.84
CA GLN B 18 -2.97 7.75 0.82
C GLN B 18 -2.57 6.50 0.02
N THR B 19 -3.52 5.88 -0.64
CA THR B 19 -3.19 4.66 -1.43
C THR B 19 -3.01 5.01 -2.91
N PHE B 20 -2.29 4.20 -3.64
CA PHE B 20 -2.07 4.49 -5.08
C PHE B 20 -2.64 3.35 -5.94
N VAL B 21 -3.93 3.17 -5.90
CA VAL B 21 -4.54 2.07 -6.71
C VAL B 21 -4.96 2.59 -8.08
N TYR B 22 -4.88 1.77 -9.10
CA TYR B 22 -5.27 2.22 -10.46
C TYR B 22 -5.86 1.05 -11.25
N GLY B 23 -5.29 -0.12 -11.11
CA GLY B 23 -5.82 -1.29 -11.85
C GLY B 23 -7.27 -1.57 -11.43
N GLY B 24 -7.51 -2.71 -10.85
CA GLY B 24 -8.90 -3.02 -10.41
C GLY B 24 -8.90 -4.32 -9.59
N CYS B 25 -9.09 -5.44 -10.23
CA CYS B 25 -9.09 -6.74 -9.48
C CYS B 25 -7.83 -6.86 -8.63
N NH2 B 26 -7.92 -7.28 -7.40
HN1 NH2 B 26 -8.80 -7.52 -7.03
HN2 NH2 B 26 -7.11 -7.37 -6.85
C1 C55 C . -7.21 3.08 7.41
C2 C55 C . -8.21 2.12 6.76
C3 C55 C . -8.14 -0.02 5.60
C4 C55 C . -7.31 -0.97 5.07
N1 C55 C . -7.48 0.98 6.13
O2 C55 C . -6.03 2.79 7.49
O3 C55 C . -9.36 -0.10 5.59
CH C55 C . -4.55 -6.43 -0.17
OI C55 C . -4.16 -5.33 -0.52
CI C55 C . -5.56 -6.58 0.96
NJ C55 C . -6.28 -5.28 1.18
CK C55 C . -6.27 -4.73 2.36
OL C55 C . -5.69 -5.25 3.30
CL C55 C . -7.01 -3.41 2.52
OM C55 C . -6.89 -2.96 3.86
NM C55 C . -7.57 -1.72 4.03
HC22 C55 C . -8.79 2.64 6.01
HC21 C55 C . -8.88 1.74 7.52
HC43 C55 C . -6.35 -1.11 5.54
HN1 C55 C . -6.50 0.97 6.10
HI1 C55 C . -6.29 -7.35 0.69
HI2 C55 C . -5.06 -6.87 1.87
HNJ C55 C . -6.74 -4.86 0.44
HL1 C55 C . -6.59 -2.66 1.86
HL2 C55 C . -8.05 -3.54 2.28
CA MPT A 1 -1.27 -16.47 -8.29
C MPT A 1 -1.18 -14.98 -7.96
O MPT A 1 -0.10 -14.43 -7.79
CB MPT A 1 -0.04 -16.91 -9.08
SG MPT A 1 -0.03 -16.09 -10.70
HA1 MPT A 1 -1.31 -17.05 -7.39
HA2 MPT A 1 -2.17 -16.63 -8.89
HB1 MPT A 1 -0.05 -17.97 -9.21
HB2 MPT A 1 0.85 -16.63 -8.53
N LYS A 2 -2.29 -14.31 -7.84
CA LYS A 2 -2.26 -12.85 -7.51
C LYS A 2 -3.06 -12.58 -6.24
N ALA A 3 -2.61 -13.09 -5.12
CA ALA A 3 -3.35 -12.85 -3.84
C ALA A 3 -2.85 -11.56 -3.18
N LYS A 4 -2.61 -10.54 -3.97
CA LYS A 4 -2.12 -9.23 -3.44
C LYS A 4 -1.42 -9.39 -2.09
N ILE A 5 -0.23 -9.94 -2.09
CA ILE A 5 0.49 -10.12 -0.80
C ILE A 5 0.58 -8.78 -0.05
N ILE A 6 -0.32 -8.55 0.87
CA ILE A 6 -0.29 -7.27 1.62
C ILE A 6 0.95 -7.20 2.52
N ARG A 7 1.87 -6.33 2.21
CA ARG A 7 3.09 -6.22 3.05
C ARG A 7 3.30 -4.76 3.49
N TYR A 8 3.31 -4.52 4.78
CA TYR A 8 3.51 -3.13 5.26
C TYR A 8 4.73 -3.06 6.18
N PHE A 9 5.23 -1.89 6.42
CA PHE A 9 6.42 -1.75 7.31
C PHE A 9 6.15 -0.73 8.41
N TYR A 10 7.17 -0.24 9.06
CA TYR A 10 6.95 0.76 10.14
C TYR A 10 7.85 1.98 9.92
N ASN A 11 7.30 3.16 10.10
CA ASN A 11 8.12 4.40 9.90
C ASN A 11 7.71 5.43 10.94
N ALA A 12 8.58 5.74 11.86
CA ALA A 12 8.24 6.74 12.92
C ALA A 12 8.62 8.15 12.48
N LYS A 13 9.30 8.29 11.36
CA LYS A 13 9.68 9.65 10.88
C LYS A 13 8.55 10.63 11.17
N ASP A 14 7.37 10.28 10.74
CA ASP A 14 6.20 11.13 11.02
C ASP A 14 5.09 10.22 11.59
N GLY A 15 5.44 8.99 11.90
CA GLY A 15 4.43 8.04 12.44
C GLY A 15 3.38 7.74 11.38
N LEU A 16 3.70 6.91 10.42
CA LEU A 16 2.69 6.59 9.36
C LEU A 16 2.90 5.18 8.80
N ABA A 17 2.62 4.16 9.58
CA ABA A 17 2.79 2.76 9.08
C ABA A 17 2.34 2.68 7.62
O ABA A 17 1.23 3.01 7.28
CB ABA A 17 1.88 1.91 9.97
CG ABA A 17 2.71 0.82 10.66
H ABA A 17 2.30 4.32 10.49
HA ABA A 17 3.81 2.45 9.19
HB3 ABA A 17 1.41 2.54 10.71
HB2 ABA A 17 1.12 1.45 9.36
HG1 ABA A 17 2.10 -0.04 10.84
HG3 ABA A 17 3.55 0.56 10.03
HG2 ABA A 17 3.09 1.20 11.60
N GLN A 18 3.21 2.26 6.74
CA GLN A 18 2.84 2.19 5.29
C GLN A 18 2.53 0.75 4.88
N THR A 19 1.56 0.58 4.03
CA THR A 19 1.19 -0.79 3.56
C THR A 19 1.31 -0.85 2.03
N PHE A 20 2.44 -1.23 1.52
CA PHE A 20 2.63 -1.28 0.05
C PHE A 20 2.23 -2.66 -0.49
N VAL A 21 1.41 -2.69 -1.51
CA VAL A 21 0.99 -3.99 -2.11
C VAL A 21 1.70 -4.20 -3.45
N TYR A 22 1.77 -5.41 -3.93
CA TYR A 22 2.46 -5.64 -5.24
C TYR A 22 1.87 -6.84 -5.98
N GLY A 23 0.81 -6.64 -6.71
CA GLY A 23 0.20 -7.79 -7.47
C GLY A 23 1.09 -8.09 -8.69
N GLY A 24 0.68 -9.00 -9.52
CA GLY A 24 1.50 -9.33 -10.71
C GLY A 24 1.53 -10.84 -10.91
N CYS A 25 1.77 -11.29 -12.12
CA CYS A 25 1.82 -12.75 -12.39
C CYS A 25 1.82 -13.01 -13.90
N NH2 A 26 2.96 -13.20 -14.50
HN1 NH2 A 26 3.80 -13.19 -14.00
HN2 NH2 A 26 2.99 -13.36 -15.47
CA MPT B 1 -10.21 -5.76 -10.66
C MPT B 1 -9.19 -5.65 -9.52
O MPT B 1 -8.62 -6.64 -9.09
CB MPT B 1 -9.68 -5.04 -11.90
SG MPT B 1 -11.06 -4.61 -12.98
HA1 MPT B 1 -10.36 -6.78 -10.92
HA2 MPT B 1 -11.15 -5.32 -10.34
HB1 MPT B 1 -9.00 -5.69 -12.42
HB2 MPT B 1 -9.17 -4.14 -11.59
N LYS B 2 -8.97 -4.46 -9.01
CA LYS B 2 -7.99 -4.30 -7.89
C LYS B 2 -6.73 -5.14 -8.16
N ALA B 3 -6.24 -5.11 -9.36
CA ALA B 3 -5.01 -5.90 -9.67
C ALA B 3 -3.84 -4.96 -9.94
N ARG B 4 -2.92 -5.38 -10.76
CA ARG B 4 -1.74 -4.51 -11.08
C ARG B 4 -0.93 -4.17 -9.82
N ILE B 5 -0.85 -2.92 -9.43
CA ILE B 5 -0.05 -2.59 -8.21
C ILE B 5 -0.62 -1.36 -7.49
N ILE B 6 -0.90 -1.49 -6.22
CA ILE B 6 -1.46 -0.35 -5.45
C ILE B 6 -0.58 -0.07 -4.21
N ARG B 7 -0.22 1.16 -4.02
CA ARG B 7 0.63 1.52 -2.84
C ARG B 7 -0.24 2.17 -1.76
N TYR B 8 -0.18 1.66 -0.56
CA TYR B 8 -1.00 2.24 0.55
C TYR B 8 -0.10 2.97 1.54
N PHE B 9 -0.52 4.11 2.03
CA PHE B 9 0.33 4.87 2.99
C PHE B 9 -0.55 5.67 3.96
N TYR B 10 -1.41 5.01 4.69
CA TYR B 10 -2.28 5.76 5.65
C TYR B 10 -1.40 6.49 6.68
N ASN B 11 -2.01 7.18 7.61
CA ASN B 11 -1.19 7.89 8.63
C ASN B 11 -2.06 8.33 9.81
N ALA B 12 -3.25 8.80 9.55
CA ALA B 12 -4.14 9.23 10.66
C ALA B 12 -4.74 8.02 11.37
N LYS B 13 -5.09 8.16 12.62
CA LYS B 13 -5.68 7.01 13.37
C LYS B 13 -6.76 6.34 12.51
N ASP B 14 -7.38 7.07 11.64
CA ASP B 14 -8.44 6.47 10.78
C ASP B 14 -7.93 5.16 10.15
N GLY B 15 -6.76 5.19 9.57
CA GLY B 15 -6.21 3.96 8.95
C GLY B 15 -6.27 4.08 7.42
N LYS B 16 -6.27 5.28 6.91
CA LYS B 16 -6.33 5.45 5.43
C LYS B 16 -5.89 6.85 5.03
N ABA B 17 -4.82 6.96 4.27
CA ABA B 17 -4.34 8.30 3.84
C ABA B 17 -3.84 8.23 2.39
O ABA B 17 -4.48 7.64 1.54
CB ABA B 17 -3.20 8.66 4.80
CG ABA B 17 -3.02 10.18 4.81
H ABA B 17 -4.35 6.14 3.99
HA ABA B 17 -5.13 9.01 3.93
HB3 ABA B 17 -3.44 8.31 5.79
HB2 ABA B 17 -2.29 8.20 4.46
HG1 ABA B 17 -3.74 10.62 5.49
HG3 ABA B 17 -2.02 10.43 5.15
HG2 ABA B 17 -3.17 10.58 3.82
N GLN B 18 -2.72 8.83 2.10
CA GLN B 18 -2.19 8.78 0.71
C GLN B 18 -2.34 7.36 0.14
N THR B 19 -3.37 7.12 -0.62
CA THR B 19 -3.57 5.76 -1.20
C THR B 19 -3.52 5.82 -2.72
N PHE B 20 -2.87 4.88 -3.34
CA PHE B 20 -2.78 4.87 -4.83
C PHE B 20 -3.77 3.86 -5.41
N VAL B 21 -3.58 3.44 -6.62
CA VAL B 21 -4.52 2.45 -7.23
C VAL B 21 -3.78 1.17 -7.62
N TYR B 22 -4.50 0.09 -7.80
CA TYR B 22 -3.86 -1.19 -8.19
C TYR B 22 -3.67 -1.21 -9.71
N GLY B 23 -4.73 -1.44 -10.45
CA GLY B 23 -4.60 -1.47 -11.94
C GLY B 23 -5.35 -0.27 -12.53
N GLY B 24 -6.36 -0.53 -13.32
CA GLY B 24 -7.12 0.60 -13.94
C GLY B 24 -8.03 0.04 -15.05
N CYS B 25 -8.58 -1.13 -14.85
CA CYS B 25 -9.46 -1.71 -15.90
C CYS B 25 -10.63 -0.79 -16.18
N NH2 B 26 -10.90 -0.44 -17.41
HN1 NH2 B 26 -10.35 -0.78 -18.14
HN2 NH2 B 26 -11.66 0.16 -17.60
C1 C55 C . -10.10 1.38 1.84
C2 C55 C . -9.83 1.06 0.37
C3 C55 C . -8.83 -1.14 0.49
C4 C55 C . -9.04 -2.48 0.21
N1 C55 C . -9.87 -0.42 0.16
O2 C55 C . -10.60 0.55 2.58
O3 C55 C . -7.80 -0.71 0.95
CH C55 C . -8.35 -9.24 -1.58
OI C55 C . -7.80 -8.93 -0.53
CI C55 C . -9.75 -8.75 -1.90
NJ C55 C . -9.79 -7.27 -1.90
CK C55 C . -9.94 -6.62 -0.78
OL C55 C . -10.06 -7.20 0.28
CL C55 C . -9.95 -5.09 -0.84
OM C55 C . -10.12 -4.56 0.47
NM C55 C . -10.14 -3.14 0.43
HC22 C55 C . -8.86 1.44 0.09
HC21 C55 C . -10.59 1.53 -0.23
HC43 C55 C . -8.21 -3.03 -0.21
HN1 C55 C . -10.67 -0.84 -0.21
HI1 C55 C . -10.04 -9.12 -2.87
HI2 C55 C . -10.45 -9.12 -1.16
HNJ C55 C . -9.69 -6.77 -2.74
HL1 C55 C . -9.02 -4.72 -1.25
HL2 C55 C . -10.77 -4.77 -1.47
CA MPT A 1 -2.38 -17.84 -1.77
C MPT A 1 -3.61 -17.42 -0.95
O MPT A 1 -4.51 -18.21 -0.73
CB MPT A 1 -1.78 -16.63 -2.46
SG MPT A 1 -1.01 -17.15 -4.02
HA1 MPT A 1 -1.64 -18.26 -1.12
HA2 MPT A 1 -2.68 -18.60 -2.50
HB1 MPT A 1 -1.03 -16.19 -1.82
HB2 MPT A 1 -2.55 -15.90 -2.66
N LYS A 2 -3.65 -16.20 -0.51
CA LYS A 2 -4.81 -15.73 0.29
C LYS A 2 -5.43 -14.51 -0.39
N ALA A 3 -5.47 -13.43 0.30
CA ALA A 3 -6.06 -12.18 -0.27
C ALA A 3 -4.95 -11.23 -0.71
N LYS A 4 -4.09 -11.67 -1.60
CA LYS A 4 -2.97 -10.79 -2.06
C LYS A 4 -1.97 -10.56 -0.92
N ILE A 5 -0.70 -10.56 -1.24
CA ILE A 5 0.33 -10.35 -0.18
C ILE A 5 0.25 -8.91 0.34
N ILE A 6 1.01 -8.60 1.35
CA ILE A 6 0.98 -7.20 1.90
C ILE A 6 2.35 -6.80 2.42
N ARG A 7 3.12 -6.10 1.62
CA ARG A 7 4.47 -5.67 2.07
C ARG A 7 4.40 -4.26 2.65
N TYR A 8 4.76 -4.10 3.90
CA TYR A 8 4.70 -2.74 4.51
C TYR A 8 5.67 -2.65 5.70
N PHE A 9 5.77 -1.50 6.30
CA PHE A 9 6.69 -1.33 7.46
C PHE A 9 5.98 -0.56 8.58
N TYR A 10 6.61 -0.40 9.70
CA TYR A 10 5.97 0.35 10.82
C TYR A 10 6.88 1.47 11.32
N ASN A 11 6.32 2.61 11.60
CA ASN A 11 7.16 3.74 12.10
C ASN A 11 6.38 4.55 13.15
N ALA A 12 6.04 3.92 14.25
CA ALA A 12 5.29 4.65 15.31
C ALA A 12 5.98 5.97 15.66
N LYS A 13 7.26 6.05 15.44
CA LYS A 13 7.99 7.32 15.74
C LYS A 13 7.30 8.49 15.04
N ASP A 14 7.47 8.59 13.76
CA ASP A 14 6.81 9.69 13.01
C ASP A 14 5.30 9.42 12.94
N GLY A 15 4.87 8.28 13.41
CA GLY A 15 3.42 7.96 13.36
C GLY A 15 3.02 7.61 11.92
N LEU A 16 3.79 6.78 11.26
CA LEU A 16 3.46 6.42 9.86
C LEU A 16 3.57 4.90 9.67
N ABA A 17 3.03 4.38 8.59
CA ABA A 17 3.11 2.92 8.36
C ABA A 17 3.01 2.63 6.85
O ABA A 17 2.11 1.96 6.40
CB ABA A 17 1.92 2.33 9.09
CG ABA A 17 1.81 0.83 8.79
H ABA A 17 2.58 4.96 7.95
HA ABA A 17 4.03 2.52 8.76
HB3 ABA A 17 2.03 2.48 10.16
HB2 ABA A 17 1.01 2.82 8.75
HG1 ABA A 17 1.31 0.33 9.61
HG3 ABA A 17 1.26 0.68 7.88
HG2 ABA A 17 2.80 0.42 8.68
N GLN A 18 3.94 3.12 6.08
CA GLN A 18 3.90 2.89 4.60
C GLN A 18 3.53 1.43 4.32
N THR A 19 2.53 1.21 3.50
CA THR A 19 2.13 -0.18 3.17
C THR A 19 1.84 -0.31 1.67
N PHE A 20 2.79 -0.74 0.91
CA PHE A 20 2.57 -0.88 -0.56
C PHE A 20 2.37 -2.35 -0.93
N VAL A 21 1.16 -2.74 -1.24
CA VAL A 21 0.90 -4.16 -1.59
C VAL A 21 0.32 -4.27 -3.00
N TYR A 22 0.56 -5.35 -3.68
CA TYR A 22 0.01 -5.52 -5.06
C TYR A 22 -0.46 -6.95 -5.28
N GLY A 23 -1.69 -7.12 -5.68
CA GLY A 23 -2.22 -8.50 -5.90
C GLY A 23 -1.35 -9.22 -6.93
N GLY A 24 -1.32 -10.52 -6.87
CA GLY A 24 -0.49 -11.30 -7.84
C GLY A 24 -0.79 -12.79 -7.69
N CYS A 25 -2.00 -13.13 -7.36
CA CYS A 25 -2.35 -14.57 -7.20
C CYS A 25 -3.84 -14.79 -7.52
N NH2 A 26 -4.74 -14.12 -6.85
HN1 NH2 A 26 -4.47 -13.48 -6.16
HN2 NH2 A 26 -5.69 -14.25 -7.05
CA MPT B 1 0.21 -9.48 -17.33
C MPT B 1 0.40 -8.84 -15.94
O MPT B 1 1.05 -7.83 -15.80
CB MPT B 1 0.54 -8.46 -18.42
SG MPT B 1 -0.90 -7.39 -18.70
HA1 MPT B 1 0.88 -10.31 -17.45
HA2 MPT B 1 -0.82 -9.82 -17.42
HB1 MPT B 1 0.79 -8.98 -19.33
HB2 MPT B 1 1.38 -7.86 -18.11
N LYS B 2 -0.17 -9.44 -14.93
CA LYS B 2 -0.02 -8.87 -13.56
C LYS B 2 -0.39 -7.38 -13.56
N ALA B 3 -1.64 -7.07 -13.71
CA ALA B 3 -2.06 -5.64 -13.72
C ALA B 3 -2.82 -5.31 -12.43
N ARG B 4 -2.29 -5.70 -11.30
CA ARG B 4 -2.99 -5.39 -10.01
C ARG B 4 -1.98 -4.89 -8.98
N ILE B 5 -1.88 -3.60 -8.83
CA ILE B 5 -0.91 -3.03 -7.83
C ILE B 5 -1.61 -1.99 -6.95
N ILE B 6 -1.40 -2.05 -5.66
CA ILE B 6 -2.04 -1.05 -4.75
C ILE B 6 -1.00 -0.43 -3.83
N ARG B 7 -1.22 0.78 -3.41
CA ARG B 7 -0.23 1.44 -2.50
C ARG B 7 -0.94 1.99 -1.25
N TYR B 8 -0.89 1.26 -0.17
CA TYR B 8 -1.56 1.73 1.08
C TYR B 8 -0.55 2.48 1.96
N PHE B 9 -0.73 3.76 2.12
CA PHE B 9 0.21 4.54 2.98
C PHE B 9 -0.55 5.30 4.08
N TYR B 10 -1.59 4.72 4.59
CA TYR B 10 -2.39 5.40 5.66
C TYR B 10 -1.44 6.04 6.69
N ASN B 11 -1.55 7.33 6.90
CA ASN B 11 -0.66 8.00 7.89
C ASN B 11 -1.50 8.70 8.97
N ALA B 12 -0.87 9.10 10.05
CA ALA B 12 -1.64 9.78 11.13
C ALA B 12 -1.94 11.24 10.73
N LYS B 13 -1.44 12.20 11.48
CA LYS B 13 -1.69 13.62 11.13
C LYS B 13 -3.18 13.86 10.82
N ASP B 14 -4.05 13.43 11.70
CA ASP B 14 -5.50 13.63 11.47
C ASP B 14 -5.85 13.34 10.00
N GLY B 15 -5.60 12.15 9.55
CA GLY B 15 -5.90 11.80 8.13
C GLY B 15 -5.05 10.62 7.71
N LYS B 16 -5.62 9.45 7.62
CA LYS B 16 -4.82 8.26 7.23
C LYS B 16 -5.34 7.65 5.92
N ABA B 17 -5.62 8.48 4.95
CA ABA B 17 -6.12 7.92 3.66
C ABA B 17 -5.07 8.16 2.56
O ABA B 17 -4.40 9.18 2.54
CB ABA B 17 -7.41 8.66 3.35
CG ABA B 17 -8.40 8.45 4.51
H ABA B 17 -5.50 9.44 5.06
HA ABA B 17 -6.30 6.87 3.76
HB3 ABA B 17 -7.21 9.72 3.25
HB2 ABA B 17 -7.85 8.28 2.45
HG1 ABA B 17 -8.52 7.40 4.69
HG3 ABA B 17 -8.02 8.93 5.39
HG2 ABA B 17 -9.36 8.88 4.26
N GLN B 18 -4.92 7.22 1.67
CA GLN B 18 -3.88 7.37 0.59
C GLN B 18 -3.65 6.04 -0.13
N THR B 19 -4.64 5.56 -0.84
CA THR B 19 -4.47 4.27 -1.57
C THR B 19 -4.21 4.54 -3.06
N PHE B 20 -3.12 4.05 -3.58
CA PHE B 20 -2.82 4.28 -5.03
C PHE B 20 -2.86 2.96 -5.79
N VAL B 21 -3.62 2.90 -6.86
CA VAL B 21 -3.71 1.65 -7.65
C VAL B 21 -3.18 1.87 -9.06
N TYR B 22 -2.25 1.05 -9.50
CA TYR B 22 -1.70 1.23 -10.87
C TYR B 22 -1.75 -0.10 -11.63
N GLY B 23 -2.75 -0.28 -12.45
CA GLY B 23 -2.86 -1.55 -13.22
C GLY B 23 -2.34 -1.33 -14.65
N GLY B 24 -1.08 -1.57 -14.88
CA GLY B 24 -0.52 -1.37 -16.25
C GLY B 24 0.43 -2.51 -16.59
N CYS B 25 0.42 -3.56 -15.80
CA CYS B 25 1.32 -4.71 -16.09
C CYS B 25 2.77 -4.23 -16.19
N NH2 B 26 3.09 -3.06 -15.71
HN1 NH2 B 26 2.41 -2.49 -15.30
HN2 NH2 B 26 4.01 -2.74 -15.78
C1 C55 C . -8.48 3.75 8.03
C2 C55 C . -8.72 2.71 6.94
C3 C55 C . -8.72 0.28 6.95
C4 C55 C . -8.09 -0.83 7.48
N1 C55 C . -8.18 1.39 7.40
O2 C55 C . -8.15 3.43 9.15
O3 C55 C . -9.65 0.22 6.18
CH C55 C . -5.46 -5.12 1.09
OI C55 C . -4.44 -4.70 1.60
CI C55 C . -6.83 -4.84 1.71
NJ C55 C . -6.67 -4.54 3.16
CK C55 C . -7.10 -3.40 3.63
OL C55 C . -7.63 -2.58 2.91
CL C55 C . -6.89 -3.15 5.13
OM C55 C . -7.42 -1.87 5.46
NM C55 C . -7.25 -1.60 6.85
HC22 C55 C . -8.22 3.00 6.03
HC21 C55 C . -9.78 2.62 6.76
HC43 C55 C . -8.33 -1.09 8.49
HN1 C55 C . -7.43 1.35 8.02
HI1 C55 C . -7.29 -4.00 1.21
HI2 C55 C . -7.45 -5.72 1.59
HNJ C55 C . -6.24 -5.19 3.75
HL1 C55 C . -7.41 -3.91 5.70
HL2 C55 C . -5.84 -3.17 5.36
#